data_2N97
#
_entry.id   2N97
#
_entity_poly.entity_id   1
_entity_poly.type   'polypeptide(L)'
_entity_poly.pdbx_seq_one_letter_code
;KGDGGLYSSLPPAKREEVEKLLNGSAGDTWRHLAGELGYQPEHIDSFTHEACPVRALLASWATQDSATLDALLAALRRIQ
RADLVESLCSESTATSPV
;
_entity_poly.pdbx_strand_id   A,B
#
# COMPACT_ATOMS: atom_id res chain seq x y z
N GLY A 5 -11.32 13.97 21.08
CA GLY A 5 -12.60 13.67 20.42
C GLY A 5 -12.54 12.44 19.49
N LEU A 6 -13.69 11.99 18.98
CA LEU A 6 -13.77 10.91 17.98
C LEU A 6 -13.24 11.36 16.62
N TYR A 7 -12.44 10.52 15.97
CA TYR A 7 -11.93 10.73 14.60
C TYR A 7 -13.05 10.89 13.56
N SER A 8 -14.16 10.16 13.74
CA SER A 8 -15.39 10.28 12.92
C SER A 8 -16.07 11.66 12.99
N SER A 9 -15.75 12.48 13.99
CA SER A 9 -16.29 13.84 14.17
C SER A 9 -15.50 14.93 13.42
N LEU A 10 -14.28 14.61 12.93
CA LEU A 10 -13.45 15.53 12.14
C LEU A 10 -14.09 15.87 10.77
N PRO A 11 -13.78 17.05 10.19
CA PRO A 11 -14.22 17.42 8.85
C PRO A 11 -13.51 16.58 7.76
N PRO A 12 -14.11 16.42 6.56
CA PRO A 12 -13.53 15.61 5.49
C PRO A 12 -12.16 16.13 5.00
N ALA A 13 -11.94 17.45 5.08
CA ALA A 13 -10.64 18.07 4.76
C ALA A 13 -9.49 17.59 5.67
N LYS A 14 -9.76 17.27 6.94
CA LYS A 14 -8.77 16.65 7.86
C LYS A 14 -8.49 15.19 7.50
N ARG A 15 -9.51 14.43 7.11
CA ARG A 15 -9.34 13.02 6.71
C ARG A 15 -8.56 12.89 5.39
N GLU A 16 -8.78 13.83 4.47
CA GLU A 16 -7.97 14.01 3.26
C GLU A 16 -6.48 14.29 3.57
N GLU A 17 -6.16 15.08 4.61
CA GLU A 17 -4.76 15.31 5.01
C GLU A 17 -4.08 14.05 5.57
N VAL A 18 -4.79 13.23 6.37
CA VAL A 18 -4.25 11.93 6.83
C VAL A 18 -3.96 11.01 5.64
N GLU A 19 -4.86 10.94 4.65
CA GLU A 19 -4.60 10.22 3.40
C GLU A 19 -3.39 10.81 2.64
N LYS A 20 -3.30 12.13 2.46
CA LYS A 20 -2.23 12.78 1.68
C LYS A 20 -0.84 12.55 2.29
N LEU A 21 -0.73 12.55 3.61
CA LEU A 21 0.50 12.21 4.35
C LEU A 21 0.99 10.79 4.03
N LEU A 22 0.11 9.78 4.08
CA LEU A 22 0.48 8.40 3.76
C LEU A 22 0.62 8.14 2.26
N ASN A 23 -0.10 8.87 1.40
CA ASN A 23 0.00 8.81 -0.06
C ASN A 23 1.31 9.43 -0.59
N GLY A 24 1.84 10.47 0.09
CA GLY A 24 2.89 11.34 -0.46
C GLY A 24 4.20 11.42 0.35
N SER A 25 4.18 11.21 1.67
CA SER A 25 5.40 11.23 2.50
C SER A 25 5.91 9.81 2.79
N ALA A 26 5.10 8.98 3.48
CA ALA A 26 5.38 7.56 3.70
C ALA A 26 4.10 6.81 4.16
N GLY A 27 3.74 5.73 3.45
CA GLY A 27 2.51 4.96 3.65
C GLY A 27 2.68 3.66 4.44
N ASP A 28 3.73 3.56 5.27
CA ASP A 28 4.02 2.43 6.16
C ASP A 28 3.28 2.49 7.51
N THR A 29 3.02 3.69 8.02
CA THR A 29 2.70 3.92 9.45
C THR A 29 1.38 3.31 9.92
N TRP A 30 0.41 3.12 9.00
CA TRP A 30 -0.84 2.43 9.30
C TRP A 30 -0.63 0.96 9.71
N ARG A 31 0.44 0.29 9.22
CA ARG A 31 0.78 -1.10 9.61
C ARG A 31 1.24 -1.16 11.06
N HIS A 32 2.12 -0.23 11.44
CA HIS A 32 2.61 -0.07 12.80
C HIS A 32 1.46 0.28 13.76
N LEU A 33 0.56 1.19 13.35
CA LEU A 33 -0.68 1.48 14.07
C LEU A 33 -1.55 0.23 14.25
N ALA A 34 -1.87 -0.50 13.18
CA ALA A 34 -2.68 -1.72 13.26
C ALA A 34 -2.12 -2.77 14.25
N GLY A 35 -0.78 -2.90 14.30
CA GLY A 35 -0.08 -3.74 15.28
C GLY A 35 -0.32 -3.31 16.74
N GLU A 36 -0.13 -2.04 17.07
CA GLU A 36 -0.33 -1.53 18.45
C GLU A 36 -1.83 -1.34 18.83
N LEU A 37 -2.72 -1.17 17.85
CA LEU A 37 -4.18 -1.28 18.01
C LEU A 37 -4.62 -2.73 18.30
N GLY A 38 -3.76 -3.72 18.06
CA GLY A 38 -4.02 -5.15 18.29
C GLY A 38 -4.97 -5.79 17.27
N TYR A 39 -5.07 -5.23 16.05
CA TYR A 39 -5.85 -5.84 14.95
C TYR A 39 -5.33 -7.23 14.57
N GLN A 40 -6.25 -8.13 14.21
CA GLN A 40 -5.93 -9.44 13.64
C GLN A 40 -5.14 -9.30 12.31
N PRO A 41 -4.23 -10.24 11.97
CA PRO A 41 -3.44 -10.17 10.73
C PRO A 41 -4.31 -10.26 9.46
N GLU A 42 -5.46 -10.93 9.52
CA GLU A 42 -6.42 -10.94 8.41
C GLU A 42 -6.98 -9.54 8.07
N HIS A 43 -7.15 -8.65 9.05
CA HIS A 43 -7.55 -7.27 8.78
C HIS A 43 -6.46 -6.48 8.04
N ILE A 44 -5.18 -6.70 8.38
CA ILE A 44 -4.03 -6.08 7.69
C ILE A 44 -4.05 -6.46 6.20
N ASP A 45 -4.22 -7.75 5.87
CA ASP A 45 -4.36 -8.21 4.49
C ASP A 45 -5.65 -7.71 3.79
N SER A 46 -6.77 -7.63 4.50
CA SER A 46 -8.01 -7.06 3.96
C SER A 46 -7.88 -5.57 3.62
N PHE A 47 -7.14 -4.78 4.42
CA PHE A 47 -6.86 -3.38 4.11
C PHE A 47 -5.96 -3.22 2.87
N THR A 48 -4.89 -4.02 2.74
CA THR A 48 -4.00 -4.00 1.56
C THR A 48 -4.62 -4.56 0.27
N HIS A 49 -5.87 -5.06 0.27
CA HIS A 49 -6.59 -5.31 -0.99
C HIS A 49 -6.67 -4.07 -1.91
N GLU A 50 -6.63 -2.86 -1.35
CA GLU A 50 -6.65 -1.58 -2.07
C GLU A 50 -5.27 -0.87 -2.03
N ALA A 51 -4.99 0.01 -2.99
CA ALA A 51 -3.77 0.84 -3.02
C ALA A 51 -3.65 1.80 -1.84
N CYS A 52 -4.77 2.27 -1.27
CA CYS A 52 -4.79 3.20 -0.14
C CYS A 52 -5.37 2.50 1.10
N PRO A 53 -4.65 1.55 1.74
CA PRO A 53 -5.16 0.77 2.88
C PRO A 53 -5.63 1.65 4.05
N VAL A 54 -5.02 2.84 4.20
CA VAL A 54 -5.45 3.89 5.13
C VAL A 54 -6.93 4.29 4.96
N ARG A 55 -7.48 4.39 3.75
CA ARG A 55 -8.91 4.76 3.54
C ARG A 55 -9.85 3.70 4.11
N ALA A 56 -9.51 2.42 3.94
CA ALA A 56 -10.27 1.29 4.46
C ALA A 56 -10.11 1.14 5.98
N LEU A 57 -8.90 1.33 6.50
CA LEU A 57 -8.63 1.34 7.96
C LEU A 57 -9.44 2.43 8.65
N LEU A 58 -9.32 3.68 8.20
CA LEU A 58 -10.02 4.83 8.80
C LEU A 58 -11.55 4.66 8.75
N ALA A 59 -12.11 4.07 7.68
CA ALA A 59 -13.53 3.72 7.60
C ALA A 59 -13.93 2.65 8.63
N SER A 60 -13.20 1.53 8.71
CA SER A 60 -13.47 0.44 9.66
C SER A 60 -13.12 0.77 11.12
N TRP A 61 -12.36 1.84 11.37
CA TRP A 61 -12.09 2.38 12.70
C TRP A 61 -13.19 3.37 13.12
N ALA A 62 -13.63 4.27 12.23
CA ALA A 62 -14.70 5.25 12.48
C ALA A 62 -16.05 4.64 12.90
N THR A 63 -16.31 3.36 12.57
CA THR A 63 -17.53 2.62 12.96
C THR A 63 -17.52 2.10 14.41
N GLN A 64 -16.48 2.37 15.22
CA GLN A 64 -16.40 1.96 16.63
C GLN A 64 -15.93 3.11 17.55
N ASP A 65 -16.40 3.10 18.80
CA ASP A 65 -16.13 4.12 19.83
C ASP A 65 -14.65 4.20 20.26
N SER A 66 -13.85 3.18 19.95
CA SER A 66 -12.39 3.15 20.14
C SER A 66 -11.63 4.23 19.34
N ALA A 67 -12.28 4.82 18.33
CA ALA A 67 -11.71 5.81 17.40
C ALA A 67 -11.38 7.20 17.99
N THR A 68 -11.15 7.34 19.29
CA THR A 68 -10.76 8.62 19.90
C THR A 68 -9.35 9.02 19.50
N LEU A 69 -9.11 10.34 19.36
CA LEU A 69 -7.78 10.91 19.18
C LEU A 69 -6.84 10.52 20.34
N ASP A 70 -7.35 10.41 21.57
CA ASP A 70 -6.58 9.94 22.74
C ASP A 70 -5.96 8.55 22.51
N ALA A 71 -6.72 7.61 21.94
CA ALA A 71 -6.22 6.28 21.55
C ALA A 71 -5.26 6.33 20.35
N LEU A 72 -5.56 7.18 19.34
CA LEU A 72 -4.72 7.39 18.15
C LEU A 72 -3.32 7.90 18.54
N LEU A 73 -3.26 8.90 19.42
CA LEU A 73 -2.05 9.51 19.96
C LEU A 73 -1.22 8.50 20.78
N ALA A 74 -1.85 7.70 21.63
CA ALA A 74 -1.17 6.64 22.39
C ALA A 74 -0.50 5.61 21.47
N ALA A 75 -1.18 5.17 20.40
CA ALA A 75 -0.59 4.28 19.41
C ALA A 75 0.57 4.94 18.65
N LEU A 76 0.41 6.18 18.16
CA LEU A 76 1.46 6.99 17.52
C LEU A 76 2.73 7.13 18.38
N ARG A 77 2.58 7.29 19.71
CA ARG A 77 3.68 7.33 20.68
C ARG A 77 4.41 5.99 20.79
N ARG A 78 3.69 4.86 20.94
CA ARG A 78 4.27 3.51 21.02
C ARG A 78 5.09 3.12 19.78
N ILE A 79 4.69 3.58 18.59
CA ILE A 79 5.39 3.30 17.32
C ILE A 79 6.49 4.32 16.98
N GLN A 80 6.83 5.23 17.90
CA GLN A 80 7.84 6.29 17.71
C GLN A 80 7.61 7.14 16.44
N ARG A 81 6.36 7.59 16.25
CA ARG A 81 5.92 8.49 15.16
C ARG A 81 5.30 9.79 15.71
N ALA A 82 5.84 10.31 16.82
CA ALA A 82 5.47 11.63 17.36
C ALA A 82 5.70 12.80 16.36
N ASP A 83 6.55 12.61 15.35
CA ASP A 83 6.65 13.51 14.19
C ASP A 83 5.32 13.67 13.43
N LEU A 84 4.57 12.57 13.25
CA LEU A 84 3.22 12.59 12.66
C LEU A 84 2.19 13.26 13.57
N VAL A 85 2.30 13.08 14.89
CA VAL A 85 1.45 13.79 15.88
C VAL A 85 1.55 15.30 15.68
N GLU A 86 2.78 15.83 15.63
CA GLU A 86 3.01 17.27 15.39
C GLU A 86 2.41 17.71 14.05
N SER A 87 2.70 17.01 12.94
CA SER A 87 2.16 17.33 11.61
C SER A 87 0.63 17.38 11.57
N LEU A 88 -0.06 16.40 12.18
CA LEU A 88 -1.52 16.35 12.19
C LEU A 88 -2.17 17.44 13.07
N CYS A 89 -1.58 17.75 14.23
CA CYS A 89 -2.03 18.86 15.07
C CYS A 89 -1.81 20.24 14.39
N SER A 90 -0.66 20.43 13.74
CA SER A 90 -0.32 21.64 12.98
C SER A 90 -1.22 21.90 11.76
N GLU A 91 -1.91 20.89 11.25
CA GLU A 91 -2.93 21.02 10.18
C GLU A 91 -4.38 21.14 10.73
N SER A 92 -4.60 20.95 12.04
CA SER A 92 -5.93 21.02 12.67
C SER A 92 -6.58 22.41 12.64
N THR A 93 -5.78 23.47 12.49
CA THR A 93 -6.21 24.88 12.43
C THR A 93 -6.81 25.31 11.07
N ALA A 94 -7.25 24.35 10.24
CA ALA A 94 -7.99 24.58 9.00
C ALA A 94 -9.35 25.29 9.20
N THR A 95 -9.89 25.87 8.12
CA THR A 95 -11.15 26.65 8.09
C THR A 95 -11.96 26.38 6.81
N SER A 96 -11.88 25.14 6.28
CA SER A 96 -12.36 24.78 4.94
C SER A 96 -13.17 23.46 4.93
N PRO A 97 -14.36 23.41 5.57
CA PRO A 97 -15.28 22.28 5.46
C PRO A 97 -15.85 22.15 4.03
N VAL A 98 -16.40 20.97 3.71
CA VAL A 98 -16.88 20.58 2.37
C VAL A 98 -18.21 19.81 2.46
N GLY B 5 12.99 -13.57 -21.17
CA GLY B 5 12.08 -12.44 -21.39
C GLY B 5 12.10 -11.48 -20.19
N LEU B 6 13.01 -10.50 -20.19
CA LEU B 6 13.07 -9.44 -19.17
C LEU B 6 11.74 -8.65 -19.08
N TYR B 7 11.28 -8.40 -17.86
CA TYR B 7 10.09 -7.58 -17.58
C TYR B 7 10.22 -6.16 -18.17
N SER B 8 11.41 -5.57 -18.12
CA SER B 8 11.73 -4.26 -18.73
C SER B 8 11.60 -4.22 -20.27
N SER B 9 11.54 -5.37 -20.94
CA SER B 9 11.33 -5.49 -22.39
C SER B 9 9.85 -5.35 -22.80
N LEU B 10 8.90 -5.52 -21.87
CA LEU B 10 7.47 -5.37 -22.12
C LEU B 10 7.06 -3.91 -22.47
N PRO B 11 6.01 -3.70 -23.29
CA PRO B 11 5.49 -2.37 -23.58
C PRO B 11 4.81 -1.74 -22.35
N PRO B 12 4.65 -0.39 -22.30
CA PRO B 12 4.05 0.30 -21.16
C PRO B 12 2.60 -0.14 -20.88
N ALA B 13 1.83 -0.48 -21.92
CA ALA B 13 0.47 -0.99 -21.80
C ALA B 13 0.38 -2.30 -20.97
N LYS B 14 1.39 -3.18 -21.06
CA LYS B 14 1.49 -4.39 -20.22
C LYS B 14 1.80 -4.04 -18.76
N ARG B 15 2.69 -3.07 -18.51
CA ARG B 15 3.04 -2.64 -17.14
C ARG B 15 1.87 -1.98 -16.42
N GLU B 16 1.06 -1.20 -17.16
CA GLU B 16 -0.18 -0.60 -16.65
C GLU B 16 -1.20 -1.66 -16.18
N GLU B 17 -1.31 -2.83 -16.84
CA GLU B 17 -2.18 -3.92 -16.38
C GLU B 17 -1.70 -4.60 -15.09
N VAL B 18 -0.38 -4.70 -14.85
CA VAL B 18 0.14 -5.18 -13.54
C VAL B 18 -0.25 -4.22 -12.42
N GLU B 19 -0.14 -2.91 -12.65
CA GLU B 19 -0.66 -1.90 -11.72
C GLU B 19 -2.18 -2.01 -11.53
N LYS B 20 -2.97 -2.15 -12.60
CA LYS B 20 -4.44 -2.25 -12.53
C LYS B 20 -4.90 -3.46 -11.71
N LEU B 21 -4.25 -4.62 -11.88
CA LEU B 21 -4.55 -5.84 -11.12
C LEU B 21 -4.36 -5.66 -9.61
N LEU B 22 -3.25 -5.07 -9.16
CA LEU B 22 -3.03 -4.81 -7.74
C LEU B 22 -3.83 -3.59 -7.23
N ASN B 23 -4.15 -2.62 -8.07
CA ASN B 23 -5.04 -1.51 -7.71
C ASN B 23 -6.51 -1.94 -7.52
N GLY B 24 -6.98 -2.94 -8.27
CA GLY B 24 -8.41 -3.27 -8.40
C GLY B 24 -8.83 -4.62 -7.79
N SER B 25 -7.95 -5.63 -7.74
CA SER B 25 -8.30 -6.97 -7.24
C SER B 25 -7.70 -7.27 -5.86
N ALA B 26 -6.37 -7.12 -5.69
CA ALA B 26 -5.66 -7.46 -4.45
C ALA B 26 -4.26 -6.82 -4.38
N GLY B 27 -4.15 -5.63 -3.79
CA GLY B 27 -2.90 -4.85 -3.65
C GLY B 27 -1.89 -5.37 -2.61
N ASP B 28 -1.93 -6.67 -2.28
CA ASP B 28 -1.22 -7.29 -1.16
C ASP B 28 -0.26 -8.42 -1.55
N THR B 29 -0.35 -8.93 -2.77
CA THR B 29 0.50 -10.04 -3.26
C THR B 29 1.98 -9.66 -3.41
N TRP B 30 2.28 -8.38 -3.60
CA TRP B 30 3.65 -7.86 -3.71
C TRP B 30 4.49 -8.10 -2.44
N ARG B 31 3.87 -8.09 -1.25
CA ARG B 31 4.53 -8.42 0.03
C ARG B 31 5.05 -9.86 0.05
N HIS B 32 4.21 -10.79 -0.40
CA HIS B 32 4.55 -12.20 -0.52
C HIS B 32 5.65 -12.41 -1.59
N LEU B 33 5.55 -11.73 -2.75
CA LEU B 33 6.59 -11.73 -3.77
C LEU B 33 7.94 -11.26 -3.22
N ALA B 34 8.00 -10.11 -2.55
CA ALA B 34 9.23 -9.60 -1.94
C ALA B 34 9.87 -10.60 -0.95
N GLY B 35 9.05 -11.33 -0.19
CA GLY B 35 9.48 -12.41 0.70
C GLY B 35 10.18 -13.56 -0.03
N GLU B 36 9.57 -14.12 -1.09
CA GLU B 36 10.16 -15.23 -1.86
C GLU B 36 11.27 -14.80 -2.83
N LEU B 37 11.31 -13.53 -3.26
CA LEU B 37 12.46 -12.89 -3.91
C LEU B 37 13.65 -12.71 -2.94
N GLY B 38 13.44 -12.80 -1.63
CA GLY B 38 14.46 -12.61 -0.61
C GLY B 38 14.89 -11.15 -0.40
N TYR B 39 14.04 -10.17 -0.76
CA TYR B 39 14.29 -8.75 -0.45
C TYR B 39 14.36 -8.53 1.06
N GLN B 40 15.34 -7.73 1.51
CA GLN B 40 15.47 -7.32 2.91
C GLN B 40 14.28 -6.45 3.36
N PRO B 41 13.88 -6.48 4.64
CA PRO B 41 12.68 -5.76 5.13
C PRO B 41 12.78 -4.24 4.97
N GLU B 42 13.99 -3.67 4.96
CA GLU B 42 14.20 -2.24 4.65
C GLU B 42 13.73 -1.85 3.24
N HIS B 43 13.81 -2.75 2.25
CA HIS B 43 13.25 -2.50 0.91
C HIS B 43 11.72 -2.57 0.91
N ILE B 44 11.11 -3.49 1.69
CA ILE B 44 9.66 -3.55 1.87
C ILE B 44 9.13 -2.22 2.46
N ASP B 45 9.82 -1.68 3.46
CA ASP B 45 9.56 -0.35 4.02
C ASP B 45 9.75 0.79 2.99
N SER B 46 10.80 0.73 2.16
CA SER B 46 11.00 1.70 1.06
C SER B 46 9.90 1.63 -0.01
N PHE B 47 9.31 0.45 -0.26
CA PHE B 47 8.18 0.31 -1.20
C PHE B 47 6.87 0.83 -0.62
N THR B 48 6.54 0.58 0.66
CA THR B 48 5.35 1.18 1.32
C THR B 48 5.39 2.71 1.48
N HIS B 49 6.49 3.40 1.14
CA HIS B 49 6.50 4.87 1.10
C HIS B 49 5.45 5.46 0.12
N GLU B 50 5.01 4.71 -0.89
CA GLU B 50 3.99 5.13 -1.86
C GLU B 50 2.71 4.28 -1.73
N ALA B 51 1.55 4.83 -2.12
CA ALA B 51 0.29 4.09 -2.19
C ALA B 51 0.29 2.97 -3.27
N CYS B 52 1.21 3.02 -4.23
CA CYS B 52 1.36 2.01 -5.27
C CYS B 52 2.72 1.31 -5.13
N PRO B 53 2.97 0.53 -4.06
CA PRO B 53 4.28 -0.07 -3.79
C PRO B 53 4.76 -0.96 -4.94
N VAL B 54 3.82 -1.56 -5.68
CA VAL B 54 4.06 -2.29 -6.94
C VAL B 54 4.84 -1.49 -7.99
N ARG B 55 4.58 -0.20 -8.19
CA ARG B 55 5.30 0.62 -9.19
C ARG B 55 6.78 0.80 -8.81
N ALA B 56 7.04 1.03 -7.53
CA ALA B 56 8.38 1.16 -6.98
C ALA B 56 9.14 -0.18 -6.98
N LEU B 57 8.46 -1.29 -6.62
CA LEU B 57 9.02 -2.64 -6.66
C LEU B 57 9.43 -3.02 -8.08
N LEU B 58 8.52 -2.91 -9.06
CA LEU B 58 8.78 -3.25 -10.46
C LEU B 58 9.93 -2.42 -11.05
N ALA B 59 9.95 -1.10 -10.82
CA ALA B 59 11.03 -0.23 -11.27
C ALA B 59 12.38 -0.54 -10.60
N SER B 60 12.39 -0.85 -9.30
CA SER B 60 13.59 -1.22 -8.55
C SER B 60 14.13 -2.62 -8.91
N TRP B 61 13.23 -3.57 -9.19
CA TRP B 61 13.60 -4.92 -9.63
C TRP B 61 14.16 -4.93 -11.06
N ALA B 62 13.64 -4.07 -11.95
CA ALA B 62 14.10 -3.91 -13.34
C ALA B 62 15.56 -3.40 -13.49
N THR B 63 16.24 -2.96 -12.42
CA THR B 63 17.65 -2.52 -12.46
C THR B 63 18.65 -3.68 -12.63
N GLN B 64 18.20 -4.94 -12.52
CA GLN B 64 19.03 -6.14 -12.54
C GLN B 64 18.49 -7.21 -13.50
N ASP B 65 19.40 -8.04 -14.04
CA ASP B 65 19.09 -9.10 -15.02
C ASP B 65 18.19 -10.23 -14.47
N SER B 66 18.07 -10.32 -13.14
CA SER B 66 17.15 -11.24 -12.44
C SER B 66 15.66 -10.97 -12.74
N ALA B 67 15.32 -9.81 -13.31
CA ALA B 67 13.96 -9.37 -13.64
C ALA B 67 13.25 -10.14 -14.78
N THR B 68 13.59 -11.40 -15.04
CA THR B 68 12.96 -12.22 -16.08
C THR B 68 11.52 -12.59 -15.70
N LEU B 69 10.63 -12.71 -16.69
CA LEU B 69 9.28 -13.24 -16.47
C LEU B 69 9.31 -14.66 -15.89
N ASP B 70 10.27 -15.50 -16.33
CA ASP B 70 10.46 -16.86 -15.81
C ASP B 70 10.67 -16.88 -14.28
N ALA B 71 11.49 -15.96 -13.75
CA ALA B 71 11.69 -15.78 -12.31
C ALA B 71 10.45 -15.22 -11.60
N LEU B 72 9.76 -14.25 -12.21
CA LEU B 72 8.51 -13.66 -11.69
C LEU B 72 7.41 -14.73 -11.52
N LEU B 73 7.23 -15.57 -12.54
CA LEU B 73 6.29 -16.69 -12.57
C LEU B 73 6.62 -17.75 -11.52
N ALA B 74 7.90 -18.11 -11.34
CA ALA B 74 8.34 -19.05 -10.30
C ALA B 74 8.04 -18.52 -8.89
N ALA B 75 8.32 -17.24 -8.62
CA ALA B 75 8.00 -16.61 -7.34
C ALA B 75 6.48 -16.53 -7.10
N LEU B 76 5.68 -16.16 -8.11
CA LEU B 76 4.21 -16.21 -8.08
C LEU B 76 3.67 -17.61 -7.74
N ARG B 77 4.30 -18.68 -8.27
CA ARG B 77 3.98 -20.07 -7.95
C ARG B 77 4.25 -20.40 -6.48
N ARG B 78 5.44 -20.04 -5.97
CA ARG B 78 5.86 -20.30 -4.57
C ARG B 78 4.95 -19.64 -3.52
N ILE B 79 4.29 -18.52 -3.85
CA ILE B 79 3.33 -17.84 -2.96
C ILE B 79 1.87 -18.26 -3.20
N GLN B 80 1.61 -19.30 -4.00
CA GLN B 80 0.28 -19.79 -4.38
C GLN B 80 -0.62 -18.69 -5.00
N ARG B 81 -0.05 -17.87 -5.90
CA ARG B 81 -0.75 -16.82 -6.68
C ARG B 81 -0.75 -17.12 -8.19
N ALA B 82 -0.91 -18.40 -8.55
CA ALA B 82 -1.18 -18.83 -9.92
C ALA B 82 -2.44 -18.19 -10.55
N ASP B 83 -3.39 -17.70 -9.74
CA ASP B 83 -4.49 -16.84 -10.21
C ASP B 83 -3.98 -15.55 -10.88
N LEU B 84 -2.95 -14.91 -10.33
CA LEU B 84 -2.33 -13.71 -10.91
C LEU B 84 -1.58 -14.05 -12.20
N VAL B 85 -0.91 -15.20 -12.26
CA VAL B 85 -0.31 -15.75 -13.49
C VAL B 85 -1.36 -15.90 -14.59
N GLU B 86 -2.50 -16.54 -14.27
CA GLU B 86 -3.59 -16.76 -15.22
C GLU B 86 -4.16 -15.44 -15.76
N SER B 87 -4.42 -14.47 -14.86
CA SER B 87 -4.88 -13.13 -15.24
C SER B 87 -3.88 -12.38 -16.12
N LEU B 88 -2.59 -12.35 -15.77
CA LEU B 88 -1.56 -11.65 -16.55
C LEU B 88 -1.34 -12.22 -17.96
N CYS B 89 -1.56 -13.53 -18.15
CA CYS B 89 -1.60 -14.15 -19.47
C CYS B 89 -2.85 -13.73 -20.28
N SER B 90 -4.04 -13.77 -19.67
CA SER B 90 -5.30 -13.38 -20.34
C SER B 90 -5.36 -11.88 -20.69
N GLU B 91 -4.87 -11.01 -19.81
CA GLU B 91 -4.79 -9.55 -20.01
C GLU B 91 -3.61 -9.12 -20.90
N SER B 92 -2.80 -10.07 -21.40
CA SER B 92 -1.67 -9.78 -22.30
C SER B 92 -2.08 -9.21 -23.68
N THR B 93 -3.33 -9.46 -24.11
CA THR B 93 -3.91 -8.88 -25.34
C THR B 93 -3.89 -7.34 -25.28
N ALA B 94 -3.35 -6.71 -26.33
CA ALA B 94 -3.16 -5.26 -26.45
C ALA B 94 -3.46 -4.75 -27.87
N THR B 95 -3.34 -3.44 -28.09
CA THR B 95 -3.80 -2.76 -29.34
C THR B 95 -2.75 -1.86 -30.01
N SER B 96 -1.79 -1.32 -29.24
CA SER B 96 -0.71 -0.44 -29.71
C SER B 96 0.48 -0.41 -28.73
N PRO B 97 1.71 -0.06 -29.19
CA PRO B 97 2.92 -0.10 -28.36
C PRO B 97 3.10 1.12 -27.41
N VAL B 98 2.20 2.12 -27.47
CA VAL B 98 2.32 3.44 -26.80
C VAL B 98 1.01 3.94 -26.20
N GLY A 5 13.04 -12.96 -22.22
CA GLY A 5 11.91 -13.02 -21.29
C GLY A 5 12.01 -12.06 -20.10
N LEU A 6 12.80 -10.97 -20.21
CA LEU A 6 12.86 -9.91 -19.20
C LEU A 6 11.52 -9.16 -19.11
N TYR A 7 11.02 -8.99 -17.88
CA TYR A 7 9.86 -8.14 -17.58
C TYR A 7 10.06 -6.68 -18.05
N SER A 8 11.30 -6.16 -17.94
CA SER A 8 11.70 -4.85 -18.45
C SER A 8 11.48 -4.66 -19.96
N SER A 9 11.49 -5.76 -20.73
CA SER A 9 11.26 -5.74 -22.20
C SER A 9 9.79 -5.54 -22.59
N LEU A 10 8.83 -5.80 -21.68
CA LEU A 10 7.38 -5.67 -21.96
C LEU A 10 6.97 -4.23 -22.32
N PRO A 11 5.90 -4.05 -23.12
CA PRO A 11 5.38 -2.73 -23.47
C PRO A 11 4.76 -2.01 -22.25
N PRO A 12 4.64 -0.67 -22.27
CA PRO A 12 4.12 0.10 -21.13
C PRO A 12 2.66 -0.25 -20.78
N ALA A 13 1.83 -0.60 -21.76
CA ALA A 13 0.45 -1.04 -21.54
C ALA A 13 0.35 -2.31 -20.66
N LYS A 14 1.25 -3.29 -20.86
CA LYS A 14 1.35 -4.48 -19.98
C LYS A 14 1.69 -4.10 -18.54
N ARG A 15 2.62 -3.16 -18.35
CA ARG A 15 3.04 -2.68 -17.01
C ARG A 15 1.92 -1.94 -16.28
N GLU A 16 1.17 -1.09 -17.00
CA GLU A 16 -0.03 -0.42 -16.50
C GLU A 16 -1.12 -1.41 -16.04
N GLU A 17 -1.30 -2.53 -16.74
CA GLU A 17 -2.23 -3.59 -16.31
C GLU A 17 -1.81 -4.29 -15.00
N VAL A 18 -0.50 -4.48 -14.74
CA VAL A 18 -0.02 -5.01 -13.44
C VAL A 18 -0.34 -4.04 -12.30
N GLU A 19 -0.15 -2.73 -12.51
CA GLU A 19 -0.62 -1.71 -11.56
C GLU A 19 -2.14 -1.78 -11.35
N LYS A 20 -2.94 -1.84 -12.41
CA LYS A 20 -4.41 -1.91 -12.31
C LYS A 20 -4.88 -3.13 -11.53
N LEU A 21 -4.25 -4.29 -11.75
CA LEU A 21 -4.53 -5.53 -11.02
C LEU A 21 -4.31 -5.39 -9.50
N LEU A 22 -3.23 -4.74 -9.05
CA LEU A 22 -2.95 -4.55 -7.61
C LEU A 22 -3.64 -3.29 -7.02
N ASN A 23 -4.13 -2.36 -7.85
CA ASN A 23 -4.92 -1.20 -7.41
C ASN A 23 -6.42 -1.54 -7.26
N GLY A 24 -6.97 -2.41 -8.11
CA GLY A 24 -8.42 -2.71 -8.19
C GLY A 24 -8.81 -4.10 -7.71
N SER A 25 -7.85 -5.02 -7.59
CA SER A 25 -7.97 -6.33 -6.94
C SER A 25 -6.81 -6.52 -5.93
N ALA A 26 -6.80 -7.64 -5.20
CA ALA A 26 -5.95 -7.94 -4.04
C ALA A 26 -4.49 -7.44 -4.13
N GLY A 27 -4.25 -6.24 -3.59
CA GLY A 27 -2.95 -5.53 -3.65
C GLY A 27 -1.86 -6.03 -2.70
N ASP A 28 -2.08 -7.11 -1.93
CA ASP A 28 -1.11 -7.67 -0.99
C ASP A 28 0.04 -8.45 -1.66
N THR A 29 -0.16 -8.92 -2.90
CA THR A 29 0.69 -9.97 -3.53
C THR A 29 2.15 -9.59 -3.70
N TRP A 30 2.46 -8.29 -3.89
CA TRP A 30 3.83 -7.80 -3.98
C TRP A 30 4.65 -8.07 -2.71
N ARG A 31 4.03 -8.07 -1.51
CA ARG A 31 4.70 -8.39 -0.23
C ARG A 31 5.18 -9.84 -0.20
N HIS A 32 4.30 -10.74 -0.63
CA HIS A 32 4.58 -12.18 -0.74
C HIS A 32 5.67 -12.45 -1.79
N LEU A 33 5.61 -11.76 -2.95
CA LEU A 33 6.67 -11.78 -3.96
C LEU A 33 8.01 -11.29 -3.39
N ALA A 34 8.06 -10.13 -2.73
CA ALA A 34 9.29 -9.59 -2.13
C ALA A 34 9.93 -10.57 -1.13
N GLY A 35 9.12 -11.31 -0.35
CA GLY A 35 9.57 -12.37 0.54
C GLY A 35 10.26 -13.53 -0.20
N GLU A 36 9.63 -14.09 -1.24
CA GLU A 36 10.21 -15.20 -2.04
C GLU A 36 11.36 -14.76 -2.96
N LEU A 37 11.39 -13.50 -3.40
CA LEU A 37 12.55 -12.87 -4.07
C LEU A 37 13.74 -12.66 -3.10
N GLY A 38 13.53 -12.79 -1.79
CA GLY A 38 14.58 -12.65 -0.77
C GLY A 38 15.02 -11.21 -0.51
N TYR A 39 14.20 -10.21 -0.82
CA TYR A 39 14.47 -8.80 -0.48
C TYR A 39 14.58 -8.59 1.03
N GLN A 40 15.46 -7.67 1.44
CA GLN A 40 15.57 -7.20 2.83
C GLN A 40 14.26 -6.53 3.29
N PRO A 41 13.90 -6.61 4.58
CA PRO A 41 12.70 -5.96 5.12
C PRO A 41 12.75 -4.43 4.99
N GLU A 42 13.95 -3.84 4.98
CA GLU A 42 14.17 -2.40 4.76
C GLU A 42 13.68 -1.93 3.37
N HIS A 43 13.73 -2.80 2.34
CA HIS A 43 13.17 -2.51 1.02
C HIS A 43 11.64 -2.58 1.01
N ILE A 44 11.03 -3.50 1.77
CA ILE A 44 9.57 -3.56 1.94
C ILE A 44 9.06 -2.22 2.52
N ASP A 45 9.75 -1.68 3.53
CA ASP A 45 9.43 -0.39 4.14
C ASP A 45 9.69 0.84 3.23
N SER A 46 10.61 0.76 2.26
CA SER A 46 10.80 1.84 1.27
C SER A 46 9.80 1.76 0.11
N PHE A 47 9.32 0.57 -0.27
CA PHE A 47 8.24 0.42 -1.24
C PHE A 47 6.89 0.92 -0.69
N THR A 48 6.51 0.59 0.57
CA THR A 48 5.27 1.09 1.20
C THR A 48 5.22 2.60 1.43
N HIS A 49 6.34 3.31 1.28
CA HIS A 49 6.39 4.77 1.41
C HIS A 49 5.44 5.52 0.45
N GLU A 50 5.13 4.92 -0.71
CA GLU A 50 4.13 5.38 -1.68
C GLU A 50 2.84 4.55 -1.60
N ALA A 51 1.68 5.14 -1.95
CA ALA A 51 0.41 4.42 -2.07
C ALA A 51 0.43 3.22 -3.04
N CYS A 52 1.28 3.26 -4.06
CA CYS A 52 1.40 2.22 -5.09
C CYS A 52 2.76 1.51 -4.99
N PRO A 53 3.01 0.69 -3.95
CA PRO A 53 4.31 0.02 -3.74
C PRO A 53 4.73 -0.84 -4.94
N VAL A 54 3.76 -1.41 -5.65
CA VAL A 54 3.96 -2.12 -6.92
C VAL A 54 4.75 -1.31 -7.96
N ARG A 55 4.48 0.00 -8.14
CA ARG A 55 5.20 0.82 -9.14
C ARG A 55 6.68 0.98 -8.79
N ALA A 56 6.97 1.18 -7.51
CA ALA A 56 8.33 1.31 -6.99
C ALA A 56 9.09 -0.03 -7.05
N LEU A 57 8.43 -1.14 -6.72
CA LEU A 57 9.01 -2.49 -6.84
C LEU A 57 9.35 -2.81 -8.29
N LEU A 58 8.40 -2.68 -9.22
CA LEU A 58 8.60 -2.98 -10.63
C LEU A 58 9.70 -2.11 -11.27
N ALA A 59 9.81 -0.84 -10.87
CA ALA A 59 10.91 0.04 -11.28
C ALA A 59 12.28 -0.43 -10.74
N SER A 60 12.39 -0.68 -9.44
CA SER A 60 13.64 -1.12 -8.78
C SER A 60 14.04 -2.58 -9.07
N TRP A 61 13.13 -3.39 -9.60
CA TRP A 61 13.42 -4.75 -10.09
C TRP A 61 13.89 -4.72 -11.55
N ALA A 62 13.26 -3.93 -12.41
CA ALA A 62 13.62 -3.78 -13.83
C ALA A 62 15.06 -3.25 -14.09
N THR A 63 15.67 -2.57 -13.13
CA THR A 63 17.08 -2.11 -13.17
C THR A 63 18.14 -3.23 -13.10
N GLN A 64 17.74 -4.51 -12.94
CA GLN A 64 18.67 -5.65 -12.87
C GLN A 64 18.19 -6.85 -13.70
N ASP A 65 19.15 -7.67 -14.16
CA ASP A 65 18.92 -8.86 -15.01
C ASP A 65 18.11 -9.98 -14.32
N SER A 66 17.94 -9.92 -12.98
CA SER A 66 17.07 -10.80 -12.19
C SER A 66 15.58 -10.70 -12.59
N ALA A 67 15.18 -9.63 -13.28
CA ALA A 67 13.81 -9.31 -13.69
C ALA A 67 13.17 -10.25 -14.75
N THR A 68 13.59 -11.51 -14.88
CA THR A 68 13.00 -12.46 -15.84
C THR A 68 11.57 -12.84 -15.45
N LEU A 69 10.71 -13.06 -16.44
CA LEU A 69 9.41 -13.70 -16.25
C LEU A 69 9.56 -15.10 -15.65
N ASP A 70 10.64 -15.84 -15.94
CA ASP A 70 10.94 -17.12 -15.30
C ASP A 70 11.02 -17.01 -13.77
N ALA A 71 11.71 -15.98 -13.24
CA ALA A 71 11.77 -15.70 -11.81
C ALA A 71 10.43 -15.22 -11.23
N LEU A 72 9.71 -14.32 -11.95
CA LEU A 72 8.39 -13.82 -11.54
C LEU A 72 7.37 -14.96 -11.41
N LEU A 73 7.28 -15.82 -12.43
CA LEU A 73 6.42 -17.01 -12.46
C LEU A 73 6.77 -17.97 -11.33
N ALA A 74 8.05 -18.32 -11.15
CA ALA A 74 8.49 -19.20 -10.07
C ALA A 74 8.10 -18.66 -8.67
N ALA A 75 8.23 -17.36 -8.44
CA ALA A 75 7.79 -16.71 -7.20
C ALA A 75 6.26 -16.74 -7.03
N LEU A 76 5.47 -16.42 -8.06
CA LEU A 76 3.99 -16.51 -8.03
C LEU A 76 3.50 -17.94 -7.71
N ARG A 77 4.17 -18.98 -8.22
CA ARG A 77 3.88 -20.38 -7.88
C ARG A 77 4.08 -20.66 -6.39
N ARG A 78 5.23 -20.27 -5.82
CA ARG A 78 5.57 -20.50 -4.39
C ARG A 78 4.61 -19.83 -3.40
N ILE A 79 4.00 -18.71 -3.79
CA ILE A 79 3.02 -17.97 -2.96
C ILE A 79 1.55 -18.34 -3.25
N GLN A 80 1.31 -19.38 -4.06
CA GLN A 80 -0.02 -19.83 -4.50
C GLN A 80 -0.87 -18.72 -5.16
N ARG A 81 -0.25 -17.92 -6.03
CA ARG A 81 -0.88 -16.85 -6.84
C ARG A 81 -0.79 -17.15 -8.35
N ALA A 82 -0.94 -18.42 -8.72
CA ALA A 82 -1.14 -18.86 -10.11
C ALA A 82 -2.37 -18.22 -10.79
N ASP A 83 -3.33 -17.71 -10.02
CA ASP A 83 -4.43 -16.85 -10.52
C ASP A 83 -3.90 -15.58 -11.21
N LEU A 84 -2.86 -14.93 -10.65
CA LEU A 84 -2.20 -13.79 -11.29
C LEU A 84 -1.42 -14.19 -12.54
N VAL A 85 -0.76 -15.37 -12.55
CA VAL A 85 -0.08 -15.92 -13.73
C VAL A 85 -1.04 -15.99 -14.93
N GLU A 86 -2.24 -16.53 -14.72
CA GLU A 86 -3.27 -16.62 -15.77
C GLU A 86 -3.76 -15.22 -16.20
N SER A 87 -4.12 -14.34 -15.26
CA SER A 87 -4.60 -12.98 -15.57
C SER A 87 -3.58 -12.13 -16.35
N LEU A 88 -2.29 -12.22 -16.03
CA LEU A 88 -1.21 -11.55 -16.75
C LEU A 88 -0.99 -12.14 -18.15
N CYS A 89 -1.05 -13.48 -18.29
CA CYS A 89 -0.96 -14.16 -19.58
C CYS A 89 -2.10 -13.77 -20.54
N SER A 90 -3.34 -13.63 -20.02
CA SER A 90 -4.52 -13.18 -20.79
C SER A 90 -4.40 -11.78 -21.40
N GLU A 91 -3.48 -10.93 -20.92
CA GLU A 91 -3.16 -9.64 -21.55
C GLU A 91 -1.92 -9.73 -22.46
N SER A 92 -1.01 -10.68 -22.20
CA SER A 92 0.17 -10.96 -23.04
C SER A 92 -0.22 -11.52 -24.42
N THR A 93 -1.23 -12.38 -24.50
CA THR A 93 -1.81 -12.88 -25.77
C THR A 93 -2.66 -11.84 -26.49
N ALA A 94 -2.65 -11.89 -27.84
CA ALA A 94 -3.52 -11.06 -28.69
C ALA A 94 -4.90 -11.71 -28.91
N THR A 95 -5.86 -10.93 -29.43
CA THR A 95 -7.27 -11.34 -29.63
C THR A 95 -7.80 -11.08 -31.05
N SER A 96 -7.18 -10.16 -31.80
CA SER A 96 -7.59 -9.73 -33.15
C SER A 96 -6.37 -9.41 -34.03
N PRO A 97 -6.47 -9.52 -35.37
CA PRO A 97 -5.36 -9.23 -36.29
C PRO A 97 -5.03 -7.72 -36.31
N VAL A 98 -3.74 -7.40 -36.21
CA VAL A 98 -3.17 -6.03 -36.18
C VAL A 98 -1.72 -6.01 -36.67
N GLY B 5 -13.57 13.79 21.06
CA GLY B 5 -13.32 14.07 19.63
C GLY B 5 -13.17 12.80 18.79
N LEU B 6 -14.29 12.12 18.51
CA LEU B 6 -14.35 11.00 17.56
C LEU B 6 -13.84 11.40 16.16
N TYR B 7 -12.98 10.58 15.56
CA TYR B 7 -12.48 10.77 14.19
C TYR B 7 -13.62 10.79 13.15
N SER B 8 -14.68 10.00 13.37
CA SER B 8 -15.92 9.98 12.56
C SER B 8 -16.71 11.31 12.60
N SER B 9 -16.44 12.19 13.57
CA SER B 9 -17.09 13.51 13.70
C SER B 9 -16.37 14.62 12.91
N LEU B 10 -15.15 14.38 12.42
CA LEU B 10 -14.39 15.33 11.57
C LEU B 10 -15.06 15.53 10.19
N PRO B 11 -14.86 16.71 9.55
CA PRO B 11 -15.35 16.97 8.20
C PRO B 11 -14.58 16.16 7.14
N PRO B 12 -15.14 15.95 5.92
CA PRO B 12 -14.51 15.14 4.87
C PRO B 12 -13.16 15.71 4.39
N ALA B 13 -13.00 17.04 4.39
CA ALA B 13 -11.75 17.72 4.05
C ALA B 13 -10.59 17.34 5.00
N LYS B 14 -10.85 17.22 6.31
CA LYS B 14 -9.85 16.74 7.29
C LYS B 14 -9.42 15.30 7.01
N ARG B 15 -10.36 14.42 6.60
CA ARG B 15 -10.05 13.02 6.29
C ARG B 15 -9.23 12.88 5.00
N GLU B 16 -9.54 13.68 3.98
CA GLU B 16 -8.73 13.82 2.76
C GLU B 16 -7.28 14.22 3.05
N GLU B 17 -7.03 15.13 4.01
CA GLU B 17 -5.66 15.52 4.39
C GLU B 17 -4.85 14.39 5.05
N VAL B 18 -5.49 13.49 5.80
CA VAL B 18 -4.83 12.27 6.32
C VAL B 18 -4.44 11.33 5.16
N GLU B 19 -5.35 11.11 4.21
CA GLU B 19 -5.02 10.35 3.00
C GLU B 19 -3.90 10.99 2.17
N LYS B 20 -3.83 12.33 2.09
CA LYS B 20 -2.76 13.06 1.37
C LYS B 20 -1.38 12.75 1.96
N LEU B 21 -1.22 12.78 3.29
CA LEU B 21 0.03 12.41 3.97
C LEU B 21 0.46 10.96 3.67
N LEU B 22 -0.49 10.01 3.67
CA LEU B 22 -0.21 8.60 3.39
C LEU B 22 -0.22 8.25 1.89
N ASN B 23 -0.43 9.22 0.98
CA ASN B 23 -0.32 8.99 -0.47
C ASN B 23 1.13 8.81 -0.94
N GLY B 24 2.10 9.38 -0.21
CA GLY B 24 3.51 9.42 -0.62
C GLY B 24 4.50 10.07 0.36
N SER B 25 4.05 10.92 1.29
CA SER B 25 4.93 11.49 2.32
C SER B 25 5.36 10.45 3.37
N ALA B 26 4.46 9.52 3.72
CA ALA B 26 4.73 8.39 4.63
C ALA B 26 3.64 7.29 4.53
N GLY B 27 3.44 6.69 3.35
CA GLY B 27 2.40 5.67 3.10
C GLY B 27 2.50 4.36 3.92
N ASP B 28 3.50 4.25 4.80
CA ASP B 28 3.84 3.08 5.62
C ASP B 28 3.35 3.16 7.08
N THR B 29 3.01 4.34 7.60
CA THR B 29 2.73 4.55 9.04
C THR B 29 1.48 3.84 9.56
N TRP B 30 0.50 3.58 8.70
CA TRP B 30 -0.71 2.81 9.04
C TRP B 30 -0.39 1.39 9.53
N ARG B 31 0.71 0.79 9.04
CA ARG B 31 1.19 -0.56 9.41
C ARG B 31 1.67 -0.59 10.86
N HIS B 32 2.43 0.43 11.24
CA HIS B 32 2.89 0.66 12.61
C HIS B 32 1.71 0.96 13.55
N LEU B 33 0.76 1.81 13.11
CA LEU B 33 -0.48 2.07 13.85
C LEU B 33 -1.28 0.80 14.11
N ALA B 34 -1.55 -0.04 13.10
CA ALA B 34 -2.27 -1.31 13.26
C ALA B 34 -1.60 -2.23 14.30
N GLY B 35 -0.25 -2.27 14.32
CA GLY B 35 0.54 -2.99 15.32
C GLY B 35 0.31 -2.50 16.76
N GLU B 36 0.40 -1.18 17.00
CA GLU B 36 0.21 -0.60 18.35
C GLU B 36 -1.27 -0.48 18.78
N LEU B 37 -2.22 -0.45 17.84
CA LEU B 37 -3.64 -0.67 18.10
C LEU B 37 -3.95 -2.13 18.51
N GLY B 38 -2.99 -3.05 18.32
CA GLY B 38 -3.15 -4.48 18.62
C GLY B 38 -4.08 -5.22 17.65
N TYR B 39 -4.29 -4.69 16.43
CA TYR B 39 -5.09 -5.37 15.40
C TYR B 39 -4.45 -6.71 14.99
N GLN B 40 -5.29 -7.71 14.80
CA GLN B 40 -4.91 -9.02 14.25
C GLN B 40 -4.30 -8.91 12.83
N PRO B 41 -3.39 -9.82 12.43
CA PRO B 41 -2.70 -9.74 11.15
C PRO B 41 -3.63 -9.93 9.92
N GLU B 42 -4.73 -10.67 10.06
CA GLU B 42 -5.71 -10.81 8.97
C GLU B 42 -6.41 -9.49 8.59
N HIS B 43 -6.54 -8.53 9.51
CA HIS B 43 -6.99 -7.17 9.18
C HIS B 43 -5.95 -6.40 8.34
N ILE B 44 -4.65 -6.53 8.65
CA ILE B 44 -3.57 -5.90 7.87
C ILE B 44 -3.62 -6.41 6.41
N ASP B 45 -3.80 -7.72 6.22
CA ASP B 45 -3.97 -8.35 4.91
C ASP B 45 -5.27 -7.93 4.18
N SER B 46 -6.36 -7.65 4.92
CA SER B 46 -7.57 -7.05 4.34
C SER B 46 -7.36 -5.59 3.92
N PHE B 47 -6.60 -4.79 4.67
CA PHE B 47 -6.33 -3.39 4.33
C PHE B 47 -5.40 -3.25 3.09
N THR B 48 -4.37 -4.10 2.94
CA THR B 48 -3.52 -4.12 1.72
C THR B 48 -4.23 -4.57 0.44
N HIS B 49 -5.51 -4.96 0.48
CA HIS B 49 -6.29 -5.31 -0.71
C HIS B 49 -6.37 -4.18 -1.76
N GLU B 50 -6.14 -2.92 -1.37
CA GLU B 50 -6.20 -1.73 -2.25
C GLU B 50 -5.04 -0.74 -2.00
N ALA B 51 -4.77 0.13 -2.97
CA ALA B 51 -3.64 1.08 -2.95
C ALA B 51 -3.71 2.16 -1.85
N CYS B 52 -4.88 2.38 -1.25
CA CYS B 52 -5.07 3.33 -0.16
C CYS B 52 -5.54 2.60 1.11
N PRO B 53 -4.70 1.76 1.74
CA PRO B 53 -5.07 0.97 2.93
C PRO B 53 -5.55 1.86 4.07
N VAL B 54 -5.00 3.07 4.16
CA VAL B 54 -5.45 4.17 5.04
C VAL B 54 -6.96 4.44 4.95
N ARG B 55 -7.57 4.47 3.76
CA ARG B 55 -9.00 4.78 3.61
C ARG B 55 -9.89 3.67 4.21
N ALA B 56 -9.51 2.41 3.99
CA ALA B 56 -10.18 1.25 4.54
C ALA B 56 -9.97 1.13 6.06
N LEU B 57 -8.75 1.40 6.56
CA LEU B 57 -8.44 1.42 8.00
C LEU B 57 -9.28 2.48 8.72
N LEU B 58 -9.25 3.73 8.25
CA LEU B 58 -10.00 4.84 8.86
C LEU B 58 -11.52 4.58 8.85
N ALA B 59 -12.08 4.08 7.74
CA ALA B 59 -13.49 3.71 7.65
C ALA B 59 -13.88 2.55 8.58
N SER B 60 -13.03 1.52 8.68
CA SER B 60 -13.26 0.37 9.56
C SER B 60 -13.12 0.74 11.04
N TRP B 61 -12.07 1.49 11.42
CA TRP B 61 -11.85 1.97 12.78
C TRP B 61 -12.98 2.90 13.27
N ALA B 62 -13.49 3.76 12.39
CA ALA B 62 -14.65 4.62 12.64
C ALA B 62 -15.97 3.87 12.93
N THR B 63 -16.04 2.54 12.73
CA THR B 63 -17.23 1.72 13.07
C THR B 63 -17.45 1.56 14.59
N GLN B 64 -16.47 1.94 15.43
CA GLN B 64 -16.46 1.74 16.89
C GLN B 64 -16.08 3.01 17.65
N ASP B 65 -16.57 3.14 18.89
CA ASP B 65 -16.36 4.30 19.77
C ASP B 65 -14.89 4.51 20.18
N SER B 66 -14.03 3.51 20.00
CA SER B 66 -12.57 3.59 20.22
C SER B 66 -11.86 4.59 19.29
N ALA B 67 -12.52 5.05 18.23
CA ALA B 67 -11.97 5.95 17.20
C ALA B 67 -11.71 7.41 17.64
N THR B 68 -11.48 7.69 18.92
CA THR B 68 -11.17 9.05 19.39
C THR B 68 -9.81 9.54 18.89
N LEU B 69 -9.68 10.84 18.63
CA LEU B 69 -8.39 11.44 18.27
C LEU B 69 -7.34 11.19 19.38
N ASP B 70 -7.74 11.25 20.65
CA ASP B 70 -6.86 10.99 21.79
C ASP B 70 -6.23 9.57 21.79
N ALA B 71 -7.00 8.55 21.37
CA ALA B 71 -6.48 7.20 21.16
C ALA B 71 -5.54 7.10 19.94
N LEU B 72 -5.85 7.82 18.85
CA LEU B 72 -5.00 7.91 17.65
C LEU B 72 -3.64 8.54 17.98
N LEU B 73 -3.65 9.63 18.76
CA LEU B 73 -2.46 10.33 19.26
C LEU B 73 -1.59 9.43 20.14
N ALA B 74 -2.20 8.66 21.06
CA ALA B 74 -1.45 7.71 21.89
C ALA B 74 -0.70 6.67 21.05
N ALA B 75 -1.34 6.10 20.02
CA ALA B 75 -0.69 5.19 19.09
C ALA B 75 0.43 5.86 18.27
N LEU B 76 0.19 7.06 17.72
CA LEU B 76 1.19 7.88 17.01
C LEU B 76 2.45 8.15 17.87
N ARG B 77 2.28 8.37 19.17
CA ARG B 77 3.37 8.59 20.14
C ARG B 77 4.21 7.33 20.36
N ARG B 78 3.59 6.15 20.54
CA ARG B 78 4.31 4.86 20.68
C ARG B 78 5.16 4.51 19.46
N ILE B 79 4.67 4.78 18.25
CA ILE B 79 5.39 4.50 16.99
C ILE B 79 6.42 5.59 16.60
N GLN B 80 6.65 6.58 17.47
CA GLN B 80 7.56 7.72 17.25
C GLN B 80 7.25 8.52 15.95
N ARG B 81 5.96 8.80 15.72
CA ARG B 81 5.45 9.62 14.60
C ARG B 81 4.74 10.90 15.09
N ALA B 82 5.24 11.48 16.18
CA ALA B 82 4.85 12.82 16.65
C ALA B 82 5.07 13.93 15.60
N ASP B 83 5.91 13.70 14.58
CA ASP B 83 6.02 14.57 13.40
C ASP B 83 4.71 14.67 12.60
N LEU B 84 3.97 13.56 12.42
CA LEU B 84 2.63 13.59 11.81
C LEU B 84 1.59 14.24 12.74
N VAL B 85 1.70 14.07 14.07
CA VAL B 85 0.81 14.72 15.05
C VAL B 85 0.77 16.24 14.84
N GLU B 86 1.95 16.87 14.70
CA GLU B 86 2.06 18.30 14.44
C GLU B 86 1.46 18.68 13.07
N SER B 87 1.78 17.93 12.00
CA SER B 87 1.25 18.18 10.64
C SER B 87 -0.28 18.09 10.55
N LEU B 88 -0.90 17.14 11.27
CA LEU B 88 -2.37 17.02 11.35
C LEU B 88 -3.00 18.13 12.19
N CYS B 89 -2.35 18.56 13.27
CA CYS B 89 -2.78 19.69 14.10
C CYS B 89 -2.77 21.03 13.32
N SER B 90 -1.77 21.24 12.44
CA SER B 90 -1.67 22.40 11.55
C SER B 90 -2.81 22.53 10.52
N GLU B 91 -3.60 21.48 10.28
CA GLU B 91 -4.86 21.57 9.53
C GLU B 91 -6.09 21.65 10.44
N SER B 92 -6.04 21.01 11.62
CA SER B 92 -7.13 20.99 12.60
C SER B 92 -7.46 22.38 13.16
N THR B 93 -6.43 23.18 13.48
CA THR B 93 -6.46 24.60 13.93
C THR B 93 -7.77 25.03 14.60
N ALA B 94 -8.03 24.53 15.81
CA ALA B 94 -9.24 24.82 16.59
C ALA B 94 -9.42 26.34 16.86
N THR B 95 -10.68 26.75 17.04
CA THR B 95 -11.11 28.17 17.13
C THR B 95 -12.07 28.42 18.32
N SER B 96 -12.15 27.47 19.25
CA SER B 96 -12.83 27.56 20.55
C SER B 96 -12.21 28.64 21.47
N PRO B 97 -12.95 29.14 22.48
CA PRO B 97 -12.49 30.21 23.38
C PRO B 97 -11.51 29.75 24.48
N VAL B 98 -11.34 28.45 24.72
CA VAL B 98 -10.53 27.84 25.81
C VAL B 98 -9.73 26.62 25.35
N GLY A 5 -12.63 13.40 21.54
CA GLY A 5 -12.31 13.69 20.14
C GLY A 5 -12.36 12.47 19.22
N LEU A 6 -13.53 11.83 19.09
CA LEU A 6 -13.78 10.78 18.08
C LEU A 6 -13.42 11.25 16.66
N TYR A 7 -12.69 10.43 15.92
CA TYR A 7 -12.23 10.74 14.56
C TYR A 7 -13.37 11.02 13.57
N SER A 8 -14.55 10.43 13.79
CA SER A 8 -15.79 10.71 13.03
C SER A 8 -16.29 12.15 13.18
N SER A 9 -15.94 12.83 14.28
CA SER A 9 -16.32 14.23 14.56
C SER A 9 -15.51 15.26 13.76
N LEU A 10 -14.34 14.88 13.22
CA LEU A 10 -13.49 15.74 12.38
C LEU A 10 -14.18 16.12 11.05
N PRO A 11 -13.90 17.31 10.49
CA PRO A 11 -14.47 17.74 9.20
C PRO A 11 -13.89 16.90 8.03
N PRO A 12 -14.58 16.83 6.88
CA PRO A 12 -14.17 16.00 5.74
C PRO A 12 -12.80 16.40 5.16
N ALA A 13 -12.45 17.69 5.21
CA ALA A 13 -11.13 18.18 4.80
C ALA A 13 -9.98 17.57 5.62
N LYS A 14 -10.15 17.42 6.95
CA LYS A 14 -9.16 16.78 7.84
C LYS A 14 -8.93 15.31 7.48
N ARG A 15 -9.96 14.59 7.04
CA ARG A 15 -9.84 13.18 6.59
C ARG A 15 -8.95 13.05 5.35
N GLU A 16 -9.09 13.95 4.39
CA GLU A 16 -8.23 14.01 3.19
C GLU A 16 -6.76 14.33 3.54
N GLU A 17 -6.51 15.17 4.55
CA GLU A 17 -5.15 15.48 5.02
C GLU A 17 -4.39 14.25 5.57
N VAL A 18 -5.09 13.30 6.21
CA VAL A 18 -4.47 12.02 6.65
C VAL A 18 -4.04 11.18 5.45
N GLU A 19 -4.87 11.09 4.41
CA GLU A 19 -4.50 10.42 3.16
C GLU A 19 -3.31 11.12 2.48
N LYS A 20 -3.31 12.46 2.40
CA LYS A 20 -2.22 13.25 1.79
C LYS A 20 -0.88 12.99 2.50
N LEU A 21 -0.87 12.92 3.84
CA LEU A 21 0.32 12.60 4.63
C LEU A 21 0.91 11.22 4.29
N LEU A 22 0.11 10.15 4.31
CA LEU A 22 0.62 8.80 3.99
C LEU A 22 0.93 8.64 2.49
N ASN A 23 0.21 9.34 1.60
CA ASN A 23 0.50 9.38 0.15
C ASN A 23 1.82 10.11 -0.19
N GLY A 24 2.29 11.03 0.66
CA GLY A 24 3.41 11.94 0.36
C GLY A 24 4.67 11.78 1.22
N SER A 25 4.54 11.37 2.49
CA SER A 25 5.65 11.30 3.45
C SER A 25 6.09 9.87 3.79
N ALA A 26 5.14 8.96 4.08
CA ALA A 26 5.41 7.56 4.43
C ALA A 26 4.13 6.72 4.39
N GLY A 27 4.00 5.81 3.41
CA GLY A 27 2.81 4.97 3.18
C GLY A 27 2.64 3.77 4.11
N ASP A 28 3.50 3.61 5.13
CA ASP A 28 3.69 2.36 5.88
C ASP A 28 3.27 2.41 7.36
N THR A 29 3.11 3.60 7.95
CA THR A 29 2.87 3.77 9.40
C THR A 29 1.56 3.15 9.89
N TRP A 30 0.57 2.98 9.00
CA TRP A 30 -0.68 2.28 9.28
C TRP A 30 -0.46 0.81 9.72
N ARG A 31 0.59 0.12 9.24
CA ARG A 31 0.92 -1.26 9.62
C ARG A 31 1.39 -1.33 11.07
N HIS A 32 2.27 -0.40 11.45
CA HIS A 32 2.75 -0.25 12.82
C HIS A 32 1.59 0.11 13.78
N LEU A 33 0.70 1.02 13.37
CA LEU A 33 -0.54 1.32 14.11
C LEU A 33 -1.42 0.07 14.28
N ALA A 34 -1.72 -0.67 13.21
CA ALA A 34 -2.53 -1.89 13.28
C ALA A 34 -1.96 -2.93 14.27
N GLY A 35 -0.63 -3.06 14.33
CA GLY A 35 0.06 -3.89 15.31
C GLY A 35 -0.18 -3.47 16.77
N GLU A 36 -0.01 -2.19 17.10
CA GLU A 36 -0.24 -1.68 18.47
C GLU A 36 -1.73 -1.52 18.85
N LEU A 37 -2.62 -1.32 17.87
CA LEU A 37 -4.08 -1.44 18.03
C LEU A 37 -4.54 -2.89 18.29
N GLY A 38 -3.68 -3.89 18.05
CA GLY A 38 -3.99 -5.31 18.22
C GLY A 38 -4.93 -5.89 17.17
N TYR A 39 -5.01 -5.29 15.97
CA TYR A 39 -5.78 -5.83 14.84
C TYR A 39 -5.25 -7.21 14.43
N GLN A 40 -6.14 -8.17 14.19
CA GLN A 40 -5.78 -9.50 13.67
C GLN A 40 -5.20 -9.39 12.23
N PRO A 41 -4.28 -10.29 11.82
CA PRO A 41 -3.62 -10.21 10.51
C PRO A 41 -4.57 -10.35 9.31
N GLU A 42 -5.74 -10.98 9.49
CA GLU A 42 -6.80 -11.02 8.47
C GLU A 42 -7.36 -9.62 8.12
N HIS A 43 -7.39 -8.68 9.07
CA HIS A 43 -7.75 -7.28 8.79
C HIS A 43 -6.61 -6.54 8.08
N ILE A 44 -5.35 -6.78 8.46
CA ILE A 44 -4.18 -6.20 7.76
C ILE A 44 -4.18 -6.63 6.28
N ASP A 45 -4.42 -7.92 6.00
CA ASP A 45 -4.59 -8.46 4.65
C ASP A 45 -5.82 -7.88 3.91
N SER A 46 -6.93 -7.62 4.62
CA SER A 46 -8.12 -6.97 4.06
C SER A 46 -7.84 -5.50 3.67
N PHE A 47 -7.09 -4.75 4.48
CA PHE A 47 -6.72 -3.37 4.15
C PHE A 47 -5.80 -3.28 2.92
N THR A 48 -4.84 -4.19 2.76
CA THR A 48 -4.02 -4.29 1.52
C THR A 48 -4.78 -4.77 0.28
N HIS A 49 -6.10 -5.02 0.33
CA HIS A 49 -6.91 -5.16 -0.90
C HIS A 49 -6.95 -3.88 -1.77
N GLU A 50 -6.48 -2.74 -1.27
CA GLU A 50 -6.46 -1.44 -1.97
C GLU A 50 -5.05 -0.81 -1.95
N ALA A 51 -4.73 0.05 -2.93
CA ALA A 51 -3.51 0.86 -2.94
C ALA A 51 -3.46 1.93 -1.81
N CYS A 52 -4.61 2.26 -1.22
CA CYS A 52 -4.71 3.22 -0.11
C CYS A 52 -5.25 2.52 1.14
N PRO A 53 -4.49 1.58 1.76
CA PRO A 53 -4.96 0.77 2.89
C PRO A 53 -5.41 1.63 4.09
N VAL A 54 -4.79 2.81 4.25
CA VAL A 54 -5.21 3.87 5.19
C VAL A 54 -6.68 4.25 5.07
N ARG A 55 -7.26 4.39 3.86
CA ARG A 55 -8.68 4.77 3.69
C ARG A 55 -9.63 3.69 4.22
N ALA A 56 -9.29 2.43 3.98
CA ALA A 56 -10.04 1.27 4.47
C ALA A 56 -9.89 1.12 6.00
N LEU A 57 -8.67 1.27 6.54
CA LEU A 57 -8.41 1.24 7.98
C LEU A 57 -9.20 2.33 8.71
N LEU A 58 -9.06 3.60 8.30
CA LEU A 58 -9.74 4.72 8.93
C LEU A 58 -11.28 4.60 8.87
N ALA A 59 -11.84 4.10 7.76
CA ALA A 59 -13.27 3.80 7.65
C ALA A 59 -13.72 2.71 8.64
N SER A 60 -13.02 1.58 8.70
CA SER A 60 -13.32 0.47 9.63
C SER A 60 -12.99 0.77 11.09
N TRP A 61 -12.19 1.80 11.38
CA TRP A 61 -11.91 2.28 12.75
C TRP A 61 -12.96 3.29 13.22
N ALA A 62 -13.37 4.24 12.36
CA ALA A 62 -14.37 5.27 12.68
C ALA A 62 -15.78 4.73 13.01
N THR A 63 -16.12 3.50 12.58
CA THR A 63 -17.39 2.81 12.90
C THR A 63 -17.51 2.29 14.34
N GLN A 64 -16.50 2.48 15.20
CA GLN A 64 -16.50 2.06 16.62
C GLN A 64 -15.99 3.16 17.57
N ASP A 65 -16.45 3.14 18.83
CA ASP A 65 -16.14 4.16 19.84
C ASP A 65 -14.65 4.19 20.27
N SER A 66 -13.86 3.17 19.89
CA SER A 66 -12.39 3.14 20.04
C SER A 66 -11.66 4.26 19.28
N ALA A 67 -12.33 4.90 18.32
CA ALA A 67 -11.77 5.92 17.41
C ALA A 67 -11.41 7.28 18.06
N THR A 68 -11.17 7.37 19.37
CA THR A 68 -10.76 8.63 20.01
C THR A 68 -9.36 9.07 19.56
N LEU A 69 -9.14 10.39 19.41
CA LEU A 69 -7.81 10.94 19.21
C LEU A 69 -6.82 10.49 20.30
N ASP A 70 -7.27 10.40 21.55
CA ASP A 70 -6.47 9.90 22.67
C ASP A 70 -5.86 8.50 22.40
N ALA A 71 -6.66 7.56 21.89
CA ALA A 71 -6.19 6.23 21.51
C ALA A 71 -5.23 6.25 20.29
N LEU A 72 -5.48 7.11 19.30
CA LEU A 72 -4.60 7.27 18.14
C LEU A 72 -3.21 7.81 18.55
N LEU A 73 -3.21 8.87 19.36
CA LEU A 73 -2.01 9.48 19.93
C LEU A 73 -1.21 8.46 20.76
N ALA A 74 -1.88 7.72 21.64
CA ALA A 74 -1.26 6.66 22.45
C ALA A 74 -0.55 5.60 21.60
N ALA A 75 -1.15 5.17 20.49
CA ALA A 75 -0.54 4.23 19.55
C ALA A 75 0.63 4.83 18.75
N LEU A 76 0.49 6.05 18.23
CA LEU A 76 1.56 6.79 17.52
C LEU A 76 2.84 6.92 18.38
N ARG A 77 2.67 7.12 19.70
CA ARG A 77 3.78 7.20 20.67
C ARG A 77 4.53 5.86 20.81
N ARG A 78 3.83 4.72 20.92
CA ARG A 78 4.48 3.38 21.01
C ARG A 78 5.30 3.04 19.76
N ILE A 79 4.81 3.42 18.59
CA ILE A 79 5.52 3.18 17.30
C ILE A 79 6.56 4.26 16.96
N GLN A 80 6.80 5.22 17.88
CA GLN A 80 7.75 6.33 17.74
C GLN A 80 7.52 7.19 16.47
N ARG A 81 6.24 7.53 16.22
CA ARG A 81 5.78 8.42 15.14
C ARG A 81 5.14 9.71 15.71
N ALA A 82 5.74 10.26 16.76
CA ALA A 82 5.43 11.60 17.28
C ALA A 82 5.58 12.72 16.23
N ASP A 83 6.36 12.49 15.16
CA ASP A 83 6.39 13.36 13.98
C ASP A 83 5.02 13.48 13.28
N LEU A 84 4.29 12.37 13.14
CA LEU A 84 2.91 12.37 12.62
C LEU A 84 1.93 13.02 13.59
N VAL A 85 2.13 12.90 14.91
CA VAL A 85 1.34 13.64 15.92
C VAL A 85 1.43 15.14 15.68
N GLU A 86 2.66 15.67 15.52
CA GLU A 86 2.89 17.09 15.24
C GLU A 86 2.28 17.52 13.89
N SER A 87 2.54 16.75 12.82
CA SER A 87 1.99 17.04 11.48
C SER A 87 0.47 17.05 11.45
N LEU A 88 -0.20 16.01 11.98
CA LEU A 88 -1.68 15.90 12.01
C LEU A 88 -2.33 17.02 12.83
N CYS A 89 -1.68 17.49 13.89
CA CYS A 89 -2.12 18.66 14.66
C CYS A 89 -2.02 19.95 13.82
N SER A 90 -0.86 20.21 13.21
CA SER A 90 -0.61 21.39 12.37
C SER A 90 -1.43 21.43 11.07
N GLU A 91 -1.80 20.27 10.51
CA GLU A 91 -2.64 20.17 9.30
C GLU A 91 -4.10 20.62 9.49
N SER A 92 -4.53 20.94 10.71
CA SER A 92 -5.87 21.46 11.03
C SER A 92 -6.08 22.97 10.70
N THR A 93 -5.13 23.60 9.99
CA THR A 93 -5.23 24.99 9.49
C THR A 93 -6.40 25.22 8.53
N ALA A 94 -6.85 26.49 8.46
CA ALA A 94 -7.88 26.95 7.52
C ALA A 94 -7.39 26.94 6.04
N THR A 95 -8.35 27.04 5.11
CA THR A 95 -8.09 27.06 3.65
C THR A 95 -8.92 28.16 2.95
N SER A 96 -10.21 27.91 2.69
CA SER A 96 -11.18 28.80 2.03
C SER A 96 -12.63 28.45 2.41
N PRO A 97 -13.60 29.38 2.29
CA PRO A 97 -15.01 29.11 2.52
C PRO A 97 -15.69 28.28 1.40
N VAL A 98 -15.06 28.18 0.21
CA VAL A 98 -15.53 27.52 -1.03
C VAL A 98 -17.03 27.75 -1.30
N GLY B 5 13.33 -13.63 -21.28
CA GLY B 5 12.69 -12.31 -21.46
C GLY B 5 12.80 -11.45 -20.19
N LEU B 6 13.43 -10.28 -20.28
CA LEU B 6 13.53 -9.32 -19.18
C LEU B 6 12.21 -8.54 -19.02
N TYR B 7 11.78 -8.31 -17.78
CA TYR B 7 10.62 -7.47 -17.46
C TYR B 7 10.77 -6.03 -17.99
N SER B 8 12.01 -5.49 -17.97
CA SER B 8 12.37 -4.19 -18.56
C SER B 8 12.14 -4.11 -20.08
N SER B 9 12.12 -5.25 -20.79
CA SER B 9 11.90 -5.34 -22.24
C SER B 9 10.41 -5.23 -22.64
N LEU B 10 9.47 -5.44 -21.71
CA LEU B 10 8.03 -5.32 -21.95
C LEU B 10 7.61 -3.88 -22.29
N PRO B 11 6.53 -3.68 -23.08
CA PRO B 11 6.02 -2.35 -23.41
C PRO B 11 5.39 -1.65 -22.18
N PRO B 12 5.28 -0.31 -22.18
CA PRO B 12 4.75 0.45 -21.03
C PRO B 12 3.30 0.12 -20.70
N ALA B 13 2.48 -0.26 -21.71
CA ALA B 13 1.11 -0.74 -21.51
C ALA B 13 1.03 -1.99 -20.63
N LYS B 14 1.92 -2.98 -20.82
CA LYS B 14 2.03 -4.17 -19.96
C LYS B 14 2.38 -3.79 -18.51
N ARG B 15 3.29 -2.83 -18.32
CA ARG B 15 3.72 -2.39 -16.97
C ARG B 15 2.61 -1.64 -16.23
N GLU B 16 1.87 -0.78 -16.93
CA GLU B 16 0.63 -0.16 -16.44
C GLU B 16 -0.42 -1.21 -16.06
N GLU B 17 -0.57 -2.29 -16.83
CA GLU B 17 -1.48 -3.38 -16.52
C GLU B 17 -1.13 -4.12 -15.21
N VAL B 18 0.17 -4.36 -14.90
CA VAL B 18 0.57 -4.94 -13.60
C VAL B 18 0.17 -4.03 -12.44
N GLU B 19 0.42 -2.72 -12.55
CA GLU B 19 -0.04 -1.73 -11.56
C GLU B 19 -1.56 -1.76 -11.39
N LYS B 20 -2.33 -1.75 -12.49
CA LYS B 20 -3.81 -1.77 -12.45
C LYS B 20 -4.36 -3.02 -11.78
N LEU B 21 -3.75 -4.19 -12.04
CA LEU B 21 -4.16 -5.47 -11.46
C LEU B 21 -4.04 -5.45 -9.93
N LEU B 22 -2.89 -5.05 -9.37
CA LEU B 22 -2.70 -4.97 -7.92
C LEU B 22 -3.45 -3.77 -7.29
N ASN B 23 -3.66 -2.68 -8.02
CA ASN B 23 -4.50 -1.55 -7.60
C ASN B 23 -5.97 -1.95 -7.39
N GLY B 24 -6.48 -2.91 -8.17
CA GLY B 24 -7.91 -3.26 -8.21
C GLY B 24 -8.29 -4.59 -7.53
N SER B 25 -7.50 -5.65 -7.69
CA SER B 25 -7.78 -6.97 -7.09
C SER B 25 -7.26 -7.05 -5.65
N ALA B 26 -5.94 -6.94 -5.46
CA ALA B 26 -5.28 -6.78 -4.15
C ALA B 26 -3.81 -6.37 -4.29
N GLY B 27 -3.33 -5.56 -3.35
CA GLY B 27 -1.98 -5.01 -3.26
C GLY B 27 -1.18 -5.61 -2.09
N ASP B 28 -1.22 -6.94 -1.97
CA ASP B 28 -0.58 -7.71 -0.88
C ASP B 28 0.43 -8.76 -1.39
N THR B 29 0.24 -9.29 -2.59
CA THR B 29 1.08 -10.35 -3.18
C THR B 29 2.53 -9.93 -3.42
N TRP B 30 2.80 -8.63 -3.54
CA TRP B 30 4.16 -8.08 -3.57
C TRP B 30 4.97 -8.41 -2.30
N ARG B 31 4.33 -8.53 -1.12
CA ARG B 31 5.00 -8.92 0.14
C ARG B 31 5.42 -10.38 0.12
N HIS B 32 4.53 -11.25 -0.34
CA HIS B 32 4.80 -12.67 -0.55
C HIS B 32 5.92 -12.87 -1.59
N LEU B 33 5.88 -12.12 -2.70
CA LEU B 33 6.94 -12.08 -3.71
C LEU B 33 8.28 -11.64 -3.10
N ALA B 34 8.33 -10.51 -2.38
CA ALA B 34 9.56 -10.03 -1.73
C ALA B 34 10.18 -11.07 -0.77
N GLY B 35 9.34 -11.80 -0.02
CA GLY B 35 9.76 -12.92 0.82
C GLY B 35 10.43 -14.06 0.04
N GLU B 36 9.83 -14.52 -1.06
CA GLU B 36 10.40 -15.58 -1.91
C GLU B 36 11.56 -15.13 -2.82
N LEU B 37 11.63 -13.84 -3.17
CA LEU B 37 12.82 -13.20 -3.75
C LEU B 37 13.99 -13.09 -2.75
N GLY B 38 13.73 -13.28 -1.45
CA GLY B 38 14.72 -13.18 -0.38
C GLY B 38 15.15 -11.75 -0.04
N TYR B 39 14.33 -10.73 -0.36
CA TYR B 39 14.58 -9.34 0.02
C TYR B 39 14.64 -9.19 1.55
N GLN B 40 15.61 -8.40 2.04
CA GLN B 40 15.75 -8.07 3.46
C GLN B 40 14.53 -7.28 3.99
N PRO B 41 14.18 -7.40 5.28
CA PRO B 41 12.99 -6.75 5.85
C PRO B 41 13.03 -5.22 5.76
N GLU B 42 14.23 -4.61 5.81
CA GLU B 42 14.41 -3.16 5.59
C GLU B 42 14.01 -2.71 4.17
N HIS B 43 14.20 -3.55 3.15
CA HIS B 43 13.71 -3.25 1.78
C HIS B 43 12.19 -3.40 1.67
N ILE B 44 11.57 -4.35 2.39
CA ILE B 44 10.11 -4.49 2.46
C ILE B 44 9.48 -3.20 3.01
N ASP B 45 10.05 -2.62 4.07
CA ASP B 45 9.64 -1.31 4.60
C ASP B 45 9.83 -0.18 3.57
N SER B 46 10.94 -0.17 2.83
CA SER B 46 11.19 0.80 1.75
C SER B 46 10.23 0.67 0.55
N PHE B 47 9.58 -0.48 0.33
CA PHE B 47 8.55 -0.64 -0.70
C PHE B 47 7.19 -0.11 -0.23
N THR B 48 6.73 -0.45 0.98
CA THR B 48 5.48 0.09 1.56
C THR B 48 5.53 1.60 1.89
N HIS B 49 6.72 2.22 1.77
CA HIS B 49 6.91 3.68 1.83
C HIS B 49 6.00 4.49 0.86
N GLU B 50 5.48 3.87 -0.20
CA GLU B 50 4.59 4.50 -1.20
C GLU B 50 3.23 3.76 -1.27
N ALA B 51 2.15 4.48 -1.65
CA ALA B 51 0.81 3.90 -1.83
C ALA B 51 0.75 2.78 -2.89
N CYS B 52 1.66 2.79 -3.87
CA CYS B 52 1.77 1.76 -4.91
C CYS B 52 3.08 0.98 -4.73
N PRO B 53 3.21 0.11 -3.70
CA PRO B 53 4.46 -0.59 -3.39
C PRO B 53 4.94 -1.48 -4.55
N VAL B 54 4.01 -1.98 -5.36
CA VAL B 54 4.28 -2.64 -6.65
C VAL B 54 5.16 -1.81 -7.58
N ARG B 55 4.93 -0.49 -7.73
CA ARG B 55 5.74 0.36 -8.62
C ARG B 55 7.17 0.54 -8.09
N ALA B 56 7.32 0.69 -6.78
CA ALA B 56 8.61 0.77 -6.10
C ALA B 56 9.40 -0.54 -6.25
N LEU B 57 8.76 -1.70 -6.00
CA LEU B 57 9.37 -3.02 -6.14
C LEU B 57 9.81 -3.28 -7.60
N LEU B 58 8.91 -3.10 -8.58
CA LEU B 58 9.21 -3.31 -10.00
C LEU B 58 10.35 -2.40 -10.49
N ALA B 59 10.34 -1.11 -10.16
CA ALA B 59 11.40 -0.16 -10.52
C ALA B 59 12.76 -0.55 -9.90
N SER B 60 12.80 -0.85 -8.60
CA SER B 60 14.04 -1.20 -7.88
C SER B 60 14.54 -2.63 -8.15
N TRP B 61 13.70 -3.52 -8.71
CA TRP B 61 14.12 -4.84 -9.19
C TRP B 61 14.66 -4.77 -10.63
N ALA B 62 14.07 -3.93 -11.49
CA ALA B 62 14.53 -3.70 -12.87
C ALA B 62 15.94 -3.07 -13.00
N THR B 63 16.55 -2.60 -11.90
CA THR B 63 17.95 -2.12 -11.87
C THR B 63 18.99 -3.23 -12.08
N GLN B 64 18.59 -4.51 -12.03
CA GLN B 64 19.46 -5.69 -12.13
C GLN B 64 18.90 -6.76 -13.09
N ASP B 65 19.80 -7.55 -13.67
CA ASP B 65 19.48 -8.60 -14.65
C ASP B 65 18.65 -9.78 -14.07
N SER B 66 18.51 -9.85 -12.74
CA SER B 66 17.61 -10.79 -12.03
C SER B 66 16.13 -10.63 -12.42
N ALA B 67 15.74 -9.46 -12.95
CA ALA B 67 14.38 -9.09 -13.36
C ALA B 67 13.81 -9.83 -14.60
N THR B 68 14.13 -11.10 -14.82
CA THR B 68 13.49 -11.90 -15.89
C THR B 68 12.03 -12.24 -15.54
N LEU B 69 11.20 -12.37 -16.58
CA LEU B 69 9.83 -12.88 -16.44
C LEU B 69 9.85 -14.31 -15.89
N ASP B 70 10.83 -15.14 -16.29
CA ASP B 70 11.03 -16.49 -15.77
C ASP B 70 11.23 -16.53 -14.23
N ALA B 71 12.04 -15.62 -13.68
CA ALA B 71 12.22 -15.48 -12.23
C ALA B 71 10.93 -15.01 -11.52
N LEU B 72 10.19 -14.06 -12.12
CA LEU B 72 8.91 -13.57 -11.61
C LEU B 72 7.86 -14.70 -11.57
N LEU B 73 7.72 -15.46 -12.66
CA LEU B 73 6.85 -16.63 -12.76
C LEU B 73 7.19 -17.69 -11.71
N ALA B 74 8.47 -18.05 -11.56
CA ALA B 74 8.93 -19.01 -10.56
C ALA B 74 8.55 -18.56 -9.13
N ALA B 75 8.81 -17.29 -8.77
CA ALA B 75 8.45 -16.74 -7.48
C ALA B 75 6.93 -16.77 -7.21
N LEU B 76 6.10 -16.44 -8.21
CA LEU B 76 4.63 -16.55 -8.12
C LEU B 76 4.15 -17.99 -7.81
N ARG B 77 4.84 -19.03 -8.30
CA ARG B 77 4.47 -20.43 -8.01
C ARG B 77 4.72 -20.85 -6.57
N ARG B 78 5.85 -20.45 -5.95
CA ARG B 78 6.11 -20.73 -4.52
C ARG B 78 5.06 -20.14 -3.58
N ILE B 79 4.47 -19.00 -3.95
CA ILE B 79 3.45 -18.29 -3.15
C ILE B 79 2.01 -18.66 -3.55
N GLN B 80 1.81 -19.72 -4.34
CA GLN B 80 0.51 -20.22 -4.81
C GLN B 80 -0.35 -19.14 -5.51
N ARG B 81 0.29 -18.25 -6.28
CA ARG B 81 -0.36 -17.18 -7.07
C ARG B 81 -0.28 -17.43 -8.59
N ALA B 82 -0.39 -18.70 -8.99
CA ALA B 82 -0.58 -19.10 -10.40
C ALA B 82 -1.85 -18.47 -11.04
N ASP B 83 -2.82 -18.03 -10.25
CA ASP B 83 -3.95 -17.23 -10.73
C ASP B 83 -3.50 -15.87 -11.32
N LEU B 84 -2.54 -15.18 -10.67
CA LEU B 84 -1.94 -13.95 -11.21
C LEU B 84 -1.11 -14.24 -12.47
N VAL B 85 -0.40 -15.37 -12.54
CA VAL B 85 0.29 -15.81 -13.76
C VAL B 85 -0.68 -15.89 -14.93
N GLU B 86 -1.81 -16.58 -14.77
CA GLU B 86 -2.82 -16.72 -15.82
C GLU B 86 -3.44 -15.37 -16.22
N SER B 87 -3.81 -14.52 -15.26
CA SER B 87 -4.36 -13.17 -15.53
C SER B 87 -3.37 -12.27 -16.29
N LEU B 88 -2.08 -12.30 -15.93
CA LEU B 88 -1.04 -11.55 -16.65
C LEU B 88 -0.83 -12.07 -18.08
N CYS B 89 -0.93 -13.40 -18.31
CA CYS B 89 -0.93 -13.98 -19.65
C CYS B 89 -2.16 -13.61 -20.49
N SER B 90 -3.35 -13.49 -19.88
CA SER B 90 -4.57 -13.00 -20.58
C SER B 90 -4.44 -11.57 -21.11
N GLU B 91 -3.62 -10.73 -20.46
CA GLU B 91 -3.27 -9.37 -20.91
C GLU B 91 -2.03 -9.33 -21.83
N SER B 92 -1.49 -10.49 -22.25
CA SER B 92 -0.28 -10.64 -23.05
C SER B 92 -0.57 -11.27 -24.43
N THR B 93 -1.55 -10.70 -25.14
CA THR B 93 -2.13 -11.14 -26.43
C THR B 93 -1.21 -10.98 -27.67
N ALA B 94 0.11 -11.16 -27.50
CA ALA B 94 1.09 -11.20 -28.57
C ALA B 94 0.84 -12.35 -29.59
N THR B 95 1.46 -12.24 -30.77
CA THR B 95 1.43 -13.24 -31.85
C THR B 95 2.83 -13.40 -32.46
N SER B 96 3.28 -14.66 -32.60
CA SER B 96 4.60 -15.08 -33.11
C SER B 96 5.78 -14.14 -32.79
N PRO B 97 6.07 -13.87 -31.49
CA PRO B 97 7.04 -12.86 -31.06
C PRO B 97 8.51 -13.17 -31.44
N VAL B 98 8.82 -14.45 -31.71
CA VAL B 98 10.12 -14.94 -32.23
C VAL B 98 9.94 -16.22 -33.06
N GLY A 5 13.99 -10.85 -22.79
CA GLY A 5 12.71 -10.64 -22.10
C GLY A 5 12.80 -9.87 -20.78
N LEU A 6 13.74 -8.92 -20.64
CA LEU A 6 13.79 -8.03 -19.47
C LEU A 6 12.51 -7.19 -19.36
N TYR A 7 11.92 -7.14 -18.17
CA TYR A 7 10.75 -6.31 -17.85
C TYR A 7 11.02 -4.81 -18.12
N SER A 8 12.27 -4.36 -17.92
CA SER A 8 12.77 -3.02 -18.26
C SER A 8 12.61 -2.66 -19.75
N SER A 9 12.58 -3.66 -20.64
CA SER A 9 12.43 -3.48 -22.10
C SER A 9 10.99 -3.22 -22.55
N LEU A 10 9.99 -3.52 -21.72
CA LEU A 10 8.56 -3.28 -22.02
C LEU A 10 8.25 -1.77 -22.13
N PRO A 11 7.27 -1.37 -22.97
CA PRO A 11 6.83 0.03 -23.07
C PRO A 11 6.14 0.48 -21.77
N PRO A 12 6.07 1.81 -21.49
CA PRO A 12 5.51 2.32 -20.24
C PRO A 12 4.04 1.94 -20.04
N ALA A 13 3.25 1.85 -21.11
CA ALA A 13 1.85 1.38 -21.06
C ALA A 13 1.72 -0.04 -20.48
N LYS A 14 2.62 -0.97 -20.84
CA LYS A 14 2.67 -2.33 -20.26
C LYS A 14 2.97 -2.33 -18.76
N ARG A 15 3.77 -1.37 -18.27
CA ARG A 15 4.06 -1.22 -16.83
C ARG A 15 2.88 -0.61 -16.06
N GLU A 16 2.25 0.42 -16.63
CA GLU A 16 0.99 1.00 -16.12
C GLU A 16 -0.10 -0.07 -15.97
N GLU A 17 -0.22 -1.00 -16.92
CA GLU A 17 -1.19 -2.10 -16.88
C GLU A 17 -1.02 -3.01 -15.65
N VAL A 18 0.20 -3.38 -15.26
CA VAL A 18 0.47 -4.19 -14.05
C VAL A 18 0.04 -3.44 -12.78
N GLU A 19 0.39 -2.16 -12.68
CA GLU A 19 0.01 -1.29 -11.56
C GLU A 19 -1.52 -1.17 -11.43
N LYS A 20 -2.24 -0.99 -12.56
CA LYS A 20 -3.72 -0.93 -12.60
C LYS A 20 -4.36 -2.25 -12.19
N LEU A 21 -3.77 -3.39 -12.57
CA LEU A 21 -4.28 -4.72 -12.21
C LEU A 21 -4.25 -4.94 -10.68
N LEU A 22 -3.11 -4.68 -10.03
CA LEU A 22 -3.02 -4.78 -8.56
C LEU A 22 -3.93 -3.77 -7.86
N ASN A 23 -3.99 -2.52 -8.34
CA ASN A 23 -4.85 -1.45 -7.81
C ASN A 23 -6.34 -1.86 -7.70
N GLY A 24 -6.83 -2.68 -8.64
CA GLY A 24 -8.24 -3.09 -8.71
C GLY A 24 -8.56 -4.48 -8.14
N SER A 25 -7.56 -5.35 -7.93
CA SER A 25 -7.80 -6.78 -7.68
C SER A 25 -6.94 -7.44 -6.58
N ALA A 26 -5.90 -6.79 -6.04
CA ALA A 26 -5.04 -7.42 -5.02
C ALA A 26 -4.33 -6.45 -4.05
N GLY A 27 -3.57 -5.48 -4.56
CA GLY A 27 -2.78 -4.51 -3.79
C GLY A 27 -1.65 -5.06 -2.87
N ASP A 28 -1.53 -6.38 -2.69
CA ASP A 28 -0.73 -6.99 -1.61
C ASP A 28 0.26 -8.10 -2.05
N THR A 29 0.02 -8.77 -3.18
CA THR A 29 0.82 -9.92 -3.63
C THR A 29 2.31 -9.63 -3.83
N TRP A 30 2.64 -8.37 -4.15
CA TRP A 30 4.01 -7.88 -4.26
C TRP A 30 4.85 -8.10 -2.98
N ARG A 31 4.23 -8.18 -1.80
CA ARG A 31 4.89 -8.45 -0.51
C ARG A 31 5.42 -9.89 -0.45
N HIS A 32 4.59 -10.85 -0.89
CA HIS A 32 4.98 -12.26 -1.05
C HIS A 32 6.04 -12.40 -2.15
N LEU A 33 5.90 -11.65 -3.24
CA LEU A 33 6.85 -11.57 -4.36
C LEU A 33 8.25 -11.14 -3.87
N ALA A 34 8.33 -10.02 -3.13
CA ALA A 34 9.55 -9.52 -2.51
C ALA A 34 10.19 -10.52 -1.52
N GLY A 35 9.36 -11.26 -0.77
CA GLY A 35 9.79 -12.34 0.12
C GLY A 35 10.49 -13.48 -0.61
N GLU A 36 9.93 -13.98 -1.72
CA GLU A 36 10.53 -15.05 -2.53
C GLU A 36 11.73 -14.56 -3.38
N LEU A 37 11.78 -13.27 -3.75
CA LEU A 37 12.97 -12.61 -4.29
C LEU A 37 14.10 -12.44 -3.25
N GLY A 38 13.79 -12.53 -1.96
CA GLY A 38 14.75 -12.35 -0.86
C GLY A 38 15.16 -10.88 -0.62
N TYR A 39 14.32 -9.91 -0.99
CA TYR A 39 14.52 -8.50 -0.62
C TYR A 39 14.57 -8.33 0.91
N GLN A 40 15.52 -7.52 1.40
CA GLN A 40 15.58 -7.15 2.83
C GLN A 40 14.38 -6.29 3.24
N PRO A 41 13.91 -6.35 4.51
CA PRO A 41 12.71 -5.64 4.95
C PRO A 41 12.80 -4.11 4.84
N GLU A 42 14.01 -3.53 4.87
CA GLU A 42 14.22 -2.10 4.60
C GLU A 42 13.76 -1.65 3.19
N HIS A 43 13.76 -2.56 2.20
CA HIS A 43 13.20 -2.30 0.88
C HIS A 43 11.67 -2.42 0.86
N ILE A 44 11.09 -3.37 1.60
CA ILE A 44 9.62 -3.45 1.80
C ILE A 44 9.10 -2.14 2.41
N ASP A 45 9.80 -1.63 3.44
CA ASP A 45 9.48 -0.35 4.09
C ASP A 45 9.69 0.88 3.20
N SER A 46 10.62 0.85 2.24
CA SER A 46 10.82 1.95 1.28
C SER A 46 9.84 1.90 0.10
N PHE A 47 9.38 0.72 -0.32
CA PHE A 47 8.31 0.59 -1.32
C PHE A 47 6.96 1.11 -0.79
N THR A 48 6.61 0.83 0.48
CA THR A 48 5.40 1.38 1.13
C THR A 48 5.45 2.89 1.39
N HIS A 49 6.52 3.62 1.05
CA HIS A 49 6.48 5.09 1.06
C HIS A 49 5.45 5.69 0.07
N GLU A 50 5.03 4.92 -0.96
CA GLU A 50 4.02 5.31 -1.95
C GLU A 50 2.70 4.53 -1.78
N ALA A 51 1.57 5.12 -2.22
CA ALA A 51 0.28 4.42 -2.28
C ALA A 51 0.25 3.24 -3.30
N CYS A 52 1.12 3.29 -4.31
CA CYS A 52 1.26 2.21 -5.30
C CYS A 52 2.65 1.57 -5.16
N PRO A 53 2.93 0.80 -4.08
CA PRO A 53 4.27 0.26 -3.81
C PRO A 53 4.80 -0.63 -4.95
N VAL A 54 3.90 -1.27 -5.70
CA VAL A 54 4.17 -1.96 -6.97
C VAL A 54 4.94 -1.09 -7.98
N ARG A 55 4.64 0.20 -8.13
CA ARG A 55 5.36 1.09 -9.07
C ARG A 55 6.82 1.30 -8.64
N ALA A 56 7.05 1.49 -7.35
CA ALA A 56 8.39 1.64 -6.77
C ALA A 56 9.20 0.34 -6.86
N LEU A 57 8.57 -0.81 -6.55
CA LEU A 57 9.18 -2.14 -6.67
C LEU A 57 9.62 -2.41 -8.12
N LEU A 58 8.70 -2.31 -9.08
CA LEU A 58 8.99 -2.59 -10.49
C LEU A 58 10.08 -1.67 -11.07
N ALA A 59 10.05 -0.37 -10.75
CA ALA A 59 11.09 0.58 -11.16
C ALA A 59 12.47 0.26 -10.55
N SER A 60 12.54 -0.05 -9.26
CA SER A 60 13.79 -0.37 -8.56
C SER A 60 14.31 -1.79 -8.82
N TRP A 61 13.47 -2.72 -9.30
CA TRP A 61 13.90 -4.04 -9.77
C TRP A 61 14.47 -3.97 -11.20
N ALA A 62 13.94 -3.10 -12.05
CA ALA A 62 14.40 -2.86 -13.43
C ALA A 62 15.84 -2.31 -13.56
N THR A 63 16.47 -1.85 -12.47
CA THR A 63 17.86 -1.35 -12.47
C THR A 63 18.94 -2.43 -12.63
N GLN A 64 18.58 -3.72 -12.57
CA GLN A 64 19.50 -4.86 -12.57
C GLN A 64 19.08 -5.94 -13.58
N ASP A 65 20.07 -6.67 -14.11
CA ASP A 65 19.88 -7.69 -15.17
C ASP A 65 19.04 -8.91 -14.73
N SER A 66 18.84 -9.08 -13.42
CA SER A 66 17.93 -10.08 -12.83
C SER A 66 16.46 -9.90 -13.26
N ALA A 67 16.08 -8.72 -13.76
CA ALA A 67 14.72 -8.31 -14.13
C ALA A 67 14.08 -9.04 -15.35
N THR A 68 14.50 -10.26 -15.70
CA THR A 68 13.85 -11.05 -16.77
C THR A 68 12.42 -11.42 -16.39
N LEU A 69 11.51 -11.47 -17.38
CA LEU A 69 10.17 -12.05 -17.21
C LEU A 69 10.24 -13.49 -16.70
N ASP A 70 11.21 -14.29 -17.15
CA ASP A 70 11.42 -15.65 -16.67
C ASP A 70 11.67 -15.73 -15.15
N ALA A 71 12.51 -14.85 -14.59
CA ALA A 71 12.72 -14.75 -13.15
C ALA A 71 11.47 -14.26 -12.41
N LEU A 72 10.72 -13.32 -12.99
CA LEU A 72 9.46 -12.81 -12.46
C LEU A 72 8.43 -13.96 -12.36
N LEU A 73 8.17 -14.65 -13.47
CA LEU A 73 7.23 -15.77 -13.58
C LEU A 73 7.55 -16.93 -12.62
N ALA A 74 8.84 -17.28 -12.48
CA ALA A 74 9.28 -18.29 -11.51
C ALA A 74 8.92 -17.91 -10.06
N ALA A 75 9.11 -16.65 -9.67
CA ALA A 75 8.70 -16.15 -8.36
C ALA A 75 7.17 -16.12 -8.19
N LEU A 76 6.41 -15.76 -9.22
CA LEU A 76 4.94 -15.76 -9.20
C LEU A 76 4.35 -17.17 -8.95
N ARG A 77 4.96 -18.23 -9.51
CA ARG A 77 4.52 -19.62 -9.27
C ARG A 77 4.61 -20.05 -7.79
N ARG A 78 5.65 -19.59 -7.07
CA ARG A 78 5.82 -19.83 -5.62
C ARG A 78 4.76 -19.15 -4.73
N ILE A 79 3.98 -18.21 -5.28
CA ILE A 79 2.97 -17.41 -4.55
C ILE A 79 1.56 -17.49 -5.16
N GLN A 80 1.29 -18.53 -5.97
CA GLN A 80 -0.01 -18.83 -6.61
C GLN A 80 -0.54 -17.72 -7.53
N ARG A 81 0.33 -16.84 -8.05
CA ARG A 81 -0.01 -15.69 -8.92
C ARG A 81 -0.27 -16.04 -10.39
N ALA A 82 -0.35 -17.32 -10.73
CA ALA A 82 -0.61 -17.83 -12.08
C ALA A 82 -1.90 -17.28 -12.75
N ASP A 83 -2.89 -16.84 -11.96
CA ASP A 83 -4.06 -16.11 -12.48
C ASP A 83 -3.66 -14.78 -13.16
N LEU A 84 -2.83 -13.95 -12.51
CA LEU A 84 -2.33 -12.72 -13.11
C LEU A 84 -1.27 -12.97 -14.19
N VAL A 85 -0.53 -14.08 -14.14
CA VAL A 85 0.33 -14.52 -15.26
C VAL A 85 -0.50 -14.67 -16.54
N GLU A 86 -1.59 -15.44 -16.48
CA GLU A 86 -2.48 -15.64 -17.63
C GLU A 86 -3.11 -14.32 -18.10
N SER A 87 -3.59 -13.47 -17.17
CA SER A 87 -4.12 -12.14 -17.50
C SER A 87 -3.10 -11.24 -18.19
N LEU A 88 -1.87 -11.10 -17.66
CA LEU A 88 -0.85 -10.21 -18.22
C LEU A 88 -0.32 -10.66 -19.59
N CYS A 89 -0.32 -11.97 -19.87
CA CYS A 89 -0.06 -12.50 -21.21
C CYS A 89 -1.18 -12.12 -22.22
N SER A 90 -2.45 -12.23 -21.82
CA SER A 90 -3.60 -11.83 -22.67
C SER A 90 -3.72 -10.30 -22.83
N GLU A 91 -3.36 -9.52 -21.81
CA GLU A 91 -3.39 -8.05 -21.80
C GLU A 91 -2.18 -7.40 -22.52
N SER A 92 -1.32 -8.21 -23.17
CA SER A 92 -0.13 -7.74 -23.91
C SER A 92 -0.43 -7.05 -25.26
N THR A 93 -1.69 -6.71 -25.53
CA THR A 93 -2.19 -6.03 -26.73
C THR A 93 -1.41 -4.73 -27.04
N ALA A 94 -0.86 -4.61 -28.24
CA ALA A 94 -0.13 -3.41 -28.69
C ALA A 94 -1.06 -2.21 -28.97
N THR A 95 -0.55 -0.99 -28.78
CA THR A 95 -1.30 0.28 -28.83
C THR A 95 -0.46 1.42 -29.45
N SER A 96 0.18 1.14 -30.59
CA SER A 96 1.10 2.02 -31.37
C SER A 96 2.48 2.15 -30.71
N PRO A 97 3.55 2.52 -31.47
CA PRO A 97 4.88 2.75 -30.91
C PRO A 97 4.91 3.93 -29.93
N VAL A 98 5.40 3.69 -28.71
CA VAL A 98 5.50 4.64 -27.57
C VAL A 98 6.77 4.44 -26.75
N GLY B 5 -12.91 13.06 21.66
CA GLY B 5 -12.68 13.50 20.28
C GLY B 5 -12.68 12.37 19.26
N LEU B 6 -13.83 11.72 19.01
CA LEU B 6 -14.00 10.72 17.95
C LEU B 6 -13.52 11.23 16.58
N TYR B 7 -12.70 10.43 15.90
CA TYR B 7 -12.17 10.73 14.56
C TYR B 7 -13.27 11.00 13.52
N SER B 8 -14.40 10.28 13.61
CA SER B 8 -15.59 10.48 12.77
C SER B 8 -16.26 11.86 12.92
N SER B 9 -15.97 12.61 13.99
CA SER B 9 -16.49 13.96 14.24
C SER B 9 -15.73 15.05 13.46
N LEU B 10 -14.53 14.76 12.95
CA LEU B 10 -13.71 15.71 12.18
C LEU B 10 -14.34 16.02 10.80
N PRO B 11 -14.10 17.23 10.24
CA PRO B 11 -14.55 17.60 8.89
C PRO B 11 -13.80 16.79 7.80
N PRO B 12 -14.33 16.70 6.57
CA PRO B 12 -13.72 15.89 5.51
C PRO B 12 -12.31 16.36 5.11
N ALA B 13 -12.02 17.66 5.18
CA ALA B 13 -10.68 18.22 4.93
C ALA B 13 -9.61 17.62 5.85
N LYS B 14 -9.91 17.41 7.14
CA LYS B 14 -9.01 16.75 8.10
C LYS B 14 -8.73 15.31 7.74
N ARG B 15 -9.71 14.58 7.17
CA ARG B 15 -9.53 13.19 6.73
C ARG B 15 -8.72 13.09 5.44
N GLU B 16 -8.95 14.00 4.49
CA GLU B 16 -8.12 14.13 3.29
C GLU B 16 -6.65 14.46 3.61
N GLU B 17 -6.37 15.27 4.65
CA GLU B 17 -4.98 15.51 5.10
C GLU B 17 -4.29 14.24 5.63
N VAL B 18 -4.97 13.39 6.40
CA VAL B 18 -4.40 12.10 6.84
C VAL B 18 -4.07 11.21 5.64
N GLU B 19 -4.97 11.12 4.65
CA GLU B 19 -4.66 10.42 3.39
C GLU B 19 -3.47 11.03 2.65
N LYS B 20 -3.40 12.37 2.51
CA LYS B 20 -2.34 13.06 1.77
C LYS B 20 -0.96 12.85 2.40
N LEU B 21 -0.87 12.85 3.73
CA LEU B 21 0.37 12.61 4.47
C LEU B 21 0.95 11.21 4.16
N LEU B 22 0.11 10.16 4.22
CA LEU B 22 0.53 8.79 3.87
C LEU B 22 0.74 8.61 2.35
N ASN B 23 -0.02 9.31 1.50
CA ASN B 23 0.15 9.28 0.04
C ASN B 23 1.47 9.92 -0.43
N GLY B 24 1.99 10.92 0.28
CA GLY B 24 3.07 11.80 -0.19
C GLY B 24 4.39 11.76 0.60
N SER B 25 4.38 11.37 1.88
CA SER B 25 5.60 11.30 2.71
C SER B 25 6.02 9.86 3.00
N ALA B 26 5.16 9.06 3.64
CA ALA B 26 5.38 7.63 3.86
C ALA B 26 4.06 6.91 4.19
N GLY B 27 3.68 5.90 3.42
CA GLY B 27 2.42 5.16 3.51
C GLY B 27 2.51 3.85 4.31
N ASP B 28 3.35 3.83 5.36
CA ASP B 28 3.69 2.62 6.12
C ASP B 28 3.25 2.66 7.60
N THR B 29 3.05 3.85 8.17
CA THR B 29 2.73 4.05 9.60
C THR B 29 1.43 3.36 10.03
N TRP B 30 0.48 3.19 9.11
CA TRP B 30 -0.77 2.45 9.34
C TRP B 30 -0.54 0.99 9.75
N ARG B 31 0.52 0.33 9.27
CA ARG B 31 0.86 -1.06 9.61
C ARG B 31 1.32 -1.18 11.07
N HIS B 32 2.18 -0.25 11.48
CA HIS B 32 2.65 -0.13 12.85
C HIS B 32 1.49 0.20 13.81
N LEU B 33 0.61 1.13 13.41
CA LEU B 33 -0.64 1.40 14.13
C LEU B 33 -1.50 0.15 14.27
N ALA B 34 -1.81 -0.57 13.18
CA ALA B 34 -2.62 -1.79 13.22
C ALA B 34 -2.08 -2.86 14.19
N GLY B 35 -0.75 -2.98 14.30
CA GLY B 35 -0.08 -3.86 15.27
C GLY B 35 -0.33 -3.46 16.73
N GLU B 36 -0.17 -2.18 17.10
CA GLU B 36 -0.40 -1.70 18.47
C GLU B 36 -1.88 -1.48 18.83
N LEU B 37 -2.75 -1.26 17.83
CA LEU B 37 -4.22 -1.36 17.94
C LEU B 37 -4.68 -2.81 18.21
N GLY B 38 -3.83 -3.81 17.92
CA GLY B 38 -4.10 -5.22 18.17
C GLY B 38 -5.03 -5.91 17.17
N TYR B 39 -5.12 -5.39 15.93
CA TYR B 39 -5.85 -6.07 14.85
C TYR B 39 -5.27 -7.47 14.55
N GLN B 40 -6.15 -8.42 14.20
CA GLN B 40 -5.76 -9.72 13.65
C GLN B 40 -4.97 -9.56 12.33
N PRO B 41 -4.01 -10.45 12.02
CA PRO B 41 -3.22 -10.35 10.78
C PRO B 41 -4.07 -10.49 9.51
N GLU B 42 -5.21 -11.18 9.57
CA GLU B 42 -6.18 -11.26 8.49
C GLU B 42 -6.83 -9.90 8.15
N HIS B 43 -6.96 -8.98 9.11
CA HIS B 43 -7.45 -7.61 8.85
C HIS B 43 -6.40 -6.76 8.11
N ILE B 44 -5.11 -6.93 8.41
CA ILE B 44 -4.01 -6.30 7.66
C ILE B 44 -4.09 -6.73 6.18
N ASP B 45 -4.27 -8.02 5.92
CA ASP B 45 -4.47 -8.58 4.56
C ASP B 45 -5.77 -8.11 3.88
N SER B 46 -6.79 -7.68 4.63
CA SER B 46 -8.01 -7.05 4.08
C SER B 46 -7.78 -5.57 3.73
N PHE B 47 -7.07 -4.80 4.57
CA PHE B 47 -6.77 -3.39 4.28
C PHE B 47 -5.90 -3.22 3.02
N THR B 48 -4.90 -4.07 2.82
CA THR B 48 -4.02 -4.06 1.64
C THR B 48 -4.71 -4.41 0.31
N HIS B 49 -5.99 -4.80 0.31
CA HIS B 49 -6.77 -5.06 -0.91
C HIS B 49 -6.86 -3.84 -1.86
N GLU B 50 -6.66 -2.63 -1.34
CA GLU B 50 -6.72 -1.36 -2.07
C GLU B 50 -5.35 -0.64 -2.03
N ALA B 51 -5.07 0.23 -3.00
CA ALA B 51 -3.85 1.06 -3.03
C ALA B 51 -3.75 2.04 -1.84
N CYS B 52 -4.87 2.40 -1.22
CA CYS B 52 -4.93 3.32 -0.08
C CYS B 52 -5.47 2.58 1.16
N PRO B 53 -4.69 1.66 1.78
CA PRO B 53 -5.15 0.85 2.91
C PRO B 53 -5.63 1.71 4.09
N VAL B 54 -5.05 2.90 4.25
CA VAL B 54 -5.48 3.94 5.19
C VAL B 54 -6.96 4.34 5.04
N ARG B 55 -7.51 4.44 3.82
CA ARG B 55 -8.93 4.80 3.62
C ARG B 55 -9.87 3.72 4.17
N ALA B 56 -9.50 2.46 3.97
CA ALA B 56 -10.23 1.31 4.51
C ALA B 56 -10.06 1.19 6.04
N LEU B 57 -8.84 1.37 6.56
CA LEU B 57 -8.55 1.34 8.00
C LEU B 57 -9.35 2.41 8.74
N LEU B 58 -9.25 3.69 8.34
CA LEU B 58 -9.95 4.80 8.99
C LEU B 58 -11.47 4.59 9.00
N ALA B 59 -12.06 4.15 7.87
CA ALA B 59 -13.48 3.85 7.79
C ALA B 59 -13.91 2.68 8.69
N SER B 60 -13.16 1.57 8.69
CA SER B 60 -13.45 0.38 9.52
C SER B 60 -13.12 0.56 11.01
N TRP B 61 -12.24 1.49 11.37
CA TRP B 61 -11.98 1.86 12.77
C TRP B 61 -13.08 2.78 13.32
N ALA B 62 -13.59 3.71 12.49
CA ALA B 62 -14.68 4.63 12.83
C ALA B 62 -16.04 3.97 13.16
N THR B 63 -16.22 2.66 12.90
CA THR B 63 -17.44 1.90 13.25
C THR B 63 -17.62 1.65 14.75
N GLN B 64 -16.59 1.90 15.58
CA GLN B 64 -16.58 1.63 17.02
C GLN B 64 -16.13 2.85 17.85
N ASP B 65 -16.59 2.89 19.11
CA ASP B 65 -16.34 4.00 20.05
C ASP B 65 -14.85 4.16 20.45
N SER B 66 -14.01 3.15 20.18
CA SER B 66 -12.56 3.18 20.36
C SER B 66 -11.84 4.24 19.50
N ALA B 67 -12.49 4.75 18.45
CA ALA B 67 -11.94 5.66 17.44
C ALA B 67 -11.61 7.11 17.91
N THR B 68 -11.34 7.34 19.20
CA THR B 68 -10.94 8.67 19.71
C THR B 68 -9.55 9.07 19.23
N LEU B 69 -9.32 10.38 19.04
CA LEU B 69 -8.00 10.92 18.76
C LEU B 69 -6.99 10.58 19.88
N ASP B 70 -7.43 10.55 21.14
CA ASP B 70 -6.59 10.14 22.28
C ASP B 70 -6.05 8.70 22.13
N ALA B 71 -6.87 7.75 21.67
CA ALA B 71 -6.43 6.38 21.37
C ALA B 71 -5.47 6.32 20.17
N LEU B 72 -5.73 7.12 19.12
CA LEU B 72 -4.85 7.24 17.94
C LEU B 72 -3.46 7.78 18.33
N LEU B 73 -3.44 8.86 19.12
CA LEU B 73 -2.24 9.49 19.67
C LEU B 73 -1.46 8.53 20.59
N ALA B 74 -2.15 7.82 21.50
CA ALA B 74 -1.52 6.85 22.39
C ALA B 74 -0.77 5.74 21.63
N ALA B 75 -1.32 5.24 20.53
CA ALA B 75 -0.68 4.28 19.64
C ALA B 75 0.50 4.90 18.84
N LEU B 76 0.37 6.14 18.34
CA LEU B 76 1.45 6.89 17.68
C LEU B 76 2.72 7.02 18.55
N ARG B 77 2.59 7.10 19.88
CA ARG B 77 3.75 7.10 20.82
C ARG B 77 4.47 5.75 20.87
N ARG B 78 3.72 4.63 20.95
CA ARG B 78 4.29 3.26 21.02
C ARG B 78 5.12 2.90 19.79
N ILE B 79 4.76 3.44 18.62
CA ILE B 79 5.45 3.19 17.35
C ILE B 79 6.52 4.25 17.01
N GLN B 80 6.81 5.16 17.94
CA GLN B 80 7.81 6.24 17.80
C GLN B 80 7.57 7.14 16.56
N ARG B 81 6.31 7.54 16.34
CA ARG B 81 5.86 8.43 15.24
C ARG B 81 5.24 9.74 15.77
N ALA B 82 5.75 10.25 16.90
CA ALA B 82 5.43 11.58 17.43
C ALA B 82 5.72 12.74 16.44
N ASP B 83 6.58 12.53 15.42
CA ASP B 83 6.75 13.46 14.31
C ASP B 83 5.44 13.66 13.51
N LEU B 84 4.68 12.59 13.25
CA LEU B 84 3.37 12.68 12.59
C LEU B 84 2.30 13.29 13.51
N VAL B 85 2.38 13.08 14.83
CA VAL B 85 1.54 13.80 15.80
C VAL B 85 1.70 15.32 15.63
N GLU B 86 2.95 15.81 15.63
CA GLU B 86 3.24 17.23 15.43
C GLU B 86 2.76 17.75 14.07
N SER B 87 3.04 17.04 12.98
CA SER B 87 2.60 17.40 11.63
C SER B 87 1.08 17.46 11.50
N LEU B 88 0.35 16.44 11.98
CA LEU B 88 -1.11 16.41 11.93
C LEU B 88 -1.76 17.52 12.75
N CYS B 89 -1.14 17.94 13.87
CA CYS B 89 -1.57 19.12 14.64
C CYS B 89 -1.30 20.44 13.88
N SER B 90 -0.12 20.60 13.26
CA SER B 90 0.20 21.80 12.44
C SER B 90 -0.71 21.94 11.21
N GLU B 91 -1.00 20.84 10.52
CA GLU B 91 -1.91 20.79 9.36
C GLU B 91 -3.41 20.76 9.76
N SER B 92 -3.74 20.74 11.06
CA SER B 92 -5.11 20.74 11.58
C SER B 92 -5.89 22.04 11.29
N THR B 93 -5.17 23.14 11.01
CA THR B 93 -5.75 24.47 10.76
C THR B 93 -5.13 25.14 9.52
N ALA B 94 -5.64 26.33 9.17
CA ALA B 94 -5.28 27.10 7.98
C ALA B 94 -4.92 28.56 8.33
N THR B 95 -4.43 29.32 7.35
CA THR B 95 -4.12 30.76 7.48
C THR B 95 -5.33 31.56 7.98
N SER B 96 -5.17 32.21 9.13
CA SER B 96 -6.19 33.06 9.77
C SER B 96 -6.50 34.33 8.96
N PRO B 97 -7.70 34.95 9.15
CA PRO B 97 -8.15 36.10 8.38
C PRO B 97 -7.54 37.46 8.81
N VAL B 98 -6.53 37.45 9.69
CA VAL B 98 -5.94 38.63 10.38
C VAL B 98 -4.40 38.63 10.36
N GLY A 5 11.79 -14.22 -21.48
CA GLY A 5 11.99 -12.77 -21.66
C GLY A 5 12.28 -12.00 -20.35
N LEU A 6 12.59 -10.70 -20.45
CA LEU A 6 12.71 -9.78 -19.31
C LEU A 6 11.49 -8.88 -19.17
N TYR A 7 11.11 -8.57 -17.93
CA TYR A 7 10.03 -7.63 -17.62
C TYR A 7 10.28 -6.22 -18.16
N SER A 8 11.54 -5.78 -18.17
CA SER A 8 11.99 -4.52 -18.79
C SER A 8 11.88 -4.47 -20.33
N SER A 9 11.74 -5.63 -20.99
CA SER A 9 11.57 -5.74 -22.45
C SER A 9 10.10 -5.56 -22.89
N LEU A 10 9.13 -5.73 -21.98
CA LEU A 10 7.70 -5.54 -22.23
C LEU A 10 7.35 -4.07 -22.57
N PRO A 11 6.28 -3.82 -23.37
CA PRO A 11 5.81 -2.47 -23.67
C PRO A 11 5.21 -1.77 -22.43
N PRO A 12 5.08 -0.43 -22.43
CA PRO A 12 4.58 0.31 -21.26
C PRO A 12 3.13 -0.06 -20.89
N ALA A 13 2.28 -0.39 -21.87
CA ALA A 13 0.92 -0.88 -21.65
C ALA A 13 0.87 -2.13 -20.76
N LYS A 14 1.73 -3.14 -21.04
CA LYS A 14 1.85 -4.35 -20.22
C LYS A 14 2.20 -4.06 -18.76
N ARG A 15 2.97 -3.00 -18.50
CA ARG A 15 3.36 -2.61 -17.13
C ARG A 15 2.24 -1.88 -16.40
N GLU A 16 1.48 -1.05 -17.09
CA GLU A 16 0.22 -0.46 -16.59
C GLU A 16 -0.82 -1.53 -16.23
N GLU A 17 -0.90 -2.64 -16.97
CA GLU A 17 -1.76 -3.78 -16.61
C GLU A 17 -1.40 -4.42 -15.27
N VAL A 18 -0.11 -4.62 -14.95
CA VAL A 18 0.32 -5.18 -13.65
C VAL A 18 -0.06 -4.24 -12.50
N GLU A 19 0.16 -2.93 -12.68
CA GLU A 19 -0.31 -1.91 -11.73
C GLU A 19 -1.83 -1.99 -11.50
N LYS A 20 -2.63 -2.03 -12.58
CA LYS A 20 -4.10 -2.08 -12.48
C LYS A 20 -4.60 -3.36 -11.77
N LEU A 21 -3.97 -4.51 -12.02
CA LEU A 21 -4.35 -5.79 -11.41
C LEU A 21 -4.23 -5.72 -9.88
N LEU A 22 -3.07 -5.29 -9.35
CA LEU A 22 -2.91 -5.12 -7.90
C LEU A 22 -3.78 -3.96 -7.36
N ASN A 23 -3.87 -2.83 -8.07
CA ASN A 23 -4.69 -1.68 -7.66
C ASN A 23 -6.19 -2.02 -7.51
N GLY A 24 -6.72 -2.93 -8.34
CA GLY A 24 -8.15 -3.25 -8.43
C GLY A 24 -8.58 -4.57 -7.76
N SER A 25 -7.68 -5.55 -7.61
CA SER A 25 -8.05 -6.90 -7.13
C SER A 25 -7.37 -7.31 -5.83
N ALA A 26 -6.05 -7.06 -5.69
CA ALA A 26 -5.26 -7.55 -4.55
C ALA A 26 -3.92 -6.79 -4.42
N GLY A 27 -3.94 -5.63 -3.77
CA GLY A 27 -2.77 -4.74 -3.56
C GLY A 27 -1.69 -5.26 -2.59
N ASP A 28 -1.60 -6.57 -2.42
CA ASP A 28 -0.90 -7.25 -1.33
C ASP A 28 0.04 -8.39 -1.77
N THR A 29 -0.14 -8.91 -2.99
CA THR A 29 0.68 -10.01 -3.53
C THR A 29 2.16 -9.64 -3.68
N TRP A 30 2.47 -8.35 -3.83
CA TRP A 30 3.82 -7.80 -3.84
C TRP A 30 4.60 -8.08 -2.53
N ARG A 31 3.93 -8.13 -1.37
CA ARG A 31 4.55 -8.45 -0.08
C ARG A 31 5.04 -9.89 -0.05
N HIS A 32 4.19 -10.80 -0.50
CA HIS A 32 4.49 -12.23 -0.62
C HIS A 32 5.61 -12.47 -1.65
N LEU A 33 5.55 -11.79 -2.80
CA LEU A 33 6.62 -11.80 -3.80
C LEU A 33 7.95 -11.32 -3.22
N ALA A 34 7.99 -10.17 -2.54
CA ALA A 34 9.20 -9.64 -1.90
C ALA A 34 9.81 -10.64 -0.90
N GLY A 35 8.97 -11.31 -0.10
CA GLY A 35 9.39 -12.38 0.81
C GLY A 35 10.09 -13.56 0.13
N GLU A 36 9.53 -14.08 -0.97
CA GLU A 36 10.10 -15.22 -1.71
C GLU A 36 11.24 -14.85 -2.67
N LEU A 37 11.30 -13.60 -3.16
CA LEU A 37 12.47 -13.01 -3.83
C LEU A 37 13.65 -12.79 -2.86
N GLY A 38 13.41 -12.80 -1.54
CA GLY A 38 14.43 -12.55 -0.51
C GLY A 38 14.79 -11.08 -0.32
N TYR A 39 13.90 -10.15 -0.71
CA TYR A 39 14.07 -8.71 -0.45
C TYR A 39 14.13 -8.42 1.06
N GLN A 40 15.08 -7.57 1.46
CA GLN A 40 15.27 -7.16 2.86
C GLN A 40 14.07 -6.32 3.36
N PRO A 41 13.73 -6.37 4.67
CA PRO A 41 12.53 -5.72 5.21
C PRO A 41 12.59 -4.18 5.11
N GLU A 42 13.79 -3.59 5.16
CA GLU A 42 13.96 -2.14 4.95
C GLU A 42 13.59 -1.67 3.53
N HIS A 43 13.67 -2.55 2.51
CA HIS A 43 13.19 -2.24 1.16
C HIS A 43 11.65 -2.32 1.07
N ILE A 44 11.01 -3.25 1.77
CA ILE A 44 9.54 -3.30 1.91
C ILE A 44 9.03 -1.98 2.52
N ASP A 45 9.70 -1.47 3.56
CA ASP A 45 9.42 -0.16 4.14
C ASP A 45 9.72 1.03 3.20
N SER A 46 10.63 0.88 2.23
CA SER A 46 10.85 1.88 1.17
C SER A 46 9.80 1.82 0.05
N PHE A 47 9.10 0.70 -0.13
CA PHE A 47 8.03 0.56 -1.13
C PHE A 47 6.66 1.00 -0.59
N THR A 48 6.37 0.83 0.69
CA THR A 48 5.17 1.38 1.36
C THR A 48 5.13 2.91 1.43
N HIS A 49 6.20 3.63 1.01
CA HIS A 49 6.21 5.10 0.94
C HIS A 49 5.15 5.71 0.00
N GLU A 50 4.51 4.92 -0.87
CA GLU A 50 3.39 5.35 -1.72
C GLU A 50 2.24 4.31 -1.74
N ALA A 51 1.06 4.74 -2.21
CA ALA A 51 -0.13 3.88 -2.37
C ALA A 51 0.05 2.75 -3.41
N CYS A 52 1.04 2.86 -4.31
CA CYS A 52 1.30 1.87 -5.36
C CYS A 52 2.70 1.25 -5.18
N PRO A 53 2.94 0.45 -4.10
CA PRO A 53 4.26 -0.13 -3.81
C PRO A 53 4.80 -0.98 -4.96
N VAL A 54 3.91 -1.63 -5.72
CA VAL A 54 4.21 -2.32 -6.97
C VAL A 54 4.97 -1.46 -7.98
N ARG A 55 4.65 -0.16 -8.14
CA ARG A 55 5.35 0.73 -9.08
C ARG A 55 6.82 0.91 -8.72
N ALA A 56 7.14 0.96 -7.43
CA ALA A 56 8.50 1.06 -6.91
C ALA A 56 9.23 -0.29 -6.94
N LEU A 57 8.56 -1.39 -6.56
CA LEU A 57 9.11 -2.75 -6.62
C LEU A 57 9.51 -3.11 -8.05
N LEU A 58 8.61 -2.95 -9.03
CA LEU A 58 8.88 -3.23 -10.44
C LEU A 58 10.04 -2.39 -11.00
N ALA A 59 10.11 -1.10 -10.66
CA ALA A 59 11.21 -0.22 -11.06
C ALA A 59 12.56 -0.66 -10.47
N SER A 60 12.63 -0.97 -9.18
CA SER A 60 13.84 -1.47 -8.51
C SER A 60 14.25 -2.86 -8.99
N TRP A 61 13.29 -3.77 -9.24
CA TRP A 61 13.58 -5.11 -9.74
C TRP A 61 14.10 -5.10 -11.19
N ALA A 62 13.52 -4.25 -12.06
CA ALA A 62 13.98 -4.03 -13.43
C ALA A 62 15.40 -3.42 -13.55
N THR A 63 16.01 -2.96 -12.44
CA THR A 63 17.40 -2.47 -12.41
C THR A 63 18.45 -3.57 -12.64
N GLN A 64 18.05 -4.85 -12.57
CA GLN A 64 18.95 -6.01 -12.64
C GLN A 64 18.42 -7.10 -13.60
N ASP A 65 19.34 -7.91 -14.16
CA ASP A 65 19.00 -8.96 -15.13
C ASP A 65 18.15 -10.12 -14.53
N SER A 66 18.08 -10.21 -13.20
CA SER A 66 17.19 -11.15 -12.49
C SER A 66 15.69 -10.95 -12.80
N ALA A 67 15.32 -9.80 -13.39
CA ALA A 67 13.96 -9.42 -13.80
C ALA A 67 13.33 -10.25 -14.95
N THR A 68 13.72 -11.52 -15.14
CA THR A 68 13.12 -12.40 -16.14
C THR A 68 11.67 -12.75 -15.78
N LEU A 69 10.79 -12.87 -16.78
CA LEU A 69 9.42 -13.30 -16.57
C LEU A 69 9.37 -14.73 -15.99
N ASP A 70 10.31 -15.59 -16.40
CA ASP A 70 10.55 -16.91 -15.81
C ASP A 70 10.75 -16.88 -14.29
N ALA A 71 11.61 -15.98 -13.78
CA ALA A 71 11.83 -15.80 -12.34
C ALA A 71 10.60 -15.20 -11.63
N LEU A 72 9.87 -14.28 -12.27
CA LEU A 72 8.64 -13.70 -11.76
C LEU A 72 7.58 -14.80 -11.54
N LEU A 73 7.32 -15.60 -12.57
CA LEU A 73 6.36 -16.70 -12.56
C LEU A 73 6.69 -17.75 -11.49
N ALA A 74 7.96 -18.15 -11.36
CA ALA A 74 8.41 -19.08 -10.32
C ALA A 74 8.07 -18.59 -8.90
N ALA A 75 8.27 -17.29 -8.62
CA ALA A 75 7.90 -16.69 -7.33
C ALA A 75 6.37 -16.69 -7.09
N LEU A 76 5.55 -16.40 -8.10
CA LEU A 76 4.08 -16.51 -8.02
C LEU A 76 3.60 -17.93 -7.65
N ARG A 77 4.29 -18.99 -8.10
CA ARG A 77 3.96 -20.38 -7.69
C ARG A 77 4.25 -20.63 -6.21
N ARG A 78 5.41 -20.18 -5.71
CA ARG A 78 5.82 -20.34 -4.30
C ARG A 78 4.84 -19.71 -3.29
N ILE A 79 4.18 -18.62 -3.70
CA ILE A 79 3.16 -17.91 -2.88
C ILE A 79 1.72 -18.37 -3.16
N GLN A 80 1.53 -19.40 -3.98
CA GLN A 80 0.21 -19.92 -4.41
C GLN A 80 -0.72 -18.86 -5.03
N ARG A 81 -0.16 -18.03 -5.93
CA ARG A 81 -0.86 -16.98 -6.71
C ARG A 81 -0.82 -17.25 -8.22
N ALA A 82 -0.81 -18.53 -8.62
CA ALA A 82 -1.02 -18.96 -10.01
C ALA A 82 -2.33 -18.43 -10.64
N ASP A 83 -3.31 -18.00 -9.82
CA ASP A 83 -4.50 -17.28 -10.30
C ASP A 83 -4.16 -15.94 -10.97
N LEU A 84 -3.21 -15.16 -10.40
CA LEU A 84 -2.68 -13.94 -11.04
C LEU A 84 -1.85 -14.25 -12.28
N VAL A 85 -1.13 -15.38 -12.33
CA VAL A 85 -0.37 -15.80 -13.53
C VAL A 85 -1.29 -15.93 -14.74
N GLU A 86 -2.41 -16.66 -14.61
CA GLU A 86 -3.37 -16.80 -15.71
C GLU A 86 -4.04 -15.46 -16.07
N SER A 87 -4.40 -14.63 -15.08
CA SER A 87 -4.93 -13.28 -15.32
C SER A 87 -3.95 -12.39 -16.09
N LEU A 88 -2.66 -12.37 -15.74
CA LEU A 88 -1.64 -11.58 -16.43
C LEU A 88 -1.45 -12.01 -17.90
N CYS A 89 -1.52 -13.31 -18.19
CA CYS A 89 -1.50 -13.82 -19.57
C CYS A 89 -2.70 -13.33 -20.39
N SER A 90 -3.89 -13.24 -19.79
CA SER A 90 -5.11 -12.73 -20.45
C SER A 90 -5.19 -11.20 -20.54
N GLU A 91 -4.67 -10.46 -19.55
CA GLU A 91 -4.66 -8.98 -19.53
C GLU A 91 -3.85 -8.36 -20.69
N SER A 92 -2.91 -9.12 -21.25
CA SER A 92 -2.03 -8.76 -22.37
C SER A 92 -2.75 -8.20 -23.62
N THR A 93 -4.01 -8.58 -23.87
CA THR A 93 -4.76 -8.26 -25.10
C THR A 93 -5.32 -6.83 -25.16
N ALA A 94 -5.13 -6.01 -24.12
CA ALA A 94 -5.80 -4.72 -23.92
C ALA A 94 -5.78 -3.77 -25.13
N THR A 95 -4.60 -3.34 -25.59
CA THR A 95 -4.41 -2.35 -26.68
C THR A 95 -2.98 -2.32 -27.23
N SER A 96 -2.77 -1.57 -28.32
CA SER A 96 -1.45 -1.22 -28.90
C SER A 96 -0.46 -0.61 -27.87
N PRO A 97 0.86 -0.71 -28.09
CA PRO A 97 1.89 -0.28 -27.12
C PRO A 97 2.10 1.24 -27.01
N VAL A 98 1.37 2.05 -27.78
CA VAL A 98 1.43 3.54 -27.80
C VAL A 98 1.17 4.20 -26.43
N GLY B 5 -13.41 13.20 21.11
CA GLY B 5 -13.56 13.61 19.72
C GLY B 5 -13.46 12.44 18.73
N LEU B 6 -14.57 11.80 18.38
CA LEU B 6 -14.60 10.73 17.37
C LEU B 6 -14.02 11.20 16.02
N TYR B 7 -13.15 10.38 15.42
CA TYR B 7 -12.54 10.64 14.10
C TYR B 7 -13.59 10.80 12.99
N SER B 8 -14.71 10.08 13.08
CA SER B 8 -15.87 10.22 12.18
C SER B 8 -16.59 11.59 12.28
N SER B 9 -16.33 12.38 13.33
CA SER B 9 -16.86 13.74 13.52
C SER B 9 -16.06 14.82 12.78
N LEU B 10 -14.83 14.52 12.34
CA LEU B 10 -13.99 15.45 11.55
C LEU B 10 -14.60 15.72 10.15
N PRO B 11 -14.34 16.90 9.54
CA PRO B 11 -14.82 17.21 8.20
C PRO B 11 -14.10 16.37 7.12
N PRO B 12 -14.69 16.22 5.91
CA PRO B 12 -14.12 15.38 4.85
C PRO B 12 -12.75 15.86 4.38
N ALA B 13 -12.51 17.19 4.35
CA ALA B 13 -11.21 17.77 4.02
C ALA B 13 -10.08 17.29 4.94
N LYS B 14 -10.33 17.19 6.26
CA LYS B 14 -9.37 16.64 7.24
C LYS B 14 -9.08 15.16 7.00
N ARG B 15 -10.10 14.37 6.63
CA ARG B 15 -9.91 12.94 6.30
C ARG B 15 -9.07 12.75 5.04
N GLU B 16 -9.27 13.60 4.03
CA GLU B 16 -8.42 13.62 2.82
C GLU B 16 -6.95 13.97 3.11
N GLU B 17 -6.65 14.85 4.07
CA GLU B 17 -5.26 15.14 4.45
C GLU B 17 -4.53 13.93 5.07
N VAL B 18 -5.23 13.11 5.87
CA VAL B 18 -4.67 11.85 6.40
C VAL B 18 -4.31 10.89 5.24
N GLU B 19 -5.19 10.74 4.24
CA GLU B 19 -4.86 9.98 3.03
C GLU B 19 -3.67 10.59 2.27
N LYS B 20 -3.63 11.91 2.05
CA LYS B 20 -2.56 12.58 1.29
C LYS B 20 -1.17 12.39 1.94
N LEU B 21 -1.09 12.44 3.27
CA LEU B 21 0.14 12.15 4.03
C LEU B 21 0.70 10.75 3.74
N LEU B 22 -0.17 9.73 3.71
CA LEU B 22 0.25 8.35 3.45
C LEU B 22 0.44 8.04 1.95
N ASN B 23 -0.33 8.68 1.07
CA ASN B 23 -0.18 8.55 -0.39
C ASN B 23 1.10 9.24 -0.92
N GLY B 24 1.54 10.32 -0.26
CA GLY B 24 2.56 11.23 -0.79
C GLY B 24 3.87 11.28 0.00
N SER B 25 3.84 11.22 1.33
CA SER B 25 5.05 11.34 2.17
C SER B 25 5.58 9.98 2.61
N ALA B 26 4.77 9.18 3.32
CA ALA B 26 5.12 7.83 3.76
C ALA B 26 3.87 7.03 4.20
N GLY B 27 3.57 5.93 3.51
CA GLY B 27 2.36 5.11 3.72
C GLY B 27 2.56 3.85 4.58
N ASP B 28 3.66 3.75 5.33
CA ASP B 28 3.90 2.65 6.29
C ASP B 28 3.17 2.82 7.63
N THR B 29 2.86 4.06 8.02
CA THR B 29 2.49 4.42 9.40
C THR B 29 1.24 3.70 9.92
N TRP B 30 0.28 3.40 9.04
CA TRP B 30 -0.93 2.66 9.38
C TRP B 30 -0.64 1.21 9.83
N ARG B 31 0.40 0.56 9.31
CA ARG B 31 0.77 -0.83 9.68
C ARG B 31 1.30 -0.89 11.12
N HIS B 32 2.15 0.09 11.47
CA HIS B 32 2.63 0.29 12.83
C HIS B 32 1.45 0.61 13.79
N LEU B 33 0.55 1.53 13.40
CA LEU B 33 -0.66 1.84 14.15
C LEU B 33 -1.54 0.61 14.40
N ALA B 34 -1.89 -0.14 13.35
CA ALA B 34 -2.75 -1.33 13.44
C ALA B 34 -2.21 -2.40 14.39
N GLY B 35 -0.87 -2.58 14.43
CA GLY B 35 -0.19 -3.47 15.39
C GLY B 35 -0.39 -3.06 16.85
N GLU B 36 -0.25 -1.77 17.18
CA GLU B 36 -0.47 -1.24 18.54
C GLU B 36 -1.97 -1.09 18.92
N LEU B 37 -2.85 -0.88 17.93
CA LEU B 37 -4.31 -1.02 18.06
C LEU B 37 -4.75 -2.48 18.33
N GLY B 38 -3.90 -3.46 18.06
CA GLY B 38 -4.13 -4.88 18.34
C GLY B 38 -4.87 -5.66 17.24
N TYR B 39 -4.95 -5.12 16.02
CA TYR B 39 -5.53 -5.84 14.87
C TYR B 39 -4.70 -7.09 14.53
N GLN B 40 -5.38 -8.23 14.39
CA GLN B 40 -4.75 -9.50 13.94
C GLN B 40 -4.18 -9.37 12.51
N PRO B 41 -3.13 -10.15 12.15
CA PRO B 41 -2.46 -10.06 10.86
C PRO B 41 -3.38 -10.33 9.66
N GLU B 42 -4.42 -11.14 9.83
CA GLU B 42 -5.45 -11.37 8.79
C GLU B 42 -6.22 -10.10 8.39
N HIS B 43 -6.45 -9.16 9.31
CA HIS B 43 -7.06 -7.86 8.98
C HIS B 43 -6.09 -6.94 8.23
N ILE B 44 -4.79 -6.98 8.54
CA ILE B 44 -3.76 -6.25 7.80
C ILE B 44 -3.76 -6.69 6.32
N ASP B 45 -3.83 -8.01 6.07
CA ASP B 45 -3.96 -8.57 4.73
C ASP B 45 -5.28 -8.17 4.02
N SER B 46 -6.40 -8.07 4.76
CA SER B 46 -7.67 -7.55 4.21
C SER B 46 -7.57 -6.07 3.81
N PHE B 47 -6.89 -5.22 4.60
CA PHE B 47 -6.70 -3.81 4.26
C PHE B 47 -5.80 -3.62 3.03
N THR B 48 -4.69 -4.36 2.90
CA THR B 48 -3.79 -4.29 1.72
C THR B 48 -4.40 -4.79 0.41
N HIS B 49 -5.60 -5.38 0.40
CA HIS B 49 -6.30 -5.69 -0.87
C HIS B 49 -6.51 -4.46 -1.77
N GLU B 50 -6.55 -3.24 -1.20
CA GLU B 50 -6.63 -1.98 -1.94
C GLU B 50 -5.28 -1.24 -1.95
N ALA B 51 -5.02 -0.45 -2.98
CA ALA B 51 -3.84 0.44 -3.06
C ALA B 51 -3.78 1.49 -1.94
N CYS B 52 -4.93 1.92 -1.41
CA CYS B 52 -5.04 2.91 -0.34
C CYS B 52 -5.56 2.26 0.95
N PRO B 53 -4.79 1.37 1.61
CA PRO B 53 -5.26 0.57 2.75
C PRO B 53 -5.74 1.44 3.92
N VAL B 54 -5.15 2.63 4.07
CA VAL B 54 -5.58 3.67 5.01
C VAL B 54 -7.07 4.05 4.86
N ARG B 55 -7.64 4.13 3.65
CA ARG B 55 -9.07 4.45 3.46
C ARG B 55 -9.98 3.36 4.04
N ALA B 56 -9.59 2.08 3.84
CA ALA B 56 -10.30 0.92 4.36
C ALA B 56 -10.13 0.79 5.89
N LEU B 57 -8.92 1.02 6.41
CA LEU B 57 -8.63 1.03 7.84
C LEU B 57 -9.47 2.10 8.56
N LEU B 58 -9.41 3.36 8.11
CA LEU B 58 -10.16 4.46 8.72
C LEU B 58 -11.67 4.22 8.69
N ALA B 59 -12.21 3.70 7.57
CA ALA B 59 -13.62 3.34 7.45
C ALA B 59 -14.04 2.22 8.42
N SER B 60 -13.27 1.12 8.50
CA SER B 60 -13.54 0.00 9.40
C SER B 60 -13.30 0.34 10.88
N TRP B 61 -12.31 1.17 11.20
CA TRP B 61 -12.05 1.64 12.57
C TRP B 61 -13.18 2.56 13.06
N ALA B 62 -13.66 3.47 12.20
CA ALA B 62 -14.83 4.32 12.47
C ALA B 62 -16.17 3.55 12.67
N THR B 63 -16.21 2.24 12.39
CA THR B 63 -17.37 1.37 12.70
C THR B 63 -17.63 1.18 14.20
N GLN B 64 -16.65 1.52 15.05
CA GLN B 64 -16.71 1.36 16.51
C GLN B 64 -16.32 2.64 17.27
N ASP B 65 -16.85 2.81 18.48
CA ASP B 65 -16.64 3.99 19.31
C ASP B 65 -15.20 4.14 19.86
N SER B 66 -14.34 3.12 19.68
CA SER B 66 -12.90 3.20 19.94
C SER B 66 -12.19 4.25 19.08
N ALA B 67 -12.82 4.69 17.98
CA ALA B 67 -12.29 5.62 16.98
C ALA B 67 -12.08 7.10 17.44
N THR B 68 -11.88 7.37 18.74
CA THR B 68 -11.57 8.73 19.22
C THR B 68 -10.19 9.19 18.76
N LEU B 69 -10.04 10.50 18.50
CA LEU B 69 -8.75 11.10 18.19
C LEU B 69 -7.77 10.89 19.35
N ASP B 70 -8.24 10.98 20.60
CA ASP B 70 -7.43 10.68 21.79
C ASP B 70 -6.81 9.27 21.78
N ALA B 71 -7.58 8.23 21.40
CA ALA B 71 -7.07 6.88 21.23
C ALA B 71 -6.12 6.73 20.03
N LEU B 72 -6.38 7.45 18.92
CA LEU B 72 -5.50 7.49 17.74
C LEU B 72 -4.12 8.06 18.11
N LEU B 73 -4.11 9.23 18.75
CA LEU B 73 -2.92 9.93 19.25
C LEU B 73 -2.12 9.07 20.22
N ALA B 74 -2.78 8.41 21.18
CA ALA B 74 -2.15 7.51 22.13
C ALA B 74 -1.38 6.36 21.48
N ALA B 75 -1.83 5.86 20.31
CA ALA B 75 -1.15 4.83 19.55
C ALA B 75 0.02 5.37 18.70
N LEU B 76 -0.11 6.57 18.10
CA LEU B 76 0.99 7.26 17.40
C LEU B 76 2.23 7.49 18.31
N ARG B 77 2.04 7.67 19.62
CA ARG B 77 3.14 7.78 20.60
C ARG B 77 3.91 6.48 20.80
N ARG B 78 3.23 5.31 20.89
CA ARG B 78 3.89 3.99 21.03
C ARG B 78 4.85 3.68 19.87
N ILE B 79 4.45 4.05 18.66
CA ILE B 79 5.21 3.79 17.42
C ILE B 79 6.23 4.89 17.07
N GLN B 80 6.44 5.87 17.97
CA GLN B 80 7.33 7.02 17.79
C GLN B 80 7.07 7.80 16.47
N ARG B 81 5.78 8.04 16.17
CA ARG B 81 5.31 8.87 15.04
C ARG B 81 4.62 10.17 15.51
N ALA B 82 5.02 10.68 16.67
CA ALA B 82 4.65 12.01 17.17
C ALA B 82 4.97 13.17 16.19
N ASP B 83 5.89 12.96 15.24
CA ASP B 83 6.12 13.88 14.13
C ASP B 83 4.88 14.07 13.23
N LEU B 84 4.15 12.98 12.92
CA LEU B 84 2.87 13.06 12.20
C LEU B 84 1.75 13.64 13.06
N VAL B 85 1.76 13.40 14.39
CA VAL B 85 0.81 14.05 15.32
C VAL B 85 0.88 15.57 15.20
N GLU B 86 2.08 16.14 15.22
CA GLU B 86 2.27 17.58 15.06
C GLU B 86 1.89 18.06 13.65
N SER B 87 2.22 17.34 12.58
CA SER B 87 1.77 17.68 11.22
C SER B 87 0.25 17.74 11.11
N LEU B 88 -0.47 16.73 11.63
CA LEU B 88 -1.93 16.64 11.54
C LEU B 88 -2.69 17.77 12.27
N CYS B 89 -2.10 18.40 13.29
CA CYS B 89 -2.73 19.55 13.96
C CYS B 89 -2.22 20.91 13.43
N SER B 90 -0.94 21.02 13.01
CA SER B 90 -0.39 22.25 12.39
C SER B 90 -0.98 22.53 11.00
N GLU B 91 -1.16 21.51 10.17
CA GLU B 91 -1.74 21.66 8.82
C GLU B 91 -3.28 21.85 8.83
N SER B 92 -3.93 21.68 9.98
CA SER B 92 -5.38 21.83 10.17
C SER B 92 -5.90 23.26 9.91
N THR B 93 -5.05 24.28 10.07
CA THR B 93 -5.35 25.72 9.88
C THR B 93 -6.64 26.16 10.60
N ALA B 94 -6.82 25.67 11.84
CA ALA B 94 -8.00 25.92 12.68
C ALA B 94 -8.02 27.35 13.26
N THR B 95 -8.55 28.32 12.49
CA THR B 95 -8.64 29.74 12.87
C THR B 95 -9.99 30.33 12.45
N SER B 96 -10.63 31.07 13.36
CA SER B 96 -11.91 31.78 13.14
C SER B 96 -11.82 32.94 12.13
N PRO B 97 -12.94 33.37 11.51
CA PRO B 97 -12.94 34.40 10.46
C PRO B 97 -12.81 35.85 10.95
N VAL B 98 -12.79 36.09 12.28
CA VAL B 98 -12.81 37.42 12.93
C VAL B 98 -11.84 37.54 14.11
N GLY A 5 -13.84 14.09 20.86
CA GLY A 5 -12.75 14.01 19.87
C GLY A 5 -12.58 12.64 19.20
N LEU A 6 -13.66 11.99 18.77
CA LEU A 6 -13.56 10.88 17.79
C LEU A 6 -13.04 11.37 16.44
N TYR A 7 -12.30 10.51 15.73
CA TYR A 7 -11.88 10.72 14.35
C TYR A 7 -13.07 10.97 13.41
N SER A 8 -14.20 10.32 13.66
CA SER A 8 -15.50 10.51 12.97
C SER A 8 -16.09 11.92 13.12
N SER A 9 -15.66 12.69 14.13
CA SER A 9 -16.10 14.07 14.40
C SER A 9 -15.29 15.13 13.63
N LEU A 10 -14.09 14.78 13.14
CA LEU A 10 -13.25 15.67 12.31
C LEU A 10 -13.90 15.99 10.96
N PRO A 11 -13.62 17.16 10.36
CA PRO A 11 -14.13 17.53 9.04
C PRO A 11 -13.53 16.65 7.92
N PRO A 12 -14.19 16.55 6.74
CA PRO A 12 -13.70 15.73 5.62
C PRO A 12 -12.33 16.19 5.11
N ALA A 13 -12.05 17.50 5.14
CA ALA A 13 -10.74 18.06 4.78
C ALA A 13 -9.59 17.51 5.64
N LYS A 14 -9.81 17.28 6.95
CA LYS A 14 -8.81 16.65 7.82
C LYS A 14 -8.53 15.20 7.44
N ARG A 15 -9.56 14.42 7.12
CA ARG A 15 -9.41 13.00 6.74
C ARG A 15 -8.71 12.84 5.38
N GLU A 16 -9.01 13.73 4.43
CA GLU A 16 -8.26 13.88 3.17
C GLU A 16 -6.77 14.18 3.42
N GLU A 17 -6.45 15.05 4.38
CA GLU A 17 -5.07 15.39 4.74
C GLU A 17 -4.26 14.18 5.26
N VAL A 18 -4.87 13.30 6.08
CA VAL A 18 -4.21 12.06 6.55
C VAL A 18 -3.94 11.10 5.39
N GLU A 19 -4.89 10.92 4.47
CA GLU A 19 -4.66 10.16 3.24
C GLU A 19 -3.52 10.74 2.41
N LYS A 20 -3.47 12.07 2.20
CA LYS A 20 -2.40 12.73 1.43
C LYS A 20 -1.01 12.53 2.07
N LEU A 21 -0.92 12.64 3.40
CA LEU A 21 0.33 12.49 4.15
C LEU A 21 0.92 11.07 3.94
N LEU A 22 0.10 10.02 4.08
CA LEU A 22 0.54 8.65 3.79
C LEU A 22 0.79 8.41 2.29
N ASN A 23 -0.03 8.96 1.39
CA ASN A 23 0.14 8.83 -0.06
C ASN A 23 1.44 9.45 -0.59
N GLY A 24 1.94 10.52 0.05
CA GLY A 24 3.05 11.35 -0.45
C GLY A 24 4.36 11.25 0.35
N SER A 25 4.31 11.03 1.67
CA SER A 25 5.50 10.97 2.53
C SER A 25 5.92 9.53 2.87
N ALA A 26 5.01 8.74 3.45
CA ALA A 26 5.28 7.35 3.84
C ALA A 26 3.97 6.56 4.10
N GLY A 27 3.58 5.69 3.17
CA GLY A 27 2.35 4.89 3.19
C GLY A 27 2.38 3.63 4.07
N ASP A 28 3.18 3.63 5.14
CA ASP A 28 3.50 2.45 5.96
C ASP A 28 3.15 2.59 7.45
N THR A 29 2.96 3.81 7.96
CA THR A 29 2.67 4.10 9.37
C THR A 29 1.37 3.48 9.86
N TRP A 30 0.41 3.26 8.95
CA TRP A 30 -0.82 2.53 9.23
C TRP A 30 -0.58 1.06 9.66
N ARG A 31 0.47 0.41 9.16
CA ARG A 31 0.82 -0.99 9.51
C ARG A 31 1.30 -1.09 10.95
N HIS A 32 2.18 -0.16 11.33
CA HIS A 32 2.65 0.00 12.70
C HIS A 32 1.48 0.32 13.65
N LEU A 33 0.58 1.24 13.26
CA LEU A 33 -0.66 1.52 14.00
C LEU A 33 -1.52 0.26 14.17
N ALA A 34 -1.84 -0.47 13.11
CA ALA A 34 -2.65 -1.69 13.19
C ALA A 34 -2.07 -2.74 14.17
N GLY A 35 -0.74 -2.88 14.19
CA GLY A 35 -0.02 -3.72 15.16
C GLY A 35 -0.24 -3.30 16.62
N GLU A 36 -0.04 -2.02 16.95
CA GLU A 36 -0.21 -1.49 18.33
C GLU A 36 -1.68 -1.30 18.75
N LEU A 37 -2.61 -1.12 17.79
CA LEU A 37 -4.07 -1.22 18.00
C LEU A 37 -4.51 -2.65 18.34
N GLY A 38 -3.67 -3.66 18.10
CA GLY A 38 -3.97 -5.08 18.35
C GLY A 38 -4.93 -5.71 17.33
N TYR A 39 -5.05 -5.13 16.13
CA TYR A 39 -5.79 -5.76 15.02
C TYR A 39 -5.18 -7.11 14.64
N GLN A 40 -6.04 -8.09 14.31
CA GLN A 40 -5.60 -9.40 13.80
C GLN A 40 -4.86 -9.27 12.45
N PRO A 41 -3.93 -10.19 12.12
CA PRO A 41 -3.21 -10.17 10.84
C PRO A 41 -4.14 -10.33 9.62
N GLU A 42 -5.28 -11.01 9.80
CA GLU A 42 -6.31 -11.15 8.76
C GLU A 42 -6.94 -9.80 8.36
N HIS A 43 -7.08 -8.85 9.31
CA HIS A 43 -7.53 -7.49 8.99
C HIS A 43 -6.47 -6.70 8.22
N ILE A 44 -5.19 -6.84 8.55
CA ILE A 44 -4.08 -6.21 7.80
C ILE A 44 -4.10 -6.68 6.34
N ASP A 45 -4.25 -7.98 6.10
CA ASP A 45 -4.39 -8.57 4.75
C ASP A 45 -5.69 -8.16 4.04
N SER A 46 -6.73 -7.79 4.78
CA SER A 46 -7.98 -7.23 4.22
C SER A 46 -7.81 -5.76 3.79
N PHE A 47 -7.09 -4.94 4.58
CA PHE A 47 -6.81 -3.55 4.25
C PHE A 47 -5.87 -3.40 3.03
N THR A 48 -4.84 -4.24 2.90
CA THR A 48 -3.95 -4.27 1.70
C THR A 48 -4.65 -4.70 0.40
N HIS A 49 -5.94 -5.04 0.41
CA HIS A 49 -6.72 -5.22 -0.81
C HIS A 49 -6.62 -4.01 -1.76
N GLU A 50 -6.68 -2.79 -1.22
CA GLU A 50 -6.57 -1.55 -2.00
C GLU A 50 -5.13 -0.98 -1.99
N ALA A 51 -4.81 -0.15 -3.00
CA ALA A 51 -3.60 0.68 -3.01
C ALA A 51 -3.56 1.69 -1.85
N CYS A 52 -4.72 2.14 -1.37
CA CYS A 52 -4.83 3.10 -0.27
C CYS A 52 -5.39 2.42 1.00
N PRO A 53 -4.66 1.49 1.65
CA PRO A 53 -5.17 0.71 2.79
C PRO A 53 -5.62 1.60 3.96
N VAL A 54 -4.98 2.76 4.11
CA VAL A 54 -5.39 3.82 5.04
C VAL A 54 -6.86 4.23 4.88
N ARG A 55 -7.41 4.34 3.66
CA ARG A 55 -8.82 4.72 3.44
C ARG A 55 -9.78 3.68 4.03
N ALA A 56 -9.45 2.40 3.87
CA ALA A 56 -10.23 1.29 4.38
C ALA A 56 -10.06 1.14 5.91
N LEU A 57 -8.85 1.33 6.43
CA LEU A 57 -8.57 1.32 7.88
C LEU A 57 -9.36 2.43 8.58
N LEU A 58 -9.23 3.68 8.12
CA LEU A 58 -9.94 4.83 8.70
C LEU A 58 -11.47 4.63 8.68
N ALA A 59 -12.03 4.10 7.59
CA ALA A 59 -13.45 3.75 7.50
C ALA A 59 -13.89 2.68 8.51
N SER A 60 -13.14 1.57 8.62
CA SER A 60 -13.41 0.47 9.58
C SER A 60 -13.07 0.80 11.04
N TRP A 61 -12.27 1.86 11.29
CA TRP A 61 -12.02 2.39 12.62
C TRP A 61 -13.13 3.35 13.05
N ALA A 62 -13.57 4.25 12.16
CA ALA A 62 -14.65 5.22 12.42
C ALA A 62 -16.01 4.59 12.81
N THR A 63 -16.27 3.33 12.45
CA THR A 63 -17.47 2.57 12.84
C THR A 63 -17.48 2.10 14.31
N GLN A 64 -16.43 2.34 15.11
CA GLN A 64 -16.33 1.89 16.50
C GLN A 64 -15.79 2.97 17.46
N ASP A 65 -16.22 2.91 18.72
CA ASP A 65 -15.95 3.93 19.75
C ASP A 65 -14.47 4.06 20.18
N SER A 66 -13.62 3.08 19.85
CA SER A 66 -12.16 3.16 20.07
C SER A 66 -11.46 4.22 19.20
N ALA A 67 -12.15 4.80 18.22
CA ALA A 67 -11.64 5.84 17.31
C ALA A 67 -11.40 7.24 17.93
N THR A 68 -11.22 7.35 19.25
CA THR A 68 -10.82 8.61 19.90
C THR A 68 -9.41 9.05 19.51
N LEU A 69 -9.17 10.37 19.44
CA LEU A 69 -7.83 10.91 19.31
C LEU A 69 -6.92 10.48 20.47
N ASP A 70 -7.44 10.31 21.68
CA ASP A 70 -6.69 9.77 22.83
C ASP A 70 -6.04 8.42 22.53
N ALA A 71 -6.77 7.49 21.90
CA ALA A 71 -6.23 6.20 21.48
C ALA A 71 -5.26 6.33 20.29
N LEU A 72 -5.57 7.19 19.31
CA LEU A 72 -4.72 7.45 18.14
C LEU A 72 -3.33 7.99 18.54
N LEU A 73 -3.30 8.98 19.44
CA LEU A 73 -2.11 9.60 20.00
C LEU A 73 -1.27 8.60 20.80
N ALA A 74 -1.90 7.78 21.65
CA ALA A 74 -1.22 6.73 22.42
C ALA A 74 -0.53 5.70 21.49
N ALA A 75 -1.21 5.23 20.45
CA ALA A 75 -0.66 4.32 19.46
C ALA A 75 0.50 4.95 18.64
N LEU A 76 0.33 6.19 18.17
CA LEU A 76 1.38 6.97 17.50
C LEU A 76 2.66 7.10 18.35
N ARG A 77 2.51 7.25 19.68
CA ARG A 77 3.64 7.26 20.63
C ARG A 77 4.38 5.92 20.68
N ARG A 78 3.65 4.80 20.81
CA ARG A 78 4.24 3.44 20.88
C ARG A 78 5.03 3.06 19.62
N ILE A 79 4.63 3.57 18.46
CA ILE A 79 5.32 3.31 17.17
C ILE A 79 6.41 4.34 16.83
N GLN A 80 6.78 5.22 17.78
CA GLN A 80 7.78 6.29 17.61
C GLN A 80 7.50 7.19 16.39
N ARG A 81 6.23 7.62 16.21
CA ARG A 81 5.76 8.55 15.17
C ARG A 81 5.19 9.84 15.77
N ALA A 82 5.80 10.34 16.85
CA ALA A 82 5.49 11.66 17.44
C ALA A 82 5.69 12.84 16.46
N ASP A 83 6.53 12.68 15.43
CA ASP A 83 6.62 13.62 14.29
C ASP A 83 5.27 13.75 13.55
N LEU A 84 4.58 12.63 13.35
CA LEU A 84 3.24 12.57 12.73
C LEU A 84 2.17 13.18 13.64
N VAL A 85 2.26 12.95 14.96
CA VAL A 85 1.37 13.60 15.96
C VAL A 85 1.38 15.12 15.79
N GLU A 86 2.56 15.74 15.78
CA GLU A 86 2.71 17.19 15.62
C GLU A 86 2.14 17.68 14.28
N SER A 87 2.43 16.99 13.17
CA SER A 87 1.86 17.30 11.85
C SER A 87 0.33 17.26 11.84
N LEU A 88 -0.30 16.20 12.37
CA LEU A 88 -1.76 16.07 12.39
C LEU A 88 -2.45 17.13 13.25
N CYS A 89 -1.87 17.48 14.40
CA CYS A 89 -2.35 18.60 15.23
C CYS A 89 -2.25 19.95 14.49
N SER A 90 -1.14 20.20 13.78
CA SER A 90 -0.92 21.42 12.99
C SER A 90 -1.82 21.58 11.75
N GLU A 91 -2.45 20.50 11.26
CA GLU A 91 -3.50 20.60 10.21
C GLU A 91 -4.88 20.98 10.79
N SER A 92 -5.14 20.72 12.08
CA SER A 92 -6.45 20.89 12.76
C SER A 92 -6.83 22.35 13.07
N THR A 93 -6.29 23.30 12.31
CA THR A 93 -6.41 24.77 12.52
C THR A 93 -6.43 25.58 11.21
N ALA A 94 -6.61 24.92 10.05
CA ALA A 94 -6.60 25.54 8.73
C ALA A 94 -7.64 26.70 8.58
N THR A 95 -8.88 26.48 9.02
CA THR A 95 -9.95 27.50 9.12
C THR A 95 -10.93 27.14 10.26
N SER A 96 -11.76 26.11 10.06
CA SER A 96 -12.84 25.68 10.96
C SER A 96 -13.43 24.33 10.52
N PRO A 97 -14.12 23.57 11.39
CA PRO A 97 -14.84 22.36 11.00
C PRO A 97 -16.06 22.70 10.13
N VAL A 98 -16.19 22.01 8.99
CA VAL A 98 -17.30 22.11 8.01
C VAL A 98 -18.30 20.95 8.16
N GLY B 5 12.81 -13.51 -21.86
CA GLY B 5 11.97 -12.31 -21.92
C GLY B 5 12.07 -11.48 -20.63
N LEU B 6 12.84 -10.40 -20.64
CA LEU B 6 12.89 -9.44 -19.52
C LEU B 6 11.58 -8.64 -19.38
N TYR B 7 11.16 -8.38 -18.14
CA TYR B 7 10.06 -7.44 -17.85
C TYR B 7 10.34 -6.03 -18.42
N SER B 8 11.60 -5.58 -18.35
CA SER B 8 12.06 -4.30 -18.90
C SER B 8 11.88 -4.16 -20.43
N SER B 9 11.74 -5.27 -21.16
CA SER B 9 11.50 -5.28 -22.61
C SER B 9 10.02 -5.08 -23.01
N LEU B 10 9.08 -5.16 -22.06
CA LEU B 10 7.64 -4.96 -22.33
C LEU B 10 7.31 -3.48 -22.64
N PRO B 11 6.28 -3.20 -23.46
CA PRO B 11 5.84 -1.83 -23.77
C PRO B 11 5.25 -1.10 -22.54
N PRO B 12 5.11 0.25 -22.58
CA PRO B 12 4.59 1.03 -21.45
C PRO B 12 3.14 0.68 -21.08
N ALA B 13 2.32 0.31 -22.06
CA ALA B 13 0.92 -0.10 -21.84
C ALA B 13 0.77 -1.39 -21.01
N LYS B 14 1.73 -2.32 -21.08
CA LYS B 14 1.77 -3.54 -20.24
C LYS B 14 2.01 -3.21 -18.77
N ARG B 15 2.85 -2.21 -18.48
CA ARG B 15 3.17 -1.76 -17.10
C ARG B 15 1.93 -1.25 -16.36
N GLU B 16 1.11 -0.47 -17.07
CA GLU B 16 -0.20 0.00 -16.58
C GLU B 16 -1.14 -1.14 -16.20
N GLU B 17 -1.21 -2.23 -16.98
CA GLU B 17 -2.07 -3.39 -16.64
C GLU B 17 -1.61 -4.16 -15.41
N VAL B 18 -0.30 -4.27 -15.14
CA VAL B 18 0.19 -4.85 -13.87
C VAL B 18 -0.26 -3.98 -12.69
N GLU B 19 -0.14 -2.66 -12.77
CA GLU B 19 -0.69 -1.76 -11.75
C GLU B 19 -2.22 -1.87 -11.64
N LYS B 20 -2.96 -2.00 -12.76
CA LYS B 20 -4.43 -2.11 -12.75
C LYS B 20 -4.93 -3.37 -12.05
N LEU B 21 -4.24 -4.51 -12.19
CA LEU B 21 -4.56 -5.73 -11.45
C LEU B 21 -4.35 -5.55 -9.94
N LEU B 22 -3.24 -4.95 -9.51
CA LEU B 22 -2.95 -4.72 -8.08
C LEU B 22 -3.71 -3.50 -7.48
N ASN B 23 -4.32 -2.64 -8.30
CA ASN B 23 -5.39 -1.72 -7.90
C ASN B 23 -6.69 -2.47 -7.50
N GLY B 24 -6.90 -3.68 -8.03
CA GLY B 24 -8.05 -4.55 -7.74
C GLY B 24 -7.75 -5.59 -6.65
N SER B 25 -8.28 -6.81 -6.80
CA SER B 25 -8.21 -7.95 -5.86
C SER B 25 -6.81 -8.53 -5.53
N ALA B 26 -5.74 -7.75 -5.72
CA ALA B 26 -4.35 -8.20 -5.63
C ALA B 26 -3.37 -7.18 -5.00
N GLY B 27 -3.84 -6.08 -4.39
CA GLY B 27 -2.99 -5.05 -3.76
C GLY B 27 -2.00 -5.53 -2.68
N ASP B 28 -2.10 -6.79 -2.27
CA ASP B 28 -1.27 -7.48 -1.28
C ASP B 28 -0.24 -8.46 -1.89
N THR B 29 -0.41 -8.92 -3.13
CA THR B 29 0.37 -10.05 -3.68
C THR B 29 1.85 -9.72 -3.90
N TRP B 30 2.17 -8.43 -4.08
CA TRP B 30 3.54 -7.93 -4.14
C TRP B 30 4.35 -8.26 -2.86
N ARG B 31 3.70 -8.33 -1.69
CA ARG B 31 4.34 -8.68 -0.40
C ARG B 31 4.77 -10.14 -0.38
N HIS B 32 3.86 -11.02 -0.83
CA HIS B 32 4.14 -12.45 -1.00
C HIS B 32 5.24 -12.69 -2.04
N LEU B 33 5.20 -11.96 -3.17
CA LEU B 33 6.28 -11.95 -4.16
C LEU B 33 7.63 -11.54 -3.54
N ALA B 34 7.71 -10.41 -2.84
CA ALA B 34 8.94 -9.95 -2.19
C ALA B 34 9.54 -11.01 -1.23
N GLY B 35 8.68 -11.70 -0.47
CA GLY B 35 9.08 -12.82 0.38
C GLY B 35 9.72 -13.99 -0.39
N GLU B 36 9.10 -14.46 -1.47
CA GLU B 36 9.62 -15.58 -2.29
C GLU B 36 10.79 -15.20 -3.21
N LEU B 37 10.89 -13.93 -3.62
CA LEU B 37 12.09 -13.33 -4.25
C LEU B 37 13.28 -13.23 -3.29
N GLY B 38 13.06 -13.37 -1.98
CA GLY B 38 14.09 -13.28 -0.94
C GLY B 38 14.55 -11.86 -0.64
N TYR B 39 13.74 -10.83 -0.94
CA TYR B 39 14.03 -9.44 -0.60
C TYR B 39 14.16 -9.24 0.92
N GLN B 40 15.15 -8.44 1.34
CA GLN B 40 15.31 -7.99 2.73
C GLN B 40 14.08 -7.19 3.22
N PRO B 41 13.73 -7.26 4.52
CA PRO B 41 12.54 -6.58 5.05
C PRO B 41 12.63 -5.05 4.98
N GLU B 42 13.83 -4.47 4.99
CA GLU B 42 14.03 -3.02 4.78
C GLU B 42 13.58 -2.53 3.38
N HIS B 43 13.64 -3.37 2.35
CA HIS B 43 13.11 -3.03 1.03
C HIS B 43 11.58 -3.05 1.01
N ILE B 44 10.93 -3.97 1.73
CA ILE B 44 9.47 -3.99 1.90
C ILE B 44 8.99 -2.67 2.53
N ASP B 45 9.68 -2.19 3.57
CA ASP B 45 9.43 -0.89 4.19
C ASP B 45 9.67 0.29 3.23
N SER B 46 10.69 0.23 2.36
CA SER B 46 10.93 1.23 1.31
C SER B 46 9.84 1.23 0.24
N PHE B 47 9.28 0.07 -0.13
CA PHE B 47 8.19 -0.02 -1.11
C PHE B 47 6.86 0.53 -0.56
N THR B 48 6.51 0.26 0.70
CA THR B 48 5.33 0.85 1.37
C THR B 48 5.43 2.37 1.59
N HIS B 49 6.54 3.05 1.26
CA HIS B 49 6.57 4.52 1.24
C HIS B 49 5.51 5.16 0.32
N GLU B 50 5.03 4.44 -0.71
CA GLU B 50 3.99 4.92 -1.64
C GLU B 50 2.71 4.06 -1.53
N ALA B 51 1.56 4.62 -1.93
CA ALA B 51 0.29 3.87 -2.05
C ALA B 51 0.33 2.78 -3.13
N CYS B 52 1.18 2.91 -4.14
CA CYS B 52 1.35 1.91 -5.21
C CYS B 52 2.72 1.23 -5.10
N PRO B 53 2.98 0.41 -4.05
CA PRO B 53 4.30 -0.21 -3.82
C PRO B 53 4.76 -1.05 -5.01
N VAL B 54 3.81 -1.63 -5.77
CA VAL B 54 4.03 -2.30 -7.05
C VAL B 54 4.85 -1.47 -8.05
N ARG B 55 4.60 -0.16 -8.22
CA ARG B 55 5.34 0.68 -9.18
C ARG B 55 6.83 0.80 -8.80
N ALA B 56 7.09 0.96 -7.50
CA ALA B 56 8.44 1.05 -6.95
C ALA B 56 9.15 -0.32 -6.98
N LEU B 57 8.44 -1.41 -6.67
CA LEU B 57 8.96 -2.78 -6.74
C LEU B 57 9.39 -3.12 -8.18
N LEU B 58 8.50 -2.94 -9.16
CA LEU B 58 8.79 -3.21 -10.58
C LEU B 58 10.00 -2.39 -11.08
N ALA B 59 10.07 -1.09 -10.73
CA ALA B 59 11.21 -0.24 -11.08
C ALA B 59 12.53 -0.70 -10.43
N SER B 60 12.53 -1.00 -9.12
CA SER B 60 13.72 -1.46 -8.39
C SER B 60 14.12 -2.91 -8.71
N TRP B 61 13.20 -3.75 -9.22
CA TRP B 61 13.50 -5.09 -9.71
C TRP B 61 14.12 -5.07 -11.11
N ALA B 62 13.66 -4.16 -11.98
CA ALA B 62 14.19 -3.97 -13.34
C ALA B 62 15.65 -3.48 -13.41
N THR B 63 16.28 -3.10 -12.28
CA THR B 63 17.71 -2.73 -12.21
C THR B 63 18.67 -3.92 -12.39
N GLN B 64 18.17 -5.15 -12.36
CA GLN B 64 18.96 -6.39 -12.41
C GLN B 64 18.42 -7.40 -13.45
N ASP B 65 19.31 -8.23 -13.99
CA ASP B 65 19.00 -9.25 -15.01
C ASP B 65 18.04 -10.36 -14.51
N SER B 66 17.87 -10.49 -13.19
CA SER B 66 16.91 -11.39 -12.55
C SER B 66 15.43 -11.07 -12.89
N ALA B 67 15.16 -9.87 -13.42
CA ALA B 67 13.83 -9.37 -13.80
C ALA B 67 13.14 -10.08 -14.99
N THR B 68 13.47 -11.34 -15.28
CA THR B 68 12.82 -12.11 -16.36
C THR B 68 11.37 -12.41 -16.01
N LEU B 69 10.49 -12.42 -17.02
CA LEU B 69 9.09 -12.84 -16.85
C LEU B 69 9.04 -14.29 -16.35
N ASP B 70 9.94 -15.15 -16.83
CA ASP B 70 10.09 -16.55 -16.38
C ASP B 70 10.30 -16.67 -14.86
N ALA B 71 11.16 -15.83 -14.27
CA ALA B 71 11.37 -15.76 -12.81
C ALA B 71 10.14 -15.19 -12.06
N LEU B 72 9.45 -14.20 -12.65
CA LEU B 72 8.21 -13.63 -12.09
C LEU B 72 7.10 -14.69 -11.99
N LEU B 73 6.92 -15.48 -13.05
CA LEU B 73 5.98 -16.60 -13.13
C LEU B 73 6.28 -17.70 -12.10
N ALA B 74 7.56 -18.06 -11.93
CA ALA B 74 7.99 -19.04 -10.93
C ALA B 74 7.63 -18.60 -9.50
N ALA B 75 7.83 -17.32 -9.16
CA ALA B 75 7.44 -16.76 -7.87
C ALA B 75 5.91 -16.69 -7.67
N LEU B 76 5.15 -16.28 -8.69
CA LEU B 76 3.67 -16.32 -8.70
C LEU B 76 3.11 -17.72 -8.43
N ARG B 77 3.78 -18.79 -8.91
CA ARG B 77 3.49 -20.19 -8.58
C ARG B 77 3.70 -20.51 -7.09
N ARG B 78 4.83 -20.12 -6.51
CA ARG B 78 5.16 -20.39 -5.08
C ARG B 78 4.18 -19.75 -4.10
N ILE B 79 3.55 -18.63 -4.48
CA ILE B 79 2.57 -17.92 -3.65
C ILE B 79 1.10 -18.29 -3.98
N GLN B 80 0.87 -19.32 -4.80
CA GLN B 80 -0.46 -19.79 -5.23
C GLN B 80 -1.33 -18.69 -5.87
N ARG B 81 -0.73 -17.89 -6.77
CA ARG B 81 -1.39 -16.81 -7.54
C ARG B 81 -1.32 -17.05 -9.06
N ALA B 82 -1.44 -18.31 -9.48
CA ALA B 82 -1.60 -18.70 -10.89
C ALA B 82 -2.81 -18.04 -11.58
N ASP B 83 -3.82 -17.59 -10.84
CA ASP B 83 -4.92 -16.78 -11.36
C ASP B 83 -4.44 -15.43 -11.95
N LEU B 84 -3.50 -14.74 -11.28
CA LEU B 84 -2.90 -13.51 -11.79
C LEU B 84 -2.04 -13.76 -13.05
N VAL B 85 -1.35 -14.91 -13.12
CA VAL B 85 -0.62 -15.33 -14.33
C VAL B 85 -1.55 -15.42 -15.53
N GLU B 86 -2.68 -16.12 -15.40
CA GLU B 86 -3.66 -16.26 -16.47
C GLU B 86 -4.25 -14.90 -16.90
N SER B 87 -4.59 -14.03 -15.95
CA SER B 87 -5.04 -12.66 -16.24
C SER B 87 -3.99 -11.83 -17.00
N LEU B 88 -2.72 -11.85 -16.56
CA LEU B 88 -1.63 -11.13 -17.22
C LEU B 88 -1.37 -11.61 -18.66
N CYS B 89 -1.50 -12.91 -18.92
CA CYS B 89 -1.43 -13.47 -20.27
C CYS B 89 -2.60 -13.01 -21.16
N SER B 90 -3.84 -13.09 -20.67
CA SER B 90 -5.04 -12.69 -21.43
C SER B 90 -5.10 -11.19 -21.73
N GLU B 91 -4.59 -10.34 -20.82
CA GLU B 91 -4.55 -8.87 -20.98
C GLU B 91 -3.39 -8.36 -21.85
N SER B 92 -2.50 -9.24 -22.35
CA SER B 92 -1.29 -8.85 -23.09
C SER B 92 -1.57 -8.18 -24.46
N THR B 93 -2.60 -8.64 -25.18
CA THR B 93 -3.12 -8.11 -26.47
C THR B 93 -2.03 -7.58 -27.43
N ALA B 94 -1.09 -8.47 -27.82
CA ALA B 94 -0.03 -8.17 -28.77
C ALA B 94 -0.56 -8.07 -30.22
N THR B 95 -0.76 -6.84 -30.71
CA THR B 95 -1.28 -6.54 -32.07
C THR B 95 -0.72 -5.19 -32.60
N SER B 96 -1.09 -4.80 -33.82
CA SER B 96 -0.60 -3.59 -34.52
C SER B 96 -1.76 -2.67 -34.98
N PRO B 97 -2.51 -2.05 -34.04
CA PRO B 97 -3.64 -1.18 -34.35
C PRO B 97 -3.20 0.15 -35.01
N VAL B 98 -3.30 0.23 -36.34
CA VAL B 98 -3.02 1.43 -37.17
C VAL B 98 -3.98 2.58 -36.82
N GLY A 5 -13.64 14.65 20.24
CA GLY A 5 -12.43 14.63 19.38
C GLY A 5 -12.43 13.48 18.37
N LEU A 6 -13.59 12.94 18.00
CA LEU A 6 -13.76 11.87 17.01
C LEU A 6 -13.18 12.27 15.65
N TYR A 7 -12.43 11.37 15.02
CA TYR A 7 -11.84 11.57 13.69
C TYR A 7 -12.91 11.90 12.62
N SER A 8 -14.10 11.29 12.72
CA SER A 8 -15.26 11.57 11.87
C SER A 8 -15.78 13.03 11.97
N SER A 9 -15.50 13.72 13.08
CA SER A 9 -15.91 15.12 13.33
C SER A 9 -15.04 16.16 12.59
N LEU A 10 -13.82 15.79 12.16
CA LEU A 10 -12.90 16.66 11.43
C LEU A 10 -13.43 17.04 10.02
N PRO A 11 -13.08 18.22 9.49
CA PRO A 11 -13.47 18.65 8.14
C PRO A 11 -12.80 17.81 7.05
N PRO A 12 -13.35 17.74 5.82
CA PRO A 12 -12.80 16.94 4.74
C PRO A 12 -11.38 17.36 4.34
N ALA A 13 -11.06 18.67 4.41
CA ALA A 13 -9.73 19.21 4.16
C ALA A 13 -8.65 18.64 5.10
N LYS A 14 -8.98 18.33 6.36
CA LYS A 14 -8.07 17.65 7.29
C LYS A 14 -7.86 16.17 6.94
N ARG A 15 -8.90 15.47 6.47
CA ARG A 15 -8.78 14.06 6.05
C ARG A 15 -7.90 13.91 4.81
N GLU A 16 -8.00 14.86 3.87
CA GLU A 16 -7.11 14.96 2.72
C GLU A 16 -5.63 15.13 3.13
N GLU A 17 -5.31 15.93 4.15
CA GLU A 17 -3.92 16.08 4.64
C GLU A 17 -3.35 14.78 5.23
N VAL A 18 -4.13 13.99 5.98
CA VAL A 18 -3.70 12.68 6.47
C VAL A 18 -3.39 11.73 5.31
N GLU A 19 -4.23 11.71 4.27
CA GLU A 19 -3.93 10.96 3.04
C GLU A 19 -2.67 11.48 2.32
N LYS A 20 -2.47 12.80 2.20
CA LYS A 20 -1.30 13.40 1.50
C LYS A 20 0.02 12.98 2.14
N LEU A 21 0.09 12.96 3.47
CA LEU A 21 1.27 12.50 4.23
C LEU A 21 1.64 11.04 3.94
N LEU A 22 0.65 10.14 3.89
CA LEU A 22 0.90 8.73 3.57
C LEU A 22 1.04 8.46 2.05
N ASN A 23 0.50 9.33 1.19
CA ASN A 23 0.73 9.27 -0.26
C ASN A 23 2.15 9.72 -0.68
N GLY A 24 2.75 10.68 0.05
CA GLY A 24 3.94 11.40 -0.41
C GLY A 24 5.15 11.42 0.54
N SER A 25 4.96 11.40 1.86
CA SER A 25 6.08 11.35 2.82
C SER A 25 6.47 9.90 3.13
N ALA A 26 5.54 9.11 3.68
CA ALA A 26 5.71 7.66 3.90
C ALA A 26 4.38 6.95 4.20
N GLY A 27 3.97 6.02 3.35
CA GLY A 27 2.71 5.25 3.46
C GLY A 27 2.83 3.90 4.17
N ASP A 28 3.87 3.70 4.99
CA ASP A 28 4.08 2.46 5.75
C ASP A 28 3.49 2.50 7.18
N THR A 29 3.25 3.70 7.71
CA THR A 29 2.95 3.93 9.13
C THR A 29 1.60 3.37 9.59
N TRP A 30 0.66 3.17 8.66
CA TRP A 30 -0.64 2.56 8.94
C TRP A 30 -0.52 1.09 9.37
N ARG A 31 0.48 0.33 8.87
CA ARG A 31 0.76 -1.06 9.28
C ARG A 31 1.10 -1.13 10.77
N HIS A 32 1.98 -0.22 11.20
CA HIS A 32 2.40 -0.07 12.59
C HIS A 32 1.22 0.36 13.49
N LEU A 33 0.36 1.27 13.00
CA LEU A 33 -0.88 1.66 13.69
C LEU A 33 -1.81 0.45 13.89
N ALA A 34 -2.12 -0.31 12.83
CA ALA A 34 -3.00 -1.47 12.89
C ALA A 34 -2.51 -2.54 13.89
N GLY A 35 -1.19 -2.76 13.95
CA GLY A 35 -0.55 -3.63 14.94
C GLY A 35 -0.79 -3.21 16.39
N GLU A 36 -0.58 -1.93 16.73
CA GLU A 36 -0.82 -1.41 18.09
C GLU A 36 -2.31 -1.23 18.44
N LEU A 37 -3.18 -0.98 17.46
CA LEU A 37 -4.64 -1.05 17.62
C LEU A 37 -5.16 -2.48 17.88
N GLY A 38 -4.33 -3.50 17.68
CA GLY A 38 -4.69 -4.92 17.82
C GLY A 38 -5.65 -5.42 16.74
N TYR A 39 -5.69 -4.77 15.56
CA TYR A 39 -6.47 -5.24 14.42
C TYR A 39 -6.01 -6.64 13.98
N GLN A 40 -6.97 -7.53 13.71
CA GLN A 40 -6.69 -8.88 13.18
C GLN A 40 -6.00 -8.80 11.80
N PRO A 41 -5.14 -9.79 11.44
CA PRO A 41 -4.38 -9.76 10.20
C PRO A 41 -5.26 -9.76 8.94
N GLU A 42 -6.47 -10.34 9.02
CA GLU A 42 -7.46 -10.29 7.93
C GLU A 42 -7.95 -8.88 7.59
N HIS A 43 -7.93 -7.92 8.53
CA HIS A 43 -8.20 -6.51 8.25
C HIS A 43 -7.03 -5.83 7.52
N ILE A 44 -5.78 -6.12 7.93
CA ILE A 44 -4.57 -5.67 7.22
C ILE A 44 -4.61 -6.17 5.77
N ASP A 45 -4.96 -7.44 5.56
CA ASP A 45 -5.15 -8.10 4.26
C ASP A 45 -6.30 -7.50 3.42
N SER A 46 -7.26 -6.84 4.06
CA SER A 46 -8.39 -6.15 3.41
C SER A 46 -8.02 -4.72 3.01
N PHE A 47 -7.36 -3.96 3.89
CA PHE A 47 -6.94 -2.57 3.61
C PHE A 47 -5.96 -2.48 2.42
N THR A 48 -5.01 -3.43 2.30
CA THR A 48 -4.07 -3.53 1.17
C THR A 48 -4.71 -3.80 -0.21
N HIS A 49 -6.01 -4.10 -0.30
CA HIS A 49 -6.72 -4.25 -1.57
C HIS A 49 -6.65 -2.99 -2.45
N GLU A 50 -6.57 -1.81 -1.83
CA GLU A 50 -6.44 -0.52 -2.51
C GLU A 50 -5.01 0.04 -2.39
N ALA A 51 -4.61 0.91 -3.33
CA ALA A 51 -3.36 1.67 -3.25
C ALA A 51 -3.31 2.63 -2.04
N CYS A 52 -4.46 3.06 -1.53
CA CYS A 52 -4.56 3.97 -0.38
C CYS A 52 -5.17 3.24 0.83
N PRO A 53 -4.47 2.26 1.46
CA PRO A 53 -5.02 1.48 2.57
C PRO A 53 -5.48 2.36 3.74
N VAL A 54 -4.82 3.50 3.93
CA VAL A 54 -5.20 4.56 4.88
C VAL A 54 -6.64 5.05 4.72
N ARG A 55 -7.17 5.24 3.50
CA ARG A 55 -8.56 5.70 3.29
C ARG A 55 -9.58 4.68 3.80
N ALA A 56 -9.30 3.39 3.55
CA ALA A 56 -10.12 2.28 4.01
C ALA A 56 -9.99 2.05 5.52
N LEU A 57 -8.78 2.15 6.08
CA LEU A 57 -8.53 2.04 7.53
C LEU A 57 -9.28 3.14 8.29
N LEU A 58 -9.12 4.41 7.91
CA LEU A 58 -9.79 5.55 8.55
C LEU A 58 -11.33 5.42 8.48
N ALA A 59 -11.88 5.02 7.33
CA ALA A 59 -13.31 4.77 7.17
C ALA A 59 -13.82 3.62 8.06
N SER A 60 -13.14 2.47 8.06
CA SER A 60 -13.50 1.29 8.88
C SER A 60 -13.22 1.45 10.37
N TRP A 61 -12.33 2.37 10.77
CA TRP A 61 -12.10 2.73 12.17
C TRP A 61 -13.17 3.71 12.68
N ALA A 62 -13.61 4.66 11.85
CA ALA A 62 -14.68 5.62 12.16
C ALA A 62 -16.08 5.00 12.40
N THR A 63 -16.28 3.70 12.13
CA THR A 63 -17.53 2.98 12.45
C THR A 63 -17.78 2.76 13.95
N GLN A 64 -16.77 3.02 14.81
CA GLN A 64 -16.81 2.78 16.26
C GLN A 64 -16.33 3.99 17.07
N ASP A 65 -16.85 4.12 18.30
CA ASP A 65 -16.53 5.22 19.24
C ASP A 65 -15.05 5.26 19.68
N SER A 66 -14.29 4.19 19.44
CA SER A 66 -12.83 4.14 19.64
C SER A 66 -12.05 5.15 18.77
N ALA A 67 -12.67 5.69 17.70
CA ALA A 67 -12.05 6.60 16.73
C ALA A 67 -11.73 8.03 17.25
N THR A 68 -11.59 8.25 18.55
CA THR A 68 -11.15 9.55 19.11
C THR A 68 -9.69 9.85 18.77
N LEU A 69 -9.36 11.13 18.59
CA LEU A 69 -7.96 11.59 18.56
C LEU A 69 -7.21 11.17 19.82
N ASP A 70 -7.84 11.19 20.99
CA ASP A 70 -7.20 10.79 22.26
C ASP A 70 -6.66 9.34 22.22
N ALA A 71 -7.43 8.41 21.65
CA ALA A 71 -6.99 7.03 21.38
C ALA A 71 -5.97 6.93 20.23
N LEU A 72 -6.14 7.70 19.16
CA LEU A 72 -5.21 7.75 18.02
C LEU A 72 -3.80 8.17 18.49
N LEU A 73 -3.71 9.29 19.19
CA LEU A 73 -2.47 9.85 19.75
C LEU A 73 -1.75 8.86 20.68
N ALA A 74 -2.49 8.15 21.55
CA ALA A 74 -1.94 7.11 22.40
C ALA A 74 -1.31 5.95 21.60
N ALA A 75 -1.94 5.51 20.52
CA ALA A 75 -1.38 4.48 19.63
C ALA A 75 -0.14 4.98 18.85
N LEU A 76 -0.16 6.22 18.35
CA LEU A 76 0.98 6.85 17.65
C LEU A 76 2.25 6.92 18.52
N ARG A 77 2.11 7.16 19.83
CA ARG A 77 3.22 7.20 20.79
C ARG A 77 3.99 5.87 20.88
N ARG A 78 3.31 4.72 20.79
CA ARG A 78 3.93 3.37 20.80
C ARG A 78 4.73 3.03 19.53
N ILE A 79 4.60 3.83 18.47
CA ILE A 79 5.25 3.63 17.16
C ILE A 79 6.10 4.83 16.73
N GLN A 80 6.50 5.68 17.70
CA GLN A 80 7.35 6.87 17.56
C GLN A 80 6.83 7.92 16.53
N ARG A 81 5.52 7.93 16.25
CA ARG A 81 4.85 8.92 15.37
C ARG A 81 4.62 10.29 16.02
N ALA A 82 5.17 10.56 17.21
CA ALA A 82 5.09 11.85 17.90
C ALA A 82 5.57 13.06 17.05
N ASP A 83 6.48 12.85 16.08
CA ASP A 83 6.85 13.87 15.09
C ASP A 83 5.68 14.24 14.15
N LEU A 84 4.97 13.24 13.64
CA LEU A 84 3.77 13.39 12.80
C LEU A 84 2.55 13.89 13.59
N VAL A 85 2.44 13.57 14.89
CA VAL A 85 1.47 14.18 15.81
C VAL A 85 1.60 15.70 15.80
N GLU A 86 2.81 16.22 16.04
CA GLU A 86 3.04 17.68 16.08
C GLU A 86 2.70 18.35 14.74
N SER A 87 3.08 17.74 13.61
CA SER A 87 2.73 18.23 12.27
C SER A 87 1.21 18.30 12.05
N LEU A 88 0.47 17.23 12.35
CA LEU A 88 -0.99 17.18 12.21
C LEU A 88 -1.73 18.17 13.13
N CYS A 89 -1.26 18.35 14.37
CA CYS A 89 -1.81 19.35 15.30
C CYS A 89 -1.57 20.79 14.81
N SER A 90 -0.37 21.11 14.31
CA SER A 90 -0.06 22.43 13.74
C SER A 90 -0.85 22.74 12.45
N GLU A 91 -1.17 21.72 11.65
CA GLU A 91 -1.97 21.86 10.41
C GLU A 91 -3.49 21.95 10.66
N SER A 92 -3.94 21.86 11.92
CA SER A 92 -5.37 21.87 12.32
C SER A 92 -6.08 23.24 12.22
N THR A 93 -5.59 24.12 11.34
CA THR A 93 -6.12 25.48 11.06
C THR A 93 -6.83 25.58 9.70
N ALA A 94 -6.88 24.49 8.93
CA ALA A 94 -7.60 24.40 7.65
C ALA A 94 -9.12 24.63 7.77
N THR A 95 -9.77 24.92 6.64
CA THR A 95 -11.22 25.19 6.49
C THR A 95 -11.79 24.51 5.23
N SER A 96 -13.12 24.56 5.06
CA SER A 96 -13.85 23.92 3.95
C SER A 96 -15.00 24.82 3.45
N PRO A 97 -15.48 24.64 2.19
CA PRO A 97 -16.57 25.43 1.62
C PRO A 97 -17.92 25.06 2.29
N VAL A 98 -18.53 26.04 2.97
CA VAL A 98 -19.81 26.00 3.73
C VAL A 98 -20.06 24.67 4.47
N GLY B 5 12.60 -14.08 -21.21
CA GLY B 5 12.03 -12.75 -21.38
C GLY B 5 12.35 -11.84 -20.19
N LEU B 6 12.81 -10.61 -20.42
CA LEU B 6 12.96 -9.58 -19.39
C LEU B 6 11.65 -8.83 -19.20
N TYR B 7 11.25 -8.57 -17.94
CA TYR B 7 10.08 -7.75 -17.62
C TYR B 7 10.19 -6.33 -18.21
N SER B 8 11.39 -5.75 -18.22
CA SER B 8 11.69 -4.44 -18.84
C SER B 8 11.43 -4.40 -20.37
N SER B 9 11.41 -5.56 -21.04
CA SER B 9 11.15 -5.68 -22.48
C SER B 9 9.65 -5.60 -22.84
N LEU B 10 8.75 -5.78 -21.87
CA LEU B 10 7.29 -5.68 -22.08
C LEU B 10 6.84 -4.25 -22.43
N PRO B 11 5.73 -4.08 -23.19
CA PRO B 11 5.19 -2.77 -23.54
C PRO B 11 4.61 -2.03 -22.31
N PRO B 12 4.44 -0.69 -22.36
CA PRO B 12 3.94 0.09 -21.23
C PRO B 12 2.50 -0.30 -20.82
N ALA B 13 1.65 -0.69 -21.78
CA ALA B 13 0.30 -1.19 -21.53
C ALA B 13 0.27 -2.47 -20.67
N LYS B 14 1.28 -3.35 -20.80
CA LYS B 14 1.44 -4.53 -19.93
C LYS B 14 1.81 -4.18 -18.49
N ARG B 15 2.61 -3.12 -18.29
CA ARG B 15 3.03 -2.67 -16.95
C ARG B 15 1.90 -2.00 -16.18
N GLU B 16 1.05 -1.24 -16.89
CA GLU B 16 -0.21 -0.69 -16.35
C GLU B 16 -1.14 -1.77 -15.80
N GLU B 17 -1.28 -2.92 -16.48
CA GLU B 17 -2.11 -4.04 -15.99
C GLU B 17 -1.58 -4.68 -14.69
N VAL B 18 -0.26 -4.78 -14.51
CA VAL B 18 0.33 -5.24 -13.22
C VAL B 18 -0.06 -4.31 -12.08
N GLU B 19 -0.03 -2.98 -12.30
CA GLU B 19 -0.53 -2.03 -11.31
C GLU B 19 -2.05 -2.16 -11.07
N LYS B 20 -2.86 -2.31 -12.13
CA LYS B 20 -4.33 -2.41 -12.02
C LYS B 20 -4.78 -3.52 -11.08
N LEU B 21 -4.14 -4.68 -11.17
CA LEU B 21 -4.43 -5.86 -10.33
C LEU B 21 -4.21 -5.62 -8.82
N LEU B 22 -3.27 -4.74 -8.45
CA LEU B 22 -3.00 -4.38 -7.06
C LEU B 22 -3.64 -3.04 -6.64
N ASN B 23 -4.07 -2.21 -7.59
CA ASN B 23 -4.89 -1.02 -7.37
C ASN B 23 -6.32 -1.37 -6.91
N GLY B 24 -6.89 -2.49 -7.37
CA GLY B 24 -8.30 -2.82 -7.09
C GLY B 24 -8.82 -4.19 -7.55
N SER B 25 -8.00 -5.24 -7.56
CA SER B 25 -8.45 -6.62 -7.85
C SER B 25 -8.04 -7.66 -6.81
N ALA B 26 -6.92 -7.46 -6.10
CA ALA B 26 -6.54 -8.26 -4.92
C ALA B 26 -5.65 -7.48 -3.93
N GLY B 27 -4.61 -6.79 -4.42
CA GLY B 27 -3.62 -6.11 -3.60
C GLY B 27 -2.74 -7.04 -2.75
N ASP B 28 -1.81 -6.47 -1.98
CA ASP B 28 -0.85 -7.14 -1.06
C ASP B 28 0.13 -8.17 -1.67
N THR B 29 -0.13 -8.74 -2.84
CA THR B 29 0.67 -9.79 -3.50
C THR B 29 2.13 -9.41 -3.76
N TRP B 30 2.43 -8.12 -3.87
CA TRP B 30 3.80 -7.59 -3.92
C TRP B 30 4.62 -7.91 -2.65
N ARG B 31 3.99 -7.96 -1.46
CA ARG B 31 4.63 -8.30 -0.17
C ARG B 31 5.05 -9.76 -0.15
N HIS B 32 4.15 -10.64 -0.57
CA HIS B 32 4.40 -12.07 -0.75
C HIS B 32 5.53 -12.30 -1.76
N LEU B 33 5.50 -11.62 -2.92
CA LEU B 33 6.58 -11.67 -3.90
C LEU B 33 7.92 -11.21 -3.32
N ALA B 34 7.99 -10.06 -2.64
CA ALA B 34 9.22 -9.58 -1.99
C ALA B 34 9.81 -10.60 -1.01
N GLY B 35 8.96 -11.30 -0.24
CA GLY B 35 9.36 -12.39 0.65
C GLY B 35 10.05 -13.55 -0.08
N GLU B 36 9.44 -14.08 -1.15
CA GLU B 36 10.01 -15.20 -1.93
C GLU B 36 11.18 -14.79 -2.86
N LEU B 37 11.25 -13.53 -3.30
CA LEU B 37 12.44 -12.93 -3.94
C LEU B 37 13.62 -12.77 -2.96
N GLY B 38 13.40 -12.90 -1.64
CA GLY B 38 14.41 -12.72 -0.61
C GLY B 38 14.82 -11.26 -0.38
N TYR B 39 13.98 -10.29 -0.77
CA TYR B 39 14.21 -8.86 -0.50
C TYR B 39 14.26 -8.58 1.01
N GLN B 40 15.24 -7.78 1.45
CA GLN B 40 15.36 -7.37 2.86
C GLN B 40 14.17 -6.50 3.31
N PRO B 41 13.80 -6.53 4.61
CA PRO B 41 12.62 -5.81 5.12
C PRO B 41 12.72 -4.28 4.98
N GLU B 42 13.94 -3.73 4.97
CA GLU B 42 14.16 -2.29 4.70
C GLU B 42 13.67 -1.87 3.29
N HIS B 43 13.79 -2.74 2.28
CA HIS B 43 13.23 -2.47 0.95
C HIS B 43 11.70 -2.52 0.94
N ILE B 44 11.10 -3.45 1.69
CA ILE B 44 9.63 -3.53 1.85
C ILE B 44 9.07 -2.20 2.38
N ASP B 45 9.68 -1.65 3.44
CA ASP B 45 9.30 -0.33 3.97
C ASP B 45 9.60 0.83 3.00
N SER B 46 10.70 0.77 2.24
CA SER B 46 10.97 1.76 1.17
C SER B 46 9.94 1.72 0.03
N PHE B 47 9.37 0.56 -0.31
CA PHE B 47 8.30 0.45 -1.31
C PHE B 47 6.97 1.03 -0.79
N THR B 48 6.58 0.77 0.46
CA THR B 48 5.41 1.41 1.09
C THR B 48 5.56 2.90 1.37
N HIS B 49 6.71 3.54 1.10
CA HIS B 49 6.80 5.01 1.12
C HIS B 49 5.77 5.68 0.18
N GLU B 50 5.36 5.01 -0.90
CA GLU B 50 4.35 5.48 -1.85
C GLU B 50 3.04 4.67 -1.73
N ALA B 51 1.92 5.24 -2.19
CA ALA B 51 0.63 4.54 -2.30
C ALA B 51 0.66 3.32 -3.24
N CYS B 52 1.53 3.33 -4.26
CA CYS B 52 1.64 2.25 -5.25
C CYS B 52 2.99 1.51 -5.09
N PRO B 53 3.19 0.69 -4.03
CA PRO B 53 4.46 0.01 -3.78
C PRO B 53 4.88 -0.88 -4.96
N VAL B 54 3.91 -1.44 -5.69
CA VAL B 54 4.10 -2.14 -6.96
C VAL B 54 4.91 -1.35 -8.00
N ARG B 55 4.64 -0.05 -8.22
CA ARG B 55 5.39 0.76 -9.21
C ARG B 55 6.87 0.90 -8.83
N ALA B 56 7.13 1.11 -7.54
CA ALA B 56 8.48 1.23 -7.00
C ALA B 56 9.23 -0.11 -7.00
N LEU B 57 8.57 -1.21 -6.63
CA LEU B 57 9.13 -2.56 -6.67
C LEU B 57 9.53 -2.94 -8.10
N LEU B 58 8.61 -2.82 -9.07
CA LEU B 58 8.87 -3.13 -10.48
C LEU B 58 10.03 -2.30 -11.06
N ALA B 59 10.08 -1.00 -10.77
CA ALA B 59 11.18 -0.12 -11.18
C ALA B 59 12.53 -0.52 -10.55
N SER B 60 12.58 -0.75 -9.24
CA SER B 60 13.81 -1.13 -8.51
C SER B 60 14.25 -2.58 -8.77
N TRP B 61 13.35 -3.47 -9.19
CA TRP B 61 13.70 -4.83 -9.63
C TRP B 61 14.29 -4.82 -11.06
N ALA B 62 13.75 -3.99 -11.96
CA ALA B 62 14.22 -3.82 -13.33
C ALA B 62 15.65 -3.24 -13.48
N THR B 63 16.29 -2.79 -12.39
CA THR B 63 17.71 -2.34 -12.39
C THR B 63 18.72 -3.47 -12.57
N GLN B 64 18.28 -4.74 -12.49
CA GLN B 64 19.13 -5.94 -12.56
C GLN B 64 18.55 -7.00 -13.51
N ASP B 65 19.41 -7.85 -14.07
CA ASP B 65 19.04 -8.91 -15.03
C ASP B 65 18.18 -10.03 -14.41
N SER B 66 18.09 -10.09 -13.08
CA SER B 66 17.19 -11.00 -12.33
C SER B 66 15.69 -10.77 -12.63
N ALA B 67 15.34 -9.60 -13.20
CA ALA B 67 13.99 -9.19 -13.58
C ALA B 67 13.35 -9.97 -14.75
N THR B 68 13.62 -11.27 -14.91
CA THR B 68 12.99 -12.08 -15.96
C THR B 68 11.53 -12.41 -15.63
N LEU B 69 10.70 -12.55 -16.67
CA LEU B 69 9.32 -13.03 -16.53
C LEU B 69 9.29 -14.45 -15.95
N ASP B 70 10.25 -15.30 -16.34
CA ASP B 70 10.43 -16.65 -15.78
C ASP B 70 10.63 -16.64 -14.25
N ALA B 71 11.45 -15.73 -13.71
CA ALA B 71 11.64 -15.57 -12.27
C ALA B 71 10.37 -15.04 -11.56
N LEU B 72 9.65 -14.10 -12.19
CA LEU B 72 8.38 -13.57 -11.68
C LEU B 72 7.31 -14.67 -11.59
N LEU B 73 7.16 -15.47 -12.65
CA LEU B 73 6.28 -16.64 -12.70
C LEU B 73 6.65 -17.69 -11.65
N ALA B 74 7.95 -18.02 -11.53
CA ALA B 74 8.45 -18.96 -10.52
C ALA B 74 8.14 -18.50 -9.08
N ALA B 75 8.23 -17.20 -8.79
CA ALA B 75 7.89 -16.64 -7.48
C ALA B 75 6.38 -16.65 -7.21
N LEU B 76 5.53 -16.28 -8.18
CA LEU B 76 4.06 -16.35 -8.08
C LEU B 76 3.55 -17.76 -7.72
N ARG B 77 4.22 -18.82 -8.21
CA ARG B 77 3.93 -20.23 -7.87
C ARG B 77 4.15 -20.55 -6.39
N ARG B 78 5.26 -20.09 -5.79
CA ARG B 78 5.58 -20.34 -4.37
C ARG B 78 4.59 -19.67 -3.40
N ILE B 79 4.01 -18.54 -3.80
CA ILE B 79 3.03 -17.78 -3.01
C ILE B 79 1.57 -18.15 -3.33
N GLN B 80 1.35 -19.26 -4.05
CA GLN B 80 0.02 -19.76 -4.44
C GLN B 80 -0.86 -18.72 -5.17
N ARG B 81 -0.25 -17.92 -6.06
CA ARG B 81 -0.91 -16.90 -6.90
C ARG B 81 -0.88 -17.29 -8.40
N ALA B 82 -1.00 -18.58 -8.69
CA ALA B 82 -1.18 -19.11 -10.05
C ALA B 82 -2.45 -18.59 -10.76
N ASP B 83 -3.46 -18.15 -10.01
CA ASP B 83 -4.64 -17.43 -10.52
C ASP B 83 -4.21 -16.11 -11.22
N LEU B 84 -3.35 -15.34 -10.55
CA LEU B 84 -2.73 -14.10 -11.05
C LEU B 84 -1.79 -14.33 -12.23
N VAL B 85 -1.04 -15.45 -12.25
CA VAL B 85 -0.24 -15.88 -13.42
C VAL B 85 -1.13 -15.96 -14.68
N GLU B 86 -2.26 -16.64 -14.59
CA GLU B 86 -3.20 -16.76 -15.71
C GLU B 86 -3.81 -15.42 -16.11
N SER B 87 -4.20 -14.57 -15.14
CA SER B 87 -4.71 -13.22 -15.42
C SER B 87 -3.70 -12.33 -16.16
N LEU B 88 -2.41 -12.37 -15.80
CA LEU B 88 -1.35 -11.66 -16.52
C LEU B 88 -1.10 -12.22 -17.93
N CYS B 89 -1.14 -13.55 -18.09
CA CYS B 89 -1.02 -14.21 -19.40
C CYS B 89 -2.15 -13.81 -20.37
N SER B 90 -3.38 -13.65 -19.87
CA SER B 90 -4.54 -13.15 -20.63
C SER B 90 -4.39 -11.70 -21.15
N GLU B 91 -3.41 -10.94 -20.65
CA GLU B 91 -3.05 -9.61 -21.19
C GLU B 91 -1.84 -9.68 -22.15
N SER B 92 -0.91 -10.64 -21.93
CA SER B 92 0.29 -10.83 -22.75
C SER B 92 0.04 -11.55 -24.08
N THR B 93 -1.01 -12.38 -24.15
CA THR B 93 -1.45 -13.10 -25.36
C THR B 93 -1.82 -12.15 -26.53
N ALA B 94 -1.77 -12.66 -27.76
CA ALA B 94 -1.97 -11.92 -29.01
C ALA B 94 -2.69 -12.76 -30.09
N THR B 95 -3.04 -12.12 -31.21
CA THR B 95 -3.94 -12.65 -32.27
C THR B 95 -3.27 -12.68 -33.65
N SER B 96 -1.99 -13.03 -33.69
CA SER B 96 -1.14 -13.17 -34.89
C SER B 96 -0.23 -14.41 -34.81
N PRO B 97 0.25 -14.95 -35.95
CA PRO B 97 1.17 -16.09 -35.96
C PRO B 97 2.56 -15.74 -35.39
N VAL B 98 3.30 -16.77 -34.97
CA VAL B 98 4.60 -16.67 -34.25
C VAL B 98 5.65 -17.65 -34.78
N GLY A 5 -11.92 15.20 19.65
CA GLY A 5 -13.12 14.40 19.40
C GLY A 5 -12.84 13.05 18.72
N LEU A 6 -13.92 12.37 18.30
CA LEU A 6 -13.87 11.20 17.41
C LEU A 6 -13.35 11.57 16.02
N TYR A 7 -12.58 10.68 15.39
CA TYR A 7 -12.14 10.83 14.00
C TYR A 7 -13.32 10.88 13.01
N SER A 8 -14.40 10.14 13.28
CA SER A 8 -15.65 10.19 12.51
C SER A 8 -16.40 11.54 12.58
N SER A 9 -16.13 12.36 13.60
CA SER A 9 -16.69 13.71 13.74
C SER A 9 -15.94 14.77 12.93
N LEU A 10 -14.75 14.47 12.41
CA LEU A 10 -13.99 15.39 11.53
C LEU A 10 -14.67 15.54 10.15
N PRO A 11 -14.58 16.72 9.52
CA PRO A 11 -15.08 16.95 8.16
C PRO A 11 -14.26 16.18 7.10
N PRO A 12 -14.81 15.91 5.90
CA PRO A 12 -14.16 15.07 4.90
C PRO A 12 -12.84 15.65 4.36
N ALA A 13 -12.70 16.98 4.28
CA ALA A 13 -11.45 17.63 3.87
C ALA A 13 -10.27 17.35 4.83
N LYS A 14 -10.52 17.23 6.14
CA LYS A 14 -9.49 16.78 7.12
C LYS A 14 -9.04 15.35 6.82
N ARG A 15 -9.99 14.43 6.57
CA ARG A 15 -9.68 13.02 6.27
C ARG A 15 -8.92 12.85 4.94
N GLU A 16 -9.28 13.63 3.93
CA GLU A 16 -8.52 13.76 2.67
C GLU A 16 -7.08 14.21 2.92
N GLU A 17 -6.83 15.19 3.80
CA GLU A 17 -5.47 15.62 4.15
C GLU A 17 -4.64 14.53 4.85
N VAL A 18 -5.26 13.71 5.72
CA VAL A 18 -4.59 12.55 6.34
C VAL A 18 -4.21 11.50 5.29
N GLU A 19 -5.09 11.22 4.32
CA GLU A 19 -4.72 10.39 3.16
C GLU A 19 -3.58 11.00 2.35
N LYS A 20 -3.61 12.30 2.04
CA LYS A 20 -2.56 13.00 1.27
C LYS A 20 -1.18 12.84 1.90
N LEU A 21 -1.08 12.92 3.23
CA LEU A 21 0.15 12.69 4.01
C LEU A 21 0.71 11.25 3.91
N LEU A 22 -0.08 10.26 3.49
CA LEU A 22 0.36 8.87 3.28
C LEU A 22 0.33 8.46 1.77
N ASN A 23 -0.30 9.24 0.90
CA ASN A 23 -0.20 9.11 -0.57
C ASN A 23 1.04 9.80 -1.14
N GLY A 24 1.44 10.95 -0.58
CA GLY A 24 2.50 11.82 -1.11
C GLY A 24 3.77 11.93 -0.25
N SER A 25 3.72 11.39 0.97
CA SER A 25 4.86 11.17 1.87
C SER A 25 4.76 9.77 2.51
N ALA A 26 5.81 9.33 3.21
CA ALA A 26 6.05 7.96 3.69
C ALA A 26 4.79 7.19 4.17
N GLY A 27 4.21 6.36 3.28
CA GLY A 27 2.93 5.68 3.46
C GLY A 27 2.97 4.37 4.26
N ASP A 28 4.02 4.13 5.06
CA ASP A 28 4.22 2.93 5.87
C ASP A 28 3.78 3.10 7.34
N THR A 29 3.61 4.34 7.80
CA THR A 29 3.34 4.70 9.21
C THR A 29 2.07 4.06 9.78
N TRP A 30 1.07 3.79 8.95
CA TRP A 30 -0.17 3.12 9.35
C TRP A 30 0.06 1.68 9.86
N ARG A 31 1.10 0.96 9.37
CA ARG A 31 1.43 -0.39 9.85
C ARG A 31 1.97 -0.37 11.27
N HIS A 32 2.83 0.61 11.56
CA HIS A 32 3.32 0.87 12.91
C HIS A 32 2.16 1.25 13.86
N LEU A 33 1.22 2.09 13.41
CA LEU A 33 -0.02 2.37 14.14
C LEU A 33 -0.82 1.10 14.42
N ALA A 34 -1.11 0.28 13.41
CA ALA A 34 -1.85 -0.98 13.57
C ALA A 34 -1.21 -1.92 14.60
N GLY A 35 0.13 -2.01 14.61
CA GLY A 35 0.91 -2.75 15.61
C GLY A 35 0.68 -2.27 17.04
N GLU A 36 0.81 -0.97 17.31
CA GLU A 36 0.63 -0.39 18.66
C GLU A 36 -0.84 -0.25 19.10
N LEU A 37 -1.79 -0.13 18.15
CA LEU A 37 -3.23 -0.30 18.42
C LEU A 37 -3.60 -1.75 18.78
N GLY A 38 -2.72 -2.72 18.51
CA GLY A 38 -2.93 -4.14 18.79
C GLY A 38 -3.86 -4.86 17.81
N TYR A 39 -3.99 -4.36 16.57
CA TYR A 39 -4.75 -5.03 15.52
C TYR A 39 -4.16 -6.42 15.19
N GLN A 40 -5.04 -7.40 14.95
CA GLN A 40 -4.67 -8.75 14.49
C GLN A 40 -3.93 -8.70 13.14
N PRO A 41 -2.95 -9.60 12.89
CA PRO A 41 -2.21 -9.62 11.62
C PRO A 41 -3.10 -9.95 10.41
N GLU A 42 -4.17 -10.72 10.62
CA GLU A 42 -5.18 -11.02 9.59
C GLU A 42 -6.01 -9.79 9.19
N HIS A 43 -6.15 -8.78 10.06
CA HIS A 43 -6.84 -7.52 9.74
C HIS A 43 -5.94 -6.57 8.94
N ILE A 44 -4.63 -6.57 9.20
CA ILE A 44 -3.64 -5.83 8.39
C ILE A 44 -3.69 -6.30 6.92
N ASP A 45 -3.81 -7.61 6.70
CA ASP A 45 -4.01 -8.21 5.37
C ASP A 45 -5.31 -7.78 4.67
N SER A 46 -6.37 -7.44 5.43
CA SER A 46 -7.60 -6.85 4.87
C SER A 46 -7.40 -5.39 4.42
N PHE A 47 -6.56 -4.62 5.11
CA PHE A 47 -6.25 -3.24 4.73
C PHE A 47 -5.33 -3.16 3.51
N THR A 48 -4.28 -3.99 3.43
CA THR A 48 -3.39 -4.07 2.24
C THR A 48 -4.08 -4.60 0.98
N HIS A 49 -5.31 -5.12 1.06
CA HIS A 49 -6.09 -5.57 -0.11
C HIS A 49 -6.38 -4.44 -1.13
N GLU A 50 -6.21 -3.17 -0.75
CA GLU A 50 -6.36 -1.98 -1.62
C GLU A 50 -5.05 -1.16 -1.62
N ALA A 51 -4.82 -0.38 -2.69
CA ALA A 51 -3.66 0.52 -2.81
C ALA A 51 -3.59 1.61 -1.72
N CYS A 52 -4.73 1.99 -1.13
CA CYS A 52 -4.81 3.02 -0.09
C CYS A 52 -5.22 2.39 1.25
N PRO A 53 -4.37 1.58 1.91
CA PRO A 53 -4.73 0.88 3.15
C PRO A 53 -5.16 1.83 4.27
N VAL A 54 -4.62 3.06 4.28
CA VAL A 54 -5.04 4.17 5.13
C VAL A 54 -6.56 4.44 5.06
N ARG A 55 -7.20 4.42 3.88
CA ARG A 55 -8.66 4.66 3.76
C ARG A 55 -9.47 3.54 4.42
N ALA A 56 -9.04 2.30 4.24
CA ALA A 56 -9.68 1.12 4.81
C ALA A 56 -9.49 1.03 6.33
N LEU A 57 -8.28 1.33 6.82
CA LEU A 57 -7.96 1.41 8.25
C LEU A 57 -8.80 2.49 8.93
N LEU A 58 -8.78 3.73 8.43
CA LEU A 58 -9.54 4.85 9.00
C LEU A 58 -11.05 4.56 9.03
N ALA A 59 -11.62 4.06 7.92
CA ALA A 59 -13.03 3.68 7.85
C ALA A 59 -13.41 2.56 8.84
N SER A 60 -12.56 1.53 8.97
CA SER A 60 -12.77 0.43 9.92
C SER A 60 -12.62 0.89 11.38
N TRP A 61 -11.58 1.64 11.69
CA TRP A 61 -11.32 2.16 13.04
C TRP A 61 -12.45 3.08 13.52
N ALA A 62 -12.96 3.95 12.64
CA ALA A 62 -14.12 4.81 12.88
C ALA A 62 -15.44 4.08 13.20
N THR A 63 -15.52 2.75 13.04
CA THR A 63 -16.70 1.94 13.43
C THR A 63 -16.91 1.85 14.95
N GLN A 64 -15.92 2.24 15.76
CA GLN A 64 -15.89 2.09 17.22
C GLN A 64 -15.49 3.38 17.95
N ASP A 65 -15.97 3.54 19.19
CA ASP A 65 -15.73 4.71 20.04
C ASP A 65 -14.25 4.94 20.40
N SER A 66 -13.40 3.92 20.25
CA SER A 66 -11.94 3.99 20.43
C SER A 66 -11.24 4.96 19.47
N ALA A 67 -11.88 5.37 18.38
CA ALA A 67 -11.34 6.22 17.31
C ALA A 67 -11.13 7.71 17.70
N THR A 68 -10.85 8.03 18.96
CA THR A 68 -10.58 9.42 19.40
C THR A 68 -9.26 9.93 18.85
N LEU A 69 -9.17 11.24 18.59
CA LEU A 69 -7.91 11.90 18.25
C LEU A 69 -6.85 11.68 19.34
N ASP A 70 -7.24 11.74 20.61
CA ASP A 70 -6.36 11.50 21.76
C ASP A 70 -5.70 10.10 21.72
N ALA A 71 -6.45 9.05 21.37
CA ALA A 71 -5.92 7.70 21.21
C ALA A 71 -5.00 7.57 19.97
N LEU A 72 -5.33 8.25 18.87
CA LEU A 72 -4.48 8.30 17.66
C LEU A 72 -3.12 8.96 17.97
N LEU A 73 -3.15 10.09 18.68
CA LEU A 73 -1.97 10.81 19.15
C LEU A 73 -1.11 9.96 20.11
N ALA A 74 -1.74 9.28 21.07
CA ALA A 74 -1.03 8.39 22.00
C ALA A 74 -0.28 7.26 21.27
N ALA A 75 -0.86 6.69 20.22
CA ALA A 75 -0.20 5.67 19.39
C ALA A 75 0.92 6.27 18.52
N LEU A 76 0.72 7.45 17.90
CA LEU A 76 1.75 8.18 17.14
C LEU A 76 3.04 8.45 17.96
N ARG A 77 2.91 8.71 19.27
CA ARG A 77 4.04 8.88 20.20
C ARG A 77 4.84 7.57 20.40
N ARG A 78 4.17 6.43 20.63
CA ARG A 78 4.80 5.11 20.83
C ARG A 78 5.65 4.69 19.62
N ILE A 79 5.20 5.01 18.40
CA ILE A 79 5.89 4.67 17.14
C ILE A 79 6.92 5.72 16.69
N GLN A 80 7.16 6.76 17.50
CA GLN A 80 8.10 7.87 17.22
C GLN A 80 7.78 8.60 15.90
N ARG A 81 6.49 8.91 15.67
CA ARG A 81 5.96 9.66 14.51
C ARG A 81 5.29 10.97 14.94
N ALA A 82 5.88 11.66 15.92
CA ALA A 82 5.53 13.03 16.29
C ALA A 82 5.65 14.04 15.11
N ASP A 83 6.43 13.71 14.08
CA ASP A 83 6.43 14.42 12.79
C ASP A 83 5.04 14.46 12.14
N LEU A 84 4.31 13.33 12.15
CA LEU A 84 2.93 13.27 11.64
C LEU A 84 1.96 14.06 12.52
N VAL A 85 2.14 14.04 13.86
CA VAL A 85 1.36 14.86 14.81
C VAL A 85 1.48 16.34 14.47
N GLU A 86 2.70 16.84 14.28
CA GLU A 86 2.96 18.23 13.92
C GLU A 86 2.38 18.60 12.54
N SER A 87 2.57 17.75 11.53
CA SER A 87 1.98 17.94 10.20
C SER A 87 0.46 17.99 10.23
N LEU A 88 -0.21 17.07 10.93
CA LEU A 88 -1.68 17.04 11.05
C LEU A 88 -2.25 18.28 11.77
N CYS A 89 -1.49 18.87 12.70
CA CYS A 89 -1.85 20.14 13.35
C CYS A 89 -1.74 21.33 12.36
N SER A 90 -0.63 21.44 11.63
CA SER A 90 -0.40 22.53 10.65
C SER A 90 -1.31 22.43 9.42
N GLU A 91 -1.59 21.22 8.92
CA GLU A 91 -2.47 20.95 7.77
C GLU A 91 -3.97 21.07 8.09
N SER A 92 -4.34 21.43 9.33
CA SER A 92 -5.74 21.54 9.75
C SER A 92 -6.48 22.69 9.02
N THR A 93 -5.87 23.88 8.96
CA THR A 93 -6.41 25.09 8.30
C THR A 93 -7.84 25.48 8.79
N ALA A 94 -8.55 26.37 8.08
CA ALA A 94 -9.93 26.76 8.40
C ALA A 94 -11.00 25.71 7.98
N THR A 95 -10.66 24.85 7.02
CA THR A 95 -11.44 23.71 6.49
C THR A 95 -12.74 24.11 5.75
N SER A 96 -12.77 23.90 4.43
CA SER A 96 -13.89 24.29 3.55
C SER A 96 -14.20 23.23 2.47
N PRO A 97 -14.84 22.10 2.85
CA PRO A 97 -15.21 21.03 1.92
C PRO A 97 -16.42 21.36 1.02
N VAL A 98 -17.26 22.33 1.45
CA VAL A 98 -18.58 22.70 0.89
C VAL A 98 -19.46 21.49 0.54
N GLY B 5 12.67 -13.77 -21.21
CA GLY B 5 12.22 -12.39 -21.45
C GLY B 5 12.23 -11.52 -20.19
N LEU B 6 12.98 -10.41 -20.21
CA LEU B 6 13.02 -9.42 -19.14
C LEU B 6 11.71 -8.63 -19.04
N TYR B 7 11.22 -8.42 -17.81
CA TYR B 7 10.08 -7.55 -17.52
C TYR B 7 10.31 -6.11 -18.01
N SER B 8 11.55 -5.61 -17.90
CA SER B 8 11.98 -4.30 -18.43
C SER B 8 11.80 -4.15 -19.96
N SER B 9 11.78 -5.26 -20.70
CA SER B 9 11.61 -5.29 -22.17
C SER B 9 10.15 -5.16 -22.62
N LEU B 10 9.17 -5.35 -21.73
CA LEU B 10 7.74 -5.20 -22.03
C LEU B 10 7.35 -3.74 -22.37
N PRO B 11 6.32 -3.53 -23.21
CA PRO B 11 5.78 -2.19 -23.49
C PRO B 11 5.13 -1.56 -22.24
N PRO B 12 4.98 -0.22 -22.19
CA PRO B 12 4.47 0.47 -20.99
C PRO B 12 3.03 0.09 -20.65
N ALA B 13 2.20 -0.22 -21.66
CA ALA B 13 0.82 -0.69 -21.46
C ALA B 13 0.75 -2.01 -20.67
N LYS B 14 1.64 -2.97 -20.94
CA LYS B 14 1.71 -4.24 -20.19
C LYS B 14 2.00 -4.01 -18.71
N ARG B 15 2.82 -3.01 -18.36
CA ARG B 15 3.12 -2.66 -16.96
C ARG B 15 1.93 -2.01 -16.25
N GLU B 16 1.16 -1.18 -16.98
CA GLU B 16 -0.13 -0.64 -16.51
C GLU B 16 -1.16 -1.75 -16.19
N GLU B 17 -1.22 -2.85 -16.94
CA GLU B 17 -2.11 -3.99 -16.60
C GLU B 17 -1.72 -4.65 -15.25
N VAL B 18 -0.43 -4.77 -14.93
CA VAL B 18 0.02 -5.29 -13.62
C VAL B 18 -0.39 -4.36 -12.48
N GLU B 19 -0.25 -3.03 -12.67
CA GLU B 19 -0.80 -2.05 -11.74
C GLU B 19 -2.33 -2.16 -11.59
N LYS B 20 -3.08 -2.37 -12.68
CA LYS B 20 -4.55 -2.52 -12.65
C LYS B 20 -5.00 -3.69 -11.78
N LEU B 21 -4.30 -4.83 -11.85
CA LEU B 21 -4.54 -5.99 -10.98
C LEU B 21 -4.28 -5.66 -9.51
N LEU B 22 -3.11 -5.09 -9.17
CA LEU B 22 -2.73 -4.73 -7.79
C LEU B 22 -3.35 -3.39 -7.30
N ASN B 23 -4.32 -2.84 -8.03
CA ASN B 23 -5.11 -1.67 -7.65
C ASN B 23 -6.50 -2.03 -7.07
N GLY B 24 -7.01 -3.24 -7.31
CA GLY B 24 -8.37 -3.63 -6.86
C GLY B 24 -8.67 -5.13 -6.85
N SER B 25 -8.17 -5.90 -7.82
CA SER B 25 -8.25 -7.38 -7.80
C SER B 25 -7.36 -7.99 -6.70
N ALA B 26 -6.28 -7.29 -6.37
CA ALA B 26 -5.36 -7.52 -5.25
C ALA B 26 -4.75 -6.19 -4.78
N GLY B 27 -3.86 -6.24 -3.79
CA GLY B 27 -3.07 -5.10 -3.31
C GLY B 27 -1.92 -5.47 -2.38
N ASP B 28 -1.90 -6.72 -1.89
CA ASP B 28 -0.99 -7.26 -0.88
C ASP B 28 -0.02 -8.33 -1.43
N THR B 29 -0.29 -8.86 -2.63
CA THR B 29 0.48 -9.93 -3.28
C THR B 29 1.95 -9.56 -3.55
N TRP B 30 2.25 -8.27 -3.72
CA TRP B 30 3.62 -7.76 -3.82
C TRP B 30 4.47 -8.04 -2.57
N ARG B 31 3.85 -8.08 -1.37
CA ARG B 31 4.54 -8.36 -0.09
C ARG B 31 5.02 -9.80 -0.04
N HIS B 32 4.15 -10.71 -0.44
CA HIS B 32 4.45 -12.13 -0.58
C HIS B 32 5.55 -12.35 -1.64
N LEU B 33 5.47 -11.68 -2.80
CA LEU B 33 6.54 -11.67 -3.81
C LEU B 33 7.87 -11.20 -3.22
N ALA B 34 7.93 -10.03 -2.57
CA ALA B 34 9.15 -9.50 -1.97
C ALA B 34 9.81 -10.47 -0.96
N GLY B 35 8.98 -11.19 -0.18
CA GLY B 35 9.42 -12.25 0.73
C GLY B 35 10.10 -13.42 0.01
N GLU B 36 9.46 -14.01 -1.00
CA GLU B 36 10.02 -15.14 -1.76
C GLU B 36 11.15 -14.76 -2.74
N LEU B 37 11.19 -13.51 -3.22
CA LEU B 37 12.35 -12.91 -3.90
C LEU B 37 13.56 -12.72 -2.96
N GLY B 38 13.37 -12.78 -1.65
CA GLY B 38 14.42 -12.67 -0.64
C GLY B 38 14.93 -11.23 -0.41
N TYR B 39 14.15 -10.21 -0.75
CA TYR B 39 14.47 -8.81 -0.42
C TYR B 39 14.53 -8.61 1.11
N GLN B 40 15.48 -7.78 1.58
CA GLN B 40 15.55 -7.37 2.98
C GLN B 40 14.32 -6.52 3.39
N PRO B 41 13.93 -6.52 4.67
CA PRO B 41 12.75 -5.77 5.15
C PRO B 41 12.86 -4.25 4.95
N GLU B 42 14.08 -3.70 4.91
CA GLU B 42 14.30 -2.28 4.57
C GLU B 42 13.86 -1.91 3.14
N HIS B 43 13.94 -2.83 2.16
CA HIS B 43 13.40 -2.60 0.82
C HIS B 43 11.87 -2.58 0.83
N ILE B 44 11.23 -3.47 1.60
CA ILE B 44 9.77 -3.50 1.80
C ILE B 44 9.28 -2.15 2.34
N ASP B 45 9.96 -1.60 3.35
CA ASP B 45 9.68 -0.26 3.89
C ASP B 45 9.87 0.86 2.85
N SER B 46 10.92 0.79 2.01
CA SER B 46 11.13 1.73 0.90
C SER B 46 10.03 1.67 -0.16
N PHE B 47 9.38 0.52 -0.37
CA PHE B 47 8.25 0.40 -1.31
C PHE B 47 6.93 0.95 -0.73
N THR B 48 6.63 0.73 0.56
CA THR B 48 5.46 1.34 1.23
C THR B 48 5.57 2.87 1.42
N HIS B 49 6.66 3.52 1.03
CA HIS B 49 6.71 4.98 0.90
C HIS B 49 5.61 5.56 -0.02
N GLU B 50 5.09 4.76 -0.97
CA GLU B 50 4.04 5.15 -1.92
C GLU B 50 2.77 4.31 -1.74
N ALA B 51 1.59 4.84 -2.12
CA ALA B 51 0.33 4.09 -2.16
C ALA B 51 0.31 2.96 -3.23
N CYS B 52 1.16 3.03 -4.24
CA CYS B 52 1.27 1.99 -5.28
C CYS B 52 2.64 1.30 -5.18
N PRO B 53 2.94 0.53 -4.10
CA PRO B 53 4.25 -0.07 -3.89
C PRO B 53 4.66 -0.99 -5.04
N VAL B 54 3.70 -1.61 -5.72
CA VAL B 54 3.88 -2.34 -6.99
C VAL B 54 4.66 -1.55 -8.05
N ARG B 55 4.37 -0.26 -8.28
CA ARG B 55 5.07 0.53 -9.31
C ARG B 55 6.56 0.72 -8.98
N ALA B 56 6.85 0.97 -7.70
CA ALA B 56 8.21 1.14 -7.20
C ALA B 56 8.97 -0.19 -7.18
N LEU B 57 8.33 -1.28 -6.77
CA LEU B 57 8.90 -2.64 -6.80
C LEU B 57 9.27 -3.04 -8.23
N LEU B 58 8.34 -2.94 -9.18
CA LEU B 58 8.59 -3.26 -10.59
C LEU B 58 9.72 -2.42 -11.20
N ALA B 59 9.73 -1.11 -10.94
CA ALA B 59 10.80 -0.20 -11.40
C ALA B 59 12.19 -0.56 -10.82
N SER B 60 12.28 -0.81 -9.51
CA SER B 60 13.53 -1.21 -8.86
C SER B 60 13.98 -2.63 -9.23
N TRP B 61 13.07 -3.58 -9.37
CA TRP B 61 13.39 -4.95 -9.80
C TRP B 61 13.93 -4.98 -11.23
N ALA B 62 13.34 -4.20 -12.14
CA ALA B 62 13.81 -4.00 -13.52
C ALA B 62 15.23 -3.41 -13.65
N THR B 63 15.84 -2.91 -12.56
CA THR B 63 17.23 -2.43 -12.56
C THR B 63 18.29 -3.54 -12.74
N GLN B 64 17.90 -4.81 -12.61
CA GLN B 64 18.79 -5.98 -12.63
C GLN B 64 18.31 -7.10 -13.57
N ASP B 65 19.26 -7.90 -14.07
CA ASP B 65 19.02 -9.00 -15.01
C ASP B 65 18.17 -10.15 -14.43
N SER B 66 18.01 -10.23 -13.10
CA SER B 66 17.13 -11.21 -12.43
C SER B 66 15.64 -11.00 -12.74
N ALA B 67 15.25 -9.85 -13.31
CA ALA B 67 13.88 -9.43 -13.60
C ALA B 67 13.16 -10.20 -14.75
N THR B 68 13.51 -11.45 -15.03
CA THR B 68 12.88 -12.23 -16.09
C THR B 68 11.48 -12.71 -15.70
N LEU B 69 10.60 -12.88 -16.70
CA LEU B 69 9.25 -13.42 -16.48
C LEU B 69 9.29 -14.82 -15.85
N ASP B 70 10.23 -15.68 -16.26
CA ASP B 70 10.41 -17.01 -15.65
C ASP B 70 10.69 -16.94 -14.14
N ALA B 71 11.49 -15.98 -13.67
CA ALA B 71 11.73 -15.74 -12.25
C ALA B 71 10.48 -15.17 -11.53
N LEU B 72 9.74 -14.27 -12.17
CA LEU B 72 8.48 -13.71 -11.64
C LEU B 72 7.42 -14.81 -11.45
N LEU B 73 7.25 -15.65 -12.47
CA LEU B 73 6.37 -16.81 -12.47
C LEU B 73 6.77 -17.84 -11.39
N ALA B 74 8.06 -18.17 -11.29
CA ALA B 74 8.57 -19.09 -10.26
C ALA B 74 8.24 -18.62 -8.84
N ALA B 75 8.32 -17.33 -8.56
CA ALA B 75 7.94 -16.74 -7.27
C ALA B 75 6.41 -16.72 -7.05
N LEU B 76 5.61 -16.36 -8.06
CA LEU B 76 4.14 -16.41 -8.03
C LEU B 76 3.60 -17.80 -7.66
N ARG B 77 4.28 -18.87 -8.10
CA ARG B 77 3.96 -20.27 -7.74
C ARG B 77 4.15 -20.56 -6.26
N ARG B 78 5.28 -20.15 -5.66
CA ARG B 78 5.60 -20.39 -4.23
C ARG B 78 4.60 -19.71 -3.29
N ILE B 79 4.14 -18.52 -3.64
CA ILE B 79 3.16 -17.75 -2.85
C ILE B 79 1.70 -18.15 -3.12
N GLN B 80 1.45 -19.21 -3.90
CA GLN B 80 0.12 -19.72 -4.28
C GLN B 80 -0.76 -18.65 -4.96
N ARG B 81 -0.17 -17.88 -5.89
CA ARG B 81 -0.84 -16.84 -6.71
C ARG B 81 -0.82 -17.18 -8.21
N ALA B 82 -0.96 -18.47 -8.53
CA ALA B 82 -1.24 -18.93 -9.90
C ALA B 82 -2.51 -18.31 -10.53
N ASP B 83 -3.46 -17.83 -9.72
CA ASP B 83 -4.57 -16.98 -10.16
C ASP B 83 -4.07 -15.69 -10.85
N LEU B 84 -3.05 -15.03 -10.28
CA LEU B 84 -2.43 -13.83 -10.85
C LEU B 84 -1.67 -14.16 -12.15
N VAL B 85 -0.99 -15.32 -12.20
CA VAL B 85 -0.33 -15.84 -13.42
C VAL B 85 -1.32 -15.96 -14.58
N GLU B 86 -2.47 -16.62 -14.35
CA GLU B 86 -3.51 -16.80 -15.36
C GLU B 86 -4.14 -15.46 -15.79
N SER B 87 -4.44 -14.57 -14.83
CA SER B 87 -4.95 -13.22 -15.12
C SER B 87 -3.98 -12.40 -15.98
N LEU B 88 -2.68 -12.37 -15.63
CA LEU B 88 -1.65 -11.67 -16.40
C LEU B 88 -1.51 -12.18 -17.84
N CYS B 89 -1.61 -13.50 -18.04
CA CYS B 89 -1.60 -14.11 -19.37
C CYS B 89 -2.78 -13.62 -20.23
N SER B 90 -4.00 -13.61 -19.67
CA SER B 90 -5.21 -13.12 -20.35
C SER B 90 -5.21 -11.59 -20.56
N GLU B 91 -4.67 -10.81 -19.62
CA GLU B 91 -4.57 -9.33 -19.69
C GLU B 91 -3.63 -8.81 -20.81
N SER B 92 -2.75 -9.66 -21.35
CA SER B 92 -1.75 -9.29 -22.36
C SER B 92 -2.36 -8.65 -23.63
N THR B 93 -3.51 -9.17 -24.09
CA THR B 93 -4.31 -8.75 -25.26
C THR B 93 -3.47 -8.16 -26.43
N ALA B 94 -3.76 -6.94 -26.90
CA ALA B 94 -3.02 -6.21 -27.93
C ALA B 94 -3.21 -4.69 -27.72
N THR B 95 -2.16 -3.89 -27.95
CA THR B 95 -2.09 -2.45 -27.64
C THR B 95 -1.20 -1.68 -28.63
N SER B 96 -1.33 -0.34 -28.63
CA SER B 96 -0.57 0.58 -29.50
C SER B 96 -0.28 1.92 -28.79
N PRO B 97 0.66 1.95 -27.81
CA PRO B 97 0.96 3.14 -27.02
C PRO B 97 1.81 4.21 -27.76
N VAL B 98 2.32 3.91 -28.96
CA VAL B 98 3.20 4.78 -29.78
C VAL B 98 2.97 4.57 -31.28
N GLY A 5 -11.81 14.83 20.36
CA GLY A 5 -13.08 14.14 20.11
C GLY A 5 -12.94 12.85 19.30
N LEU A 6 -14.06 12.31 18.80
CA LEU A 6 -14.03 11.23 17.81
C LEU A 6 -13.45 11.71 16.47
N TYR A 7 -12.56 10.92 15.87
CA TYR A 7 -12.02 11.15 14.53
C TYR A 7 -13.12 11.24 13.46
N SER A 8 -14.18 10.44 13.58
CA SER A 8 -15.37 10.48 12.71
C SER A 8 -16.16 11.80 12.75
N SER A 9 -15.92 12.65 13.76
CA SER A 9 -16.52 13.99 13.88
C SER A 9 -15.80 15.06 13.03
N LEU A 10 -14.58 14.78 12.54
CA LEU A 10 -13.81 15.70 11.69
C LEU A 10 -14.46 15.95 10.32
N PRO A 11 -14.20 17.11 9.68
CA PRO A 11 -14.66 17.39 8.31
C PRO A 11 -13.98 16.50 7.26
N PRO A 12 -14.59 16.34 6.06
CA PRO A 12 -14.01 15.53 4.98
C PRO A 12 -12.65 16.06 4.50
N ALA A 13 -12.46 17.38 4.51
CA ALA A 13 -11.18 18.03 4.20
C ALA A 13 -10.02 17.60 5.12
N LYS A 14 -10.30 17.39 6.42
CA LYS A 14 -9.32 16.85 7.38
C LYS A 14 -8.95 15.40 7.07
N ARG A 15 -9.91 14.56 6.67
CA ARG A 15 -9.66 13.15 6.32
C ARG A 15 -8.87 13.03 5.01
N GLU A 16 -9.16 13.88 4.02
CA GLU A 16 -8.37 14.03 2.79
C GLU A 16 -6.91 14.40 3.09
N GLU A 17 -6.66 15.25 4.10
CA GLU A 17 -5.30 15.62 4.54
C GLU A 17 -4.51 14.43 5.11
N VAL A 18 -5.15 13.51 5.85
CA VAL A 18 -4.50 12.27 6.31
C VAL A 18 -4.12 11.37 5.15
N GLU A 19 -5.01 11.21 4.15
CA GLU A 19 -4.67 10.51 2.91
C GLU A 19 -3.49 11.17 2.17
N LYS A 20 -3.44 12.51 2.10
CA LYS A 20 -2.35 13.24 1.45
C LYS A 20 -0.98 12.99 2.08
N LEU A 21 -0.91 12.78 3.39
CA LEU A 21 0.34 12.42 4.09
C LEU A 21 0.80 10.99 3.79
N LEU A 22 -0.12 10.02 3.71
CA LEU A 22 0.19 8.62 3.39
C LEU A 22 0.20 8.30 1.88
N ASN A 23 -0.05 9.27 0.99
CA ASN A 23 0.00 9.04 -0.46
C ASN A 23 1.43 8.80 -0.99
N GLY A 24 2.46 9.30 -0.29
CA GLY A 24 3.84 9.37 -0.80
C GLY A 24 4.91 9.81 0.20
N SER A 25 4.58 10.62 1.21
CA SER A 25 5.55 11.01 2.26
C SER A 25 5.90 9.82 3.17
N ALA A 26 4.89 9.04 3.59
CA ALA A 26 5.06 7.89 4.49
C ALA A 26 3.84 6.93 4.47
N GLY A 27 3.53 6.31 3.31
CA GLY A 27 2.43 5.34 3.13
C GLY A 27 2.52 4.01 3.91
N ASP A 28 3.29 3.99 5.00
CA ASP A 28 3.72 2.82 5.77
C ASP A 28 3.44 2.95 7.28
N THR A 29 3.23 4.17 7.78
CA THR A 29 2.97 4.43 9.22
C THR A 29 1.67 3.82 9.72
N TRP A 30 0.70 3.56 8.82
CA TRP A 30 -0.52 2.81 9.14
C TRP A 30 -0.24 1.39 9.63
N ARG A 31 0.83 0.72 9.16
CA ARG A 31 1.23 -0.63 9.59
C ARG A 31 1.66 -0.63 11.06
N HIS A 32 2.47 0.37 11.41
CA HIS A 32 2.93 0.63 12.78
C HIS A 32 1.74 0.98 13.69
N LEU A 33 0.82 1.84 13.24
CA LEU A 33 -0.43 2.15 13.94
C LEU A 33 -1.28 0.89 14.19
N ALA A 34 -1.55 0.07 13.17
CA ALA A 34 -2.30 -1.17 13.31
C ALA A 34 -1.68 -2.13 14.36
N GLY A 35 -0.35 -2.21 14.41
CA GLY A 35 0.39 -2.94 15.44
C GLY A 35 0.13 -2.44 16.87
N GLU A 36 0.25 -1.13 17.12
CA GLU A 36 -0.01 -0.55 18.45
C GLU A 36 -1.50 -0.46 18.83
N LEU A 37 -2.41 -0.37 17.85
CA LEU A 37 -3.86 -0.55 18.03
C LEU A 37 -4.24 -1.99 18.41
N GLY A 38 -3.32 -2.96 18.27
CA GLY A 38 -3.55 -4.38 18.56
C GLY A 38 -4.46 -5.07 17.54
N TYR A 39 -4.56 -4.54 16.31
CA TYR A 39 -5.34 -5.14 15.22
C TYR A 39 -4.79 -6.54 14.86
N GLN A 40 -5.68 -7.50 14.63
CA GLN A 40 -5.30 -8.87 14.24
C GLN A 40 -4.56 -8.89 12.87
N PRO A 41 -3.64 -9.85 12.65
CA PRO A 41 -2.82 -9.90 11.43
C PRO A 41 -3.64 -10.11 10.15
N GLU A 42 -4.79 -10.80 10.24
CA GLU A 42 -5.72 -10.97 9.12
C GLU A 42 -6.37 -9.65 8.65
N HIS A 43 -6.57 -8.67 9.56
CA HIS A 43 -7.07 -7.35 9.19
C HIS A 43 -6.00 -6.48 8.50
N ILE A 44 -4.72 -6.65 8.84
CA ILE A 44 -3.61 -5.97 8.15
C ILE A 44 -3.60 -6.33 6.65
N ASP A 45 -3.77 -7.62 6.32
CA ASP A 45 -3.92 -8.09 4.94
C ASP A 45 -5.17 -7.51 4.24
N SER A 46 -6.29 -7.34 4.97
CA SER A 46 -7.50 -6.67 4.46
C SER A 46 -7.29 -5.17 4.19
N PHE A 47 -6.48 -4.46 4.99
CA PHE A 47 -6.16 -3.05 4.75
C PHE A 47 -5.25 -2.85 3.52
N THR A 48 -4.21 -3.69 3.34
CA THR A 48 -3.33 -3.65 2.15
C THR A 48 -3.96 -4.28 0.88
N HIS A 49 -5.24 -4.68 0.92
CA HIS A 49 -6.02 -5.10 -0.26
C HIS A 49 -6.08 -4.02 -1.37
N GLU A 50 -6.00 -2.74 -0.99
CA GLU A 50 -6.10 -1.57 -1.88
C GLU A 50 -4.80 -0.73 -1.86
N ALA A 51 -4.57 0.05 -2.92
CA ALA A 51 -3.43 0.99 -3.01
C ALA A 51 -3.48 2.15 -1.98
N CYS A 52 -4.63 2.41 -1.36
CA CYS A 52 -4.78 3.45 -0.34
C CYS A 52 -5.19 2.83 1.01
N PRO A 53 -4.30 2.07 1.68
CA PRO A 53 -4.64 1.35 2.91
C PRO A 53 -5.12 2.29 4.02
N VAL A 54 -4.64 3.54 4.02
CA VAL A 54 -5.15 4.64 4.86
C VAL A 54 -6.67 4.83 4.71
N ARG A 55 -7.25 4.82 3.50
CA ARG A 55 -8.70 4.99 3.29
C ARG A 55 -9.50 3.82 3.90
N ALA A 56 -8.99 2.59 3.74
CA ALA A 56 -9.60 1.38 4.27
C ALA A 56 -9.53 1.33 5.80
N LEU A 57 -8.37 1.65 6.39
CA LEU A 57 -8.17 1.69 7.84
C LEU A 57 -9.04 2.77 8.48
N LEU A 58 -8.98 4.02 7.99
CA LEU A 58 -9.79 5.13 8.53
C LEU A 58 -11.30 4.84 8.44
N ALA A 59 -11.79 4.28 7.31
CA ALA A 59 -13.18 3.88 7.16
C ALA A 59 -13.61 2.79 8.17
N SER A 60 -12.80 1.72 8.32
CA SER A 60 -13.09 0.60 9.22
C SER A 60 -12.86 0.93 10.71
N TRP A 61 -12.06 1.94 11.02
CA TRP A 61 -11.87 2.46 12.37
C TRP A 61 -13.02 3.39 12.78
N ALA A 62 -13.44 4.31 11.89
CA ALA A 62 -14.54 5.24 12.12
C ALA A 62 -15.92 4.59 12.42
N THR A 63 -16.12 3.32 12.04
CA THR A 63 -17.33 2.53 12.38
C THR A 63 -17.44 2.13 13.85
N GLN A 64 -16.47 2.44 14.71
CA GLN A 64 -16.49 2.14 16.15
C GLN A 64 -16.03 3.31 17.03
N ASP A 65 -16.51 3.34 18.28
CA ASP A 65 -16.20 4.38 19.28
C ASP A 65 -14.73 4.40 19.74
N SER A 66 -13.95 3.36 19.43
CA SER A 66 -12.49 3.32 19.63
C SER A 66 -11.73 4.40 18.85
N ALA A 67 -12.34 4.99 17.81
CA ALA A 67 -11.79 6.02 16.93
C ALA A 67 -11.58 7.40 17.57
N THR A 68 -11.28 7.51 18.87
CA THR A 68 -10.97 8.80 19.51
C THR A 68 -9.63 9.35 19.02
N LEU A 69 -9.51 10.68 18.89
CA LEU A 69 -8.22 11.34 18.65
C LEU A 69 -7.22 11.08 19.78
N ASP A 70 -7.70 10.93 21.02
CA ASP A 70 -6.85 10.54 22.16
C ASP A 70 -6.12 9.20 21.92
N ALA A 71 -6.82 8.19 21.39
CA ALA A 71 -6.22 6.91 21.01
C ALA A 71 -5.27 7.03 19.80
N LEU A 72 -5.64 7.81 18.78
CA LEU A 72 -4.80 8.06 17.59
C LEU A 72 -3.46 8.72 17.98
N LEU A 73 -3.52 9.77 18.80
CA LEU A 73 -2.36 10.50 19.31
C LEU A 73 -1.46 9.60 20.15
N ALA A 74 -2.02 8.83 21.10
CA ALA A 74 -1.27 7.88 21.92
C ALA A 74 -0.56 6.80 21.07
N ALA A 75 -1.23 6.26 20.06
CA ALA A 75 -0.65 5.28 19.14
C ALA A 75 0.50 5.88 18.30
N LEU A 76 0.32 7.07 17.70
CA LEU A 76 1.38 7.80 16.99
C LEU A 76 2.61 8.06 17.88
N ARG A 77 2.42 8.42 19.15
CA ARG A 77 3.48 8.65 20.13
C ARG A 77 4.29 7.38 20.42
N ARG A 78 3.61 6.23 20.60
CA ARG A 78 4.26 4.92 20.82
C ARG A 78 5.11 4.44 19.63
N ILE A 79 4.74 4.80 18.40
CA ILE A 79 5.48 4.43 17.17
C ILE A 79 6.51 5.49 16.73
N GLN A 80 6.81 6.48 17.57
CA GLN A 80 7.76 7.58 17.30
C GLN A 80 7.39 8.42 16.04
N ARG A 81 6.08 8.66 15.83
CA ARG A 81 5.52 9.47 14.73
C ARG A 81 4.84 10.77 15.22
N ALA A 82 5.45 11.41 16.22
CA ALA A 82 5.11 12.78 16.64
C ALA A 82 5.22 13.82 15.49
N ASP A 83 6.04 13.56 14.46
CA ASP A 83 6.03 14.33 13.21
C ASP A 83 4.66 14.31 12.51
N LEU A 84 3.98 13.16 12.47
CA LEU A 84 2.63 13.03 11.93
C LEU A 84 1.60 13.77 12.80
N VAL A 85 1.73 13.68 14.13
CA VAL A 85 0.91 14.47 15.08
C VAL A 85 0.98 15.96 14.78
N GLU A 86 2.20 16.50 14.61
CA GLU A 86 2.43 17.90 14.29
C GLU A 86 1.87 18.27 12.90
N SER A 87 2.10 17.46 11.86
CA SER A 87 1.51 17.68 10.54
C SER A 87 -0.02 17.72 10.56
N LEU A 88 -0.68 16.80 11.27
CA LEU A 88 -2.15 16.73 11.33
C LEU A 88 -2.82 17.94 11.99
N CYS A 89 -2.16 18.64 12.91
CA CYS A 89 -2.70 19.87 13.52
C CYS A 89 -2.23 21.15 12.80
N SER A 90 -1.01 21.17 12.24
CA SER A 90 -0.51 22.31 11.44
C SER A 90 -1.19 22.45 10.08
N GLU A 91 -1.56 21.35 9.42
CA GLU A 91 -2.31 21.37 8.15
C GLU A 91 -3.82 21.63 8.32
N SER A 92 -4.32 21.68 9.56
CA SER A 92 -5.76 21.81 9.87
C SER A 92 -6.35 23.16 9.45
N THR A 93 -5.77 24.26 9.95
CA THR A 93 -6.19 25.68 9.72
C THR A 93 -7.72 25.89 9.84
N ALA A 94 -8.29 26.90 9.16
CA ALA A 94 -9.74 27.10 9.04
C ALA A 94 -10.35 26.23 7.93
N THR A 95 -11.61 25.81 8.12
CA THR A 95 -12.38 24.90 7.23
C THR A 95 -13.89 25.15 7.37
N SER A 96 -14.69 24.43 6.57
CA SER A 96 -16.17 24.50 6.56
C SER A 96 -16.78 23.14 6.97
N PRO A 97 -16.79 22.77 8.27
CA PRO A 97 -17.32 21.50 8.76
C PRO A 97 -18.86 21.40 8.76
N VAL A 98 -19.55 22.54 8.63
CA VAL A 98 -21.02 22.65 8.51
C VAL A 98 -21.61 21.87 7.33
N GLY B 5 12.82 -13.72 -21.08
CA GLY B 5 11.78 -12.70 -21.25
C GLY B 5 11.83 -11.64 -20.14
N LEU B 6 12.82 -10.74 -20.17
CA LEU B 6 12.94 -9.63 -19.21
C LEU B 6 11.66 -8.79 -19.11
N TYR B 7 11.18 -8.55 -17.88
CA TYR B 7 10.02 -7.71 -17.59
C TYR B 7 10.20 -6.27 -18.11
N SER B 8 11.43 -5.73 -18.06
CA SER B 8 11.78 -4.43 -18.62
C SER B 8 11.61 -4.31 -20.14
N SER B 9 11.55 -5.42 -20.87
CA SER B 9 11.31 -5.46 -22.33
C SER B 9 9.81 -5.43 -22.71
N LEU B 10 8.90 -5.58 -21.75
CA LEU B 10 7.45 -5.48 -22.00
C LEU B 10 7.02 -4.04 -22.36
N PRO B 11 5.95 -3.85 -23.15
CA PRO B 11 5.40 -2.52 -23.46
C PRO B 11 4.75 -1.86 -22.23
N PRO B 12 4.59 -0.53 -22.21
CA PRO B 12 4.02 0.18 -21.06
C PRO B 12 2.58 -0.24 -20.74
N ALA B 13 1.78 -0.60 -21.77
CA ALA B 13 0.42 -1.12 -21.60
C ALA B 13 0.35 -2.43 -20.78
N LYS B 14 1.36 -3.31 -20.89
CA LYS B 14 1.47 -4.52 -20.04
C LYS B 14 1.74 -4.16 -18.58
N ARG B 15 2.63 -3.19 -18.32
CA ARG B 15 2.97 -2.76 -16.94
C ARG B 15 1.81 -2.04 -16.25
N GLU B 16 1.05 -1.24 -17.00
CA GLU B 16 -0.21 -0.64 -16.56
C GLU B 16 -1.24 -1.70 -16.10
N GLU B 17 -1.33 -2.85 -16.78
CA GLU B 17 -2.22 -3.94 -16.38
C GLU B 17 -1.82 -4.57 -15.03
N VAL B 18 -0.51 -4.74 -14.78
CA VAL B 18 -0.02 -5.25 -13.48
C VAL B 18 -0.35 -4.28 -12.33
N GLU B 19 -0.26 -2.97 -12.56
CA GLU B 19 -0.78 -1.99 -11.61
C GLU B 19 -2.30 -2.08 -11.46
N LYS B 20 -3.07 -2.25 -12.53
CA LYS B 20 -4.54 -2.37 -12.47
C LYS B 20 -5.00 -3.57 -11.63
N LEU B 21 -4.28 -4.69 -11.71
CA LEU B 21 -4.49 -5.86 -10.83
C LEU B 21 -4.30 -5.46 -9.36
N LEU B 22 -3.10 -5.02 -8.96
CA LEU B 22 -2.80 -4.68 -7.56
C LEU B 22 -3.50 -3.40 -7.05
N ASN B 23 -4.13 -2.60 -7.92
CA ASN B 23 -5.00 -1.49 -7.54
C ASN B 23 -6.30 -1.94 -6.83
N GLY B 24 -6.79 -3.18 -7.07
CA GLY B 24 -8.10 -3.62 -6.55
C GLY B 24 -8.31 -5.13 -6.39
N SER B 25 -7.70 -5.97 -7.22
CA SER B 25 -7.71 -7.44 -7.06
C SER B 25 -6.45 -7.91 -6.32
N ALA B 26 -6.51 -7.83 -4.99
CA ALA B 26 -5.47 -8.22 -4.02
C ALA B 26 -4.14 -7.43 -4.16
N GLY B 27 -4.17 -6.15 -3.76
CA GLY B 27 -3.01 -5.24 -3.73
C GLY B 27 -1.89 -5.58 -2.75
N ASP B 28 -1.97 -6.72 -2.06
CA ASP B 28 -1.03 -7.21 -1.06
C ASP B 28 -0.05 -8.27 -1.60
N THR B 29 -0.32 -8.84 -2.77
CA THR B 29 0.47 -9.94 -3.38
C THR B 29 1.94 -9.60 -3.61
N TRP B 30 2.28 -8.32 -3.81
CA TRP B 30 3.67 -7.87 -3.92
C TRP B 30 4.50 -8.09 -2.65
N ARG B 31 3.88 -8.05 -1.45
CA ARG B 31 4.57 -8.30 -0.17
C ARG B 31 5.03 -9.74 -0.05
N HIS B 32 4.15 -10.65 -0.47
CA HIS B 32 4.45 -12.08 -0.58
C HIS B 32 5.56 -12.33 -1.62
N LEU B 33 5.49 -11.68 -2.79
CA LEU B 33 6.56 -11.72 -3.79
C LEU B 33 7.91 -11.25 -3.23
N ALA B 34 7.96 -10.07 -2.59
CA ALA B 34 9.19 -9.54 -1.99
C ALA B 34 9.83 -10.50 -0.97
N GLY B 35 8.99 -11.20 -0.18
CA GLY B 35 9.43 -12.25 0.74
C GLY B 35 10.09 -13.44 0.04
N GLU B 36 9.46 -14.02 -1.00
CA GLU B 36 10.02 -15.16 -1.76
C GLU B 36 11.17 -14.78 -2.70
N LEU B 37 11.23 -13.53 -3.18
CA LEU B 37 12.40 -12.94 -3.85
C LEU B 37 13.60 -12.75 -2.90
N GLY B 38 13.40 -12.82 -1.59
CA GLY B 38 14.44 -12.66 -0.57
C GLY B 38 14.90 -11.22 -0.35
N TYR B 39 14.10 -10.21 -0.73
CA TYR B 39 14.37 -8.81 -0.39
C TYR B 39 14.37 -8.60 1.13
N GLN B 40 15.30 -7.76 1.63
CA GLN B 40 15.35 -7.37 3.03
C GLN B 40 14.10 -6.56 3.45
N PRO B 41 13.70 -6.59 4.74
CA PRO B 41 12.50 -5.87 5.20
C PRO B 41 12.60 -4.34 5.01
N GLU B 42 13.81 -3.77 5.03
CA GLU B 42 14.02 -2.35 4.72
C GLU B 42 13.64 -1.96 3.28
N HIS B 43 13.76 -2.87 2.29
CA HIS B 43 13.27 -2.63 0.93
C HIS B 43 11.73 -2.61 0.88
N ILE B 44 11.07 -3.52 1.59
CA ILE B 44 9.60 -3.53 1.74
C ILE B 44 9.13 -2.19 2.33
N ASP B 45 9.82 -1.71 3.39
CA ASP B 45 9.57 -0.42 4.04
C ASP B 45 9.77 0.80 3.11
N SER B 46 10.76 0.75 2.21
CA SER B 46 10.97 1.77 1.17
C SER B 46 9.86 1.75 0.10
N PHE B 47 9.43 0.57 -0.35
CA PHE B 47 8.35 0.47 -1.34
C PHE B 47 7.01 1.00 -0.82
N THR B 48 6.65 0.74 0.45
CA THR B 48 5.44 1.30 1.09
C THR B 48 5.46 2.81 1.31
N HIS B 49 6.54 3.55 1.02
CA HIS B 49 6.50 5.02 1.06
C HIS B 49 5.39 5.59 0.14
N GLU B 50 5.20 5.00 -1.04
CA GLU B 50 4.16 5.39 -2.01
C GLU B 50 2.85 4.60 -1.80
N ALA B 51 1.72 5.18 -2.20
CA ALA B 51 0.43 4.48 -2.28
C ALA B 51 0.48 3.25 -3.24
N CYS B 52 1.27 3.31 -4.30
CA CYS B 52 1.39 2.23 -5.29
C CYS B 52 2.77 1.55 -5.19
N PRO B 53 3.05 0.75 -4.13
CA PRO B 53 4.36 0.11 -3.93
C PRO B 53 4.76 -0.79 -5.10
N VAL B 54 3.78 -1.39 -5.78
CA VAL B 54 3.96 -2.16 -7.02
C VAL B 54 4.74 -1.39 -8.09
N ARG B 55 4.50 -0.09 -8.32
CA ARG B 55 5.22 0.69 -9.34
C ARG B 55 6.70 0.86 -8.99
N ALA B 56 7.00 1.10 -7.72
CA ALA B 56 8.36 1.25 -7.20
C ALA B 56 9.11 -0.09 -7.16
N LEU B 57 8.43 -1.18 -6.77
CA LEU B 57 8.99 -2.54 -6.79
C LEU B 57 9.34 -2.96 -8.22
N LEU B 58 8.41 -2.87 -9.17
CA LEU B 58 8.64 -3.22 -10.57
C LEU B 58 9.79 -2.40 -11.19
N ALA B 59 9.82 -1.08 -10.97
CA ALA B 59 10.89 -0.21 -11.44
C ALA B 59 12.28 -0.55 -10.83
N SER B 60 12.34 -0.82 -9.53
CA SER B 60 13.58 -1.20 -8.83
C SER B 60 14.05 -2.61 -9.21
N TRP B 61 13.15 -3.59 -9.30
CA TRP B 61 13.46 -4.95 -9.72
C TRP B 61 13.98 -4.99 -11.17
N ALA B 62 13.41 -4.19 -12.07
CA ALA B 62 13.87 -4.00 -13.45
C ALA B 62 15.29 -3.42 -13.59
N THR B 63 15.93 -2.94 -12.50
CA THR B 63 17.33 -2.46 -12.52
C THR B 63 18.37 -3.58 -12.71
N GLN B 64 17.97 -4.84 -12.58
CA GLN B 64 18.85 -6.03 -12.61
C GLN B 64 18.33 -7.13 -13.54
N ASP B 65 19.24 -7.97 -14.05
CA ASP B 65 18.93 -9.06 -14.99
C ASP B 65 18.03 -10.17 -14.40
N SER B 66 17.91 -10.23 -13.07
CA SER B 66 16.99 -11.13 -12.35
C SER B 66 15.50 -10.92 -12.67
N ALA B 67 15.15 -9.78 -13.29
CA ALA B 67 13.78 -9.37 -13.62
C ALA B 67 13.09 -10.19 -14.75
N THR B 68 13.47 -11.43 -15.01
CA THR B 68 12.83 -12.26 -16.04
C THR B 68 11.40 -12.66 -15.64
N LEU B 69 10.50 -12.77 -16.63
CA LEU B 69 9.19 -13.40 -16.43
C LEU B 69 9.34 -14.82 -15.86
N ASP B 70 10.32 -15.58 -16.30
CA ASP B 70 10.63 -16.92 -15.80
C ASP B 70 10.83 -16.95 -14.27
N ALA B 71 11.56 -15.98 -13.71
CA ALA B 71 11.73 -15.81 -12.26
C ALA B 71 10.46 -15.28 -11.57
N LEU B 72 9.74 -14.34 -12.18
CA LEU B 72 8.48 -13.79 -11.65
C LEU B 72 7.42 -14.89 -11.47
N LEU B 73 7.25 -15.73 -12.51
CA LEU B 73 6.33 -16.87 -12.52
C LEU B 73 6.68 -17.91 -11.44
N ALA B 74 7.97 -18.24 -11.26
CA ALA B 74 8.42 -19.15 -10.22
C ALA B 74 8.07 -18.64 -8.81
N ALA B 75 8.28 -17.34 -8.54
CA ALA B 75 7.93 -16.71 -7.27
C ALA B 75 6.41 -16.63 -7.04
N LEU B 76 5.62 -16.26 -8.06
CA LEU B 76 4.15 -16.28 -8.04
C LEU B 76 3.60 -17.67 -7.67
N ARG B 77 4.22 -18.75 -8.15
CA ARG B 77 3.85 -20.14 -7.80
C ARG B 77 4.09 -20.45 -6.32
N ARG B 78 5.24 -20.06 -5.76
CA ARG B 78 5.58 -20.29 -4.33
C ARG B 78 4.62 -19.60 -3.36
N ILE B 79 4.05 -18.46 -3.76
CA ILE B 79 3.07 -17.71 -2.95
C ILE B 79 1.61 -18.07 -3.26
N GLN B 80 1.36 -19.12 -4.06
CA GLN B 80 0.03 -19.59 -4.48
C GLN B 80 -0.81 -18.51 -5.20
N ARG B 81 -0.18 -17.77 -6.11
CA ARG B 81 -0.80 -16.71 -6.94
C ARG B 81 -0.78 -17.05 -8.44
N ALA B 82 -1.02 -18.32 -8.78
CA ALA B 82 -1.29 -18.77 -10.14
C ALA B 82 -2.50 -18.07 -10.80
N ASP B 83 -3.44 -17.55 -10.01
CA ASP B 83 -4.51 -16.65 -10.49
C ASP B 83 -3.94 -15.37 -11.14
N LEU B 84 -2.90 -14.78 -10.56
CA LEU B 84 -2.20 -13.61 -11.12
C LEU B 84 -1.45 -14.00 -12.41
N VAL B 85 -0.78 -15.16 -12.42
CA VAL B 85 -0.13 -15.71 -13.63
C VAL B 85 -1.09 -15.78 -14.80
N GLU B 86 -2.28 -16.36 -14.61
CA GLU B 86 -3.31 -16.49 -15.65
C GLU B 86 -3.77 -15.12 -16.17
N SER B 87 -4.08 -14.18 -15.27
CA SER B 87 -4.48 -12.81 -15.64
C SER B 87 -3.42 -12.04 -16.44
N LEU B 88 -2.14 -12.20 -16.10
CA LEU B 88 -1.03 -11.57 -16.84
C LEU B 88 -0.86 -12.12 -18.26
N CYS B 89 -1.03 -13.44 -18.45
CA CYS B 89 -1.01 -14.08 -19.76
C CYS B 89 -2.15 -13.61 -20.69
N SER B 90 -3.33 -13.31 -20.13
CA SER B 90 -4.48 -12.78 -20.89
C SER B 90 -4.24 -11.41 -21.55
N GLU B 91 -3.29 -10.60 -21.03
CA GLU B 91 -2.85 -9.36 -21.69
C GLU B 91 -1.62 -9.60 -22.59
N SER B 92 -0.74 -10.56 -22.25
CA SER B 92 0.42 -10.95 -23.07
C SER B 92 0.05 -11.40 -24.49
N THR B 93 -1.14 -11.99 -24.66
CA THR B 93 -1.69 -12.43 -25.97
C THR B 93 -2.43 -11.34 -26.76
N ALA B 94 -2.69 -10.16 -26.16
CA ALA B 94 -3.38 -9.04 -26.82
C ALA B 94 -2.51 -8.31 -27.88
N THR B 95 -3.15 -7.49 -28.73
CA THR B 95 -2.50 -6.71 -29.80
C THR B 95 -1.65 -5.54 -29.29
N SER B 96 -2.10 -4.85 -28.24
CA SER B 96 -1.47 -3.68 -27.58
C SER B 96 -0.66 -2.76 -28.52
N PRO B 97 -1.31 -2.09 -29.50
CA PRO B 97 -0.63 -1.27 -30.50
C PRO B 97 0.12 -0.06 -29.90
N VAL B 98 1.14 0.42 -30.63
CA VAL B 98 2.11 1.47 -30.22
C VAL B 98 2.42 2.47 -31.33
N GLY A 5 -11.03 13.98 21.51
CA GLY A 5 -12.28 13.83 20.76
C GLY A 5 -12.40 12.49 20.03
N LEU A 6 -13.46 12.32 19.22
CA LEU A 6 -13.61 11.20 18.28
C LEU A 6 -13.04 11.58 16.90
N TYR A 7 -12.22 10.70 16.30
CA TYR A 7 -11.70 10.87 14.94
C TYR A 7 -12.84 10.96 13.90
N SER A 8 -13.93 10.21 14.09
CA SER A 8 -15.15 10.27 13.28
C SER A 8 -15.90 11.62 13.33
N SER A 9 -15.59 12.48 14.31
CA SER A 9 -16.18 13.82 14.46
C SER A 9 -15.48 14.88 13.58
N LEU A 10 -14.26 14.61 13.09
CA LEU A 10 -13.50 15.50 12.21
C LEU A 10 -14.18 15.67 10.83
N PRO A 11 -14.00 16.83 10.15
CA PRO A 11 -14.54 17.05 8.80
C PRO A 11 -13.82 16.19 7.74
N PRO A 12 -14.44 15.94 6.57
CA PRO A 12 -13.86 15.10 5.51
C PRO A 12 -12.54 15.66 4.97
N ALA A 13 -12.39 16.99 4.92
CA ALA A 13 -11.13 17.65 4.52
C ALA A 13 -9.93 17.27 5.42
N LYS A 14 -10.14 17.14 6.73
CA LYS A 14 -9.11 16.65 7.67
C LYS A 14 -8.72 15.20 7.41
N ARG A 15 -9.69 14.34 7.06
CA ARG A 15 -9.42 12.91 6.77
C ARG A 15 -8.63 12.72 5.47
N GLU A 16 -8.96 13.50 4.44
CA GLU A 16 -8.17 13.59 3.21
C GLU A 16 -6.71 14.01 3.47
N GLU A 17 -6.44 14.91 4.41
CA GLU A 17 -5.08 15.32 4.79
C GLU A 17 -4.24 14.18 5.40
N VAL A 18 -4.84 13.30 6.22
CA VAL A 18 -4.16 12.09 6.75
C VAL A 18 -3.79 11.13 5.61
N GLU A 19 -4.70 10.92 4.65
CA GLU A 19 -4.43 10.12 3.46
C GLU A 19 -3.31 10.73 2.59
N LYS A 20 -3.30 12.05 2.39
CA LYS A 20 -2.27 12.76 1.60
C LYS A 20 -0.87 12.61 2.24
N LEU A 21 -0.77 12.67 3.56
CA LEU A 21 0.47 12.42 4.30
C LEU A 21 1.05 11.02 4.02
N LEU A 22 0.23 9.96 4.07
CA LEU A 22 0.69 8.60 3.79
C LEU A 22 0.76 8.26 2.28
N ASN A 23 0.28 9.15 1.40
CA ASN A 23 0.49 9.08 -0.05
C ASN A 23 1.84 9.68 -0.48
N GLY A 24 2.30 10.77 0.19
CA GLY A 24 3.52 11.51 -0.17
C GLY A 24 4.74 11.25 0.72
N SER A 25 4.50 10.79 1.96
CA SER A 25 5.50 10.29 2.93
C SER A 25 5.17 8.84 3.31
N ALA A 26 6.07 8.20 4.07
CA ALA A 26 6.09 6.76 4.37
C ALA A 26 4.71 6.10 4.63
N GLY A 27 4.14 5.47 3.59
CA GLY A 27 2.81 4.85 3.58
C GLY A 27 2.70 3.48 4.26
N ASP A 28 3.58 3.20 5.22
CA ASP A 28 3.73 1.90 5.89
C ASP A 28 3.48 1.95 7.40
N THR A 29 3.50 3.15 8.00
CA THR A 29 3.36 3.35 9.45
C THR A 29 2.04 2.79 10.01
N TRP A 30 0.98 2.75 9.20
CA TRP A 30 -0.31 2.13 9.53
C TRP A 30 -0.19 0.64 9.90
N ARG A 31 0.80 -0.10 9.35
CA ARG A 31 1.01 -1.53 9.65
C ARG A 31 1.49 -1.74 11.08
N HIS A 32 2.42 -0.90 11.54
CA HIS A 32 2.86 -0.84 12.92
C HIS A 32 1.70 -0.41 13.84
N LEU A 33 0.89 0.56 13.39
CA LEU A 33 -0.30 1.06 14.10
C LEU A 33 -1.33 -0.05 14.33
N ALA A 34 -1.69 -0.82 13.30
CA ALA A 34 -2.61 -1.95 13.37
C ALA A 34 -2.12 -3.05 14.34
N GLY A 35 -0.81 -3.32 14.34
CA GLY A 35 -0.17 -4.24 15.29
C GLY A 35 -0.32 -3.79 16.75
N GLU A 36 -0.06 -2.51 17.06
CA GLU A 36 -0.23 -1.94 18.40
C GLU A 36 -1.70 -1.83 18.84
N LEU A 37 -2.64 -1.61 17.91
CA LEU A 37 -4.09 -1.68 18.15
C LEU A 37 -4.59 -3.12 18.40
N GLY A 38 -3.79 -4.14 18.11
CA GLY A 38 -4.16 -5.54 18.24
C GLY A 38 -5.17 -6.02 17.19
N TYR A 39 -5.26 -5.36 16.03
CA TYR A 39 -6.05 -5.83 14.89
C TYR A 39 -5.55 -7.22 14.44
N GLN A 40 -6.49 -8.14 14.16
CA GLN A 40 -6.16 -9.47 13.62
C GLN A 40 -5.47 -9.37 12.24
N PRO A 41 -4.61 -10.34 11.87
CA PRO A 41 -3.90 -10.30 10.59
C PRO A 41 -4.84 -10.31 9.38
N GLU A 42 -6.02 -10.93 9.49
CA GLU A 42 -7.04 -10.91 8.43
C GLU A 42 -7.59 -9.50 8.10
N HIS A 43 -7.55 -8.54 9.03
CA HIS A 43 -7.87 -7.14 8.75
C HIS A 43 -6.73 -6.42 8.02
N ILE A 44 -5.47 -6.67 8.40
CA ILE A 44 -4.31 -6.19 7.65
C ILE A 44 -4.38 -6.71 6.20
N ASP A 45 -4.74 -7.99 6.03
CA ASP A 45 -4.92 -8.68 4.75
C ASP A 45 -6.04 -8.11 3.86
N SER A 46 -7.02 -7.40 4.44
CA SER A 46 -8.14 -6.79 3.69
C SER A 46 -7.98 -5.28 3.48
N PHE A 47 -7.26 -4.57 4.36
CA PHE A 47 -6.88 -3.17 4.11
C PHE A 47 -5.96 -3.02 2.88
N THR A 48 -5.01 -3.95 2.69
CA THR A 48 -4.12 -3.99 1.51
C THR A 48 -4.81 -4.30 0.17
N HIS A 49 -6.11 -4.60 0.13
CA HIS A 49 -6.87 -4.72 -1.13
C HIS A 49 -6.91 -3.42 -1.95
N GLU A 50 -6.66 -2.27 -1.34
CA GLU A 50 -6.59 -0.95 -1.99
C GLU A 50 -5.15 -0.39 -1.93
N ALA A 51 -4.79 0.48 -2.87
CA ALA A 51 -3.50 1.20 -2.88
C ALA A 51 -3.36 2.16 -1.66
N CYS A 52 -4.46 2.63 -1.09
CA CYS A 52 -4.45 3.53 0.07
C CYS A 52 -5.04 2.81 1.30
N PRO A 53 -4.36 1.80 1.88
CA PRO A 53 -4.90 1.00 3.00
C PRO A 53 -5.26 1.87 4.21
N VAL A 54 -4.55 3.00 4.39
CA VAL A 54 -4.89 4.07 5.34
C VAL A 54 -6.36 4.54 5.26
N ARG A 55 -6.93 4.72 4.05
CA ARG A 55 -8.33 5.16 3.90
C ARG A 55 -9.32 4.11 4.41
N ALA A 56 -9.04 2.84 4.13
CA ALA A 56 -9.86 1.71 4.57
C ALA A 56 -9.73 1.46 6.09
N LEU A 57 -8.52 1.58 6.64
CA LEU A 57 -8.26 1.48 8.08
C LEU A 57 -9.03 2.58 8.83
N LEU A 58 -8.86 3.86 8.44
CA LEU A 58 -9.54 4.99 9.08
C LEU A 58 -11.07 4.90 8.98
N ALA A 59 -11.61 4.42 7.85
CA ALA A 59 -13.04 4.17 7.69
C ALA A 59 -13.56 3.02 8.58
N SER A 60 -12.90 1.86 8.57
CA SER A 60 -13.31 0.68 9.34
C SER A 60 -13.01 0.77 10.85
N TRP A 61 -12.09 1.64 11.28
CA TRP A 61 -11.89 1.96 12.70
C TRP A 61 -12.98 2.91 13.22
N ALA A 62 -13.40 3.89 12.40
CA ALA A 62 -14.46 4.85 12.71
C ALA A 62 -15.87 4.23 12.91
N THR A 63 -16.08 2.93 12.63
CA THR A 63 -17.34 2.22 12.90
C THR A 63 -17.61 1.96 14.39
N GLN A 64 -16.61 2.20 15.26
CA GLN A 64 -16.66 1.95 16.71
C GLN A 64 -16.16 3.14 17.53
N ASP A 65 -16.68 3.29 18.76
CA ASP A 65 -16.33 4.38 19.68
C ASP A 65 -14.87 4.33 20.18
N SER A 66 -14.14 3.23 19.94
CA SER A 66 -12.70 3.11 20.17
C SER A 66 -11.85 4.10 19.34
N ALA A 67 -12.42 4.67 18.27
CA ALA A 67 -11.80 5.64 17.36
C ALA A 67 -11.50 7.03 17.96
N THR A 68 -11.20 7.16 19.25
CA THR A 68 -10.83 8.45 19.85
C THR A 68 -9.44 8.91 19.40
N LEU A 69 -9.27 10.23 19.29
CA LEU A 69 -7.96 10.84 19.06
C LEU A 69 -6.98 10.54 20.21
N ASP A 70 -7.46 10.44 21.45
CA ASP A 70 -6.66 10.00 22.59
C ASP A 70 -6.06 8.59 22.40
N ALA A 71 -6.87 7.61 21.97
CA ALA A 71 -6.41 6.25 21.68
C ALA A 71 -5.46 6.20 20.47
N LEU A 72 -5.74 6.99 19.42
CA LEU A 72 -4.89 7.14 18.24
C LEU A 72 -3.49 7.64 18.65
N LEU A 73 -3.43 8.78 19.35
CA LEU A 73 -2.19 9.39 19.82
C LEU A 73 -1.40 8.45 20.75
N ALA A 74 -2.08 7.77 21.68
CA ALA A 74 -1.44 6.80 22.57
C ALA A 74 -0.77 5.64 21.81
N ALA A 75 -1.37 5.16 20.71
CA ALA A 75 -0.77 4.14 19.85
C ALA A 75 0.39 4.68 19.00
N LEU A 76 0.27 5.90 18.44
CA LEU A 76 1.34 6.55 17.65
C LEU A 76 2.65 6.73 18.45
N ARG A 77 2.56 7.00 19.75
CA ARG A 77 3.71 7.11 20.67
C ARG A 77 4.58 5.84 20.71
N ARG A 78 3.96 4.65 20.62
CA ARG A 78 4.64 3.34 20.64
C ARG A 78 5.35 2.98 19.32
N ILE A 79 5.13 3.76 18.26
CA ILE A 79 5.70 3.54 16.91
C ILE A 79 6.48 4.79 16.41
N GLN A 80 6.91 5.66 17.33
CA GLN A 80 7.70 6.89 17.08
C GLN A 80 7.06 7.86 16.06
N ARG A 81 5.72 7.84 15.93
CA ARG A 81 4.94 8.69 15.01
C ARG A 81 4.66 10.11 15.53
N ALA A 82 5.27 10.52 16.64
CA ALA A 82 5.17 11.87 17.22
C ALA A 82 5.50 13.01 16.23
N ASP A 83 6.31 12.75 15.20
CA ASP A 83 6.55 13.70 14.09
C ASP A 83 5.25 14.01 13.31
N LEU A 84 4.48 12.99 12.90
CA LEU A 84 3.18 13.21 12.24
C LEU A 84 2.11 13.70 13.20
N VAL A 85 2.18 13.40 14.50
CA VAL A 85 1.31 13.99 15.53
C VAL A 85 1.41 15.52 15.51
N GLU A 86 2.63 16.06 15.55
CA GLU A 86 2.86 17.50 15.50
C GLU A 86 2.41 18.11 14.16
N SER A 87 2.72 17.45 13.03
CA SER A 87 2.27 17.89 11.71
C SER A 87 0.74 17.94 11.58
N LEU A 88 0.03 16.88 11.99
CA LEU A 88 -1.44 16.82 11.94
C LEU A 88 -2.11 17.84 12.86
N CYS A 89 -1.51 18.14 14.02
CA CYS A 89 -1.96 19.19 14.93
C CYS A 89 -1.83 20.59 14.30
N SER A 90 -0.67 20.93 13.73
CA SER A 90 -0.43 22.21 13.04
C SER A 90 -1.25 22.37 11.75
N GLU A 91 -1.49 21.27 11.02
CA GLU A 91 -2.28 21.22 9.78
C GLU A 91 -3.81 21.25 10.01
N SER A 92 -4.26 21.34 11.27
CA SER A 92 -5.68 21.44 11.66
C SER A 92 -6.35 22.80 11.31
N THR A 93 -5.80 23.55 10.35
CA THR A 93 -6.40 24.79 9.81
C THR A 93 -7.77 24.54 9.15
N ALA A 94 -8.70 25.48 9.32
CA ALA A 94 -10.04 25.40 8.74
C ALA A 94 -10.03 25.72 7.24
N THR A 95 -10.51 24.77 6.42
CA THR A 95 -10.68 24.92 4.96
C THR A 95 -11.74 23.93 4.44
N SER A 96 -12.28 24.19 3.23
CA SER A 96 -13.32 23.41 2.53
C SER A 96 -14.39 22.78 3.44
N PRO A 97 -15.33 23.59 3.99
CA PRO A 97 -16.36 23.17 4.96
C PRO A 97 -17.53 22.38 4.30
N VAL A 98 -17.20 21.28 3.61
CA VAL A 98 -18.13 20.37 2.90
C VAL A 98 -18.60 19.18 3.77
N GLY B 5 12.09 -13.06 -22.11
CA GLY B 5 11.15 -11.94 -22.13
C GLY B 5 11.20 -11.18 -20.81
N LEU B 6 12.14 -10.26 -20.67
CA LEU B 6 12.28 -9.38 -19.49
C LEU B 6 11.02 -8.53 -19.28
N TYR B 7 10.64 -8.28 -18.03
CA TYR B 7 9.53 -7.40 -17.68
C TYR B 7 9.72 -5.96 -18.21
N SER B 8 10.95 -5.46 -18.22
CA SER B 8 11.34 -4.17 -18.84
C SER B 8 11.20 -4.13 -20.37
N SER B 9 11.08 -5.29 -21.04
CA SER B 9 10.87 -5.39 -22.50
C SER B 9 9.40 -5.22 -22.90
N LEU B 10 8.45 -5.39 -21.95
CA LEU B 10 7.01 -5.20 -22.20
C LEU B 10 6.65 -3.72 -22.49
N PRO B 11 5.57 -3.45 -23.25
CA PRO B 11 5.09 -2.11 -23.53
C PRO B 11 4.53 -1.42 -22.26
N PRO B 12 4.43 -0.08 -22.23
CA PRO B 12 3.95 0.65 -21.06
C PRO B 12 2.50 0.31 -20.69
N ALA B 13 1.65 0.01 -21.68
CA ALA B 13 0.27 -0.44 -21.47
C ALA B 13 0.18 -1.74 -20.64
N LYS B 14 1.09 -2.71 -20.88
CA LYS B 14 1.16 -3.93 -20.07
C LYS B 14 1.51 -3.64 -18.60
N ARG B 15 2.43 -2.70 -18.35
CA ARG B 15 2.82 -2.33 -16.97
C ARG B 15 1.70 -1.58 -16.24
N GLU B 16 0.98 -0.71 -16.95
CA GLU B 16 -0.26 -0.08 -16.45
C GLU B 16 -1.33 -1.12 -16.06
N GLU B 17 -1.50 -2.19 -16.85
CA GLU B 17 -2.43 -3.28 -16.53
C GLU B 17 -2.08 -4.06 -15.25
N VAL B 18 -0.79 -4.33 -14.99
CA VAL B 18 -0.35 -4.94 -13.71
C VAL B 18 -0.66 -4.03 -12.52
N GLU B 19 -0.44 -2.72 -12.65
CA GLU B 19 -0.87 -1.75 -11.62
C GLU B 19 -2.40 -1.73 -11.43
N LYS B 20 -3.19 -1.70 -12.52
CA LYS B 20 -4.67 -1.64 -12.45
C LYS B 20 -5.25 -2.85 -11.72
N LEU B 21 -4.68 -4.05 -11.88
CA LEU B 21 -5.03 -5.23 -11.09
C LEU B 21 -4.86 -4.97 -9.58
N LEU B 22 -3.65 -4.68 -9.10
CA LEU B 22 -3.38 -4.50 -7.67
C LEU B 22 -4.00 -3.22 -7.08
N ASN B 23 -4.42 -2.26 -7.91
CA ASN B 23 -5.19 -1.08 -7.51
C ASN B 23 -6.61 -1.43 -6.96
N GLY B 24 -7.16 -2.61 -7.28
CA GLY B 24 -8.54 -2.97 -6.89
C GLY B 24 -8.85 -4.47 -6.68
N SER B 25 -7.93 -5.38 -6.98
CA SER B 25 -8.07 -6.84 -6.84
C SER B 25 -6.82 -7.45 -6.20
N ALA B 26 -7.03 -8.25 -5.14
CA ALA B 26 -6.04 -8.76 -4.18
C ALA B 26 -5.19 -7.68 -3.47
N GLY B 27 -4.44 -6.86 -4.21
CA GLY B 27 -3.64 -5.72 -3.74
C GLY B 27 -2.42 -6.05 -2.88
N ASP B 28 -2.38 -7.24 -2.26
CA ASP B 28 -1.30 -7.74 -1.40
C ASP B 28 -0.47 -8.86 -2.06
N THR B 29 -0.82 -9.26 -3.28
CA THR B 29 -0.14 -10.27 -4.11
C THR B 29 1.36 -10.01 -4.28
N TRP B 30 1.77 -8.74 -4.31
CA TRP B 30 3.17 -8.33 -4.36
C TRP B 30 3.97 -8.75 -3.10
N ARG B 31 3.33 -8.80 -1.92
CA ARG B 31 3.97 -9.21 -0.65
C ARG B 31 4.28 -10.71 -0.65
N HIS B 32 3.32 -11.51 -1.11
CA HIS B 32 3.50 -12.94 -1.35
C HIS B 32 4.64 -13.18 -2.36
N LEU B 33 4.67 -12.45 -3.48
CA LEU B 33 5.76 -12.49 -4.45
C LEU B 33 7.12 -12.14 -3.83
N ALA B 34 7.24 -11.02 -3.10
CA ALA B 34 8.48 -10.61 -2.44
C ALA B 34 9.03 -11.68 -1.49
N GLY B 35 8.15 -12.35 -0.74
CA GLY B 35 8.51 -13.50 0.11
C GLY B 35 9.10 -14.69 -0.67
N GLU B 36 8.47 -15.10 -1.76
CA GLU B 36 8.96 -16.20 -2.61
C GLU B 36 10.19 -15.85 -3.47
N LEU B 37 10.34 -14.60 -3.91
CA LEU B 37 11.55 -14.06 -4.53
C LEU B 37 12.74 -13.97 -3.56
N GLY B 38 12.48 -14.05 -2.24
CA GLY B 38 13.51 -13.96 -1.19
C GLY B 38 14.00 -12.53 -0.91
N TYR B 39 13.21 -11.50 -1.23
CA TYR B 39 13.51 -10.10 -0.87
C TYR B 39 13.59 -9.93 0.66
N GLN B 40 14.57 -9.15 1.13
CA GLN B 40 14.75 -8.86 2.56
C GLN B 40 13.56 -8.06 3.13
N PRO B 41 13.24 -8.21 4.43
CA PRO B 41 12.11 -7.50 5.05
C PRO B 41 12.28 -5.97 5.04
N GLU B 42 13.52 -5.47 5.09
CA GLU B 42 13.81 -4.03 4.96
C GLU B 42 13.51 -3.48 3.55
N HIS B 43 13.57 -4.31 2.52
CA HIS B 43 13.19 -3.91 1.15
C HIS B 43 11.65 -3.79 1.01
N ILE B 44 10.91 -4.71 1.64
CA ILE B 44 9.42 -4.66 1.72
C ILE B 44 8.97 -3.34 2.36
N ASP B 45 9.60 -2.95 3.48
CA ASP B 45 9.35 -1.66 4.16
C ASP B 45 9.73 -0.44 3.30
N SER B 46 10.65 -0.61 2.35
CA SER B 46 11.01 0.44 1.37
C SER B 46 9.95 0.59 0.27
N PHE B 47 9.33 -0.50 -0.19
CA PHE B 47 8.26 -0.47 -1.18
C PHE B 47 6.95 0.11 -0.62
N THR B 48 6.54 -0.25 0.60
CA THR B 48 5.37 0.33 1.28
C THR B 48 5.50 1.82 1.62
N HIS B 49 6.67 2.45 1.39
CA HIS B 49 6.81 3.90 1.49
C HIS B 49 5.83 4.66 0.58
N GLU B 50 5.43 4.07 -0.56
CA GLU B 50 4.46 4.62 -1.51
C GLU B 50 3.10 3.88 -1.43
N ALA B 51 2.01 4.54 -1.83
CA ALA B 51 0.67 3.94 -1.95
C ALA B 51 0.61 2.80 -3.00
N CYS B 52 1.46 2.83 -4.03
CA CYS B 52 1.51 1.82 -5.08
C CYS B 52 2.82 1.02 -5.01
N PRO B 53 3.04 0.18 -3.98
CA PRO B 53 4.31 -0.52 -3.77
C PRO B 53 4.70 -1.40 -4.97
N VAL B 54 3.70 -1.91 -5.71
CA VAL B 54 3.86 -2.61 -6.99
C VAL B 54 4.69 -1.81 -8.02
N ARG B 55 4.51 -0.49 -8.17
CA ARG B 55 5.29 0.31 -9.13
C ARG B 55 6.77 0.36 -8.77
N ALA B 56 7.07 0.51 -7.48
CA ALA B 56 8.43 0.55 -6.96
C ALA B 56 9.10 -0.83 -7.00
N LEU B 57 8.37 -1.90 -6.64
CA LEU B 57 8.84 -3.28 -6.73
C LEU B 57 9.19 -3.63 -8.18
N LEU B 58 8.28 -3.43 -9.13
CA LEU B 58 8.51 -3.73 -10.55
C LEU B 58 9.70 -2.93 -11.12
N ALA B 59 9.82 -1.63 -10.80
CA ALA B 59 10.95 -0.81 -11.22
C ALA B 59 12.30 -1.29 -10.66
N SER B 60 12.37 -1.62 -9.36
CA SER B 60 13.59 -2.15 -8.73
C SER B 60 13.92 -3.58 -9.15
N TRP B 61 12.91 -4.45 -9.36
CA TRP B 61 13.12 -5.81 -9.85
C TRP B 61 13.66 -5.81 -11.29
N ALA B 62 13.13 -4.94 -12.16
CA ALA B 62 13.62 -4.71 -13.52
C ALA B 62 15.07 -4.18 -13.62
N THR B 63 15.71 -3.80 -12.51
CA THR B 63 17.13 -3.40 -12.47
C THR B 63 18.11 -4.57 -12.75
N GLN B 64 17.64 -5.82 -12.69
CA GLN B 64 18.45 -7.04 -12.82
C GLN B 64 17.85 -8.04 -13.83
N ASP B 65 18.71 -8.90 -14.41
CA ASP B 65 18.34 -9.90 -15.42
C ASP B 65 17.38 -10.99 -14.90
N SER B 66 17.25 -11.13 -13.58
CA SER B 66 16.29 -12.04 -12.92
C SER B 66 14.82 -11.71 -13.24
N ALA B 67 14.52 -10.49 -13.72
CA ALA B 67 13.18 -10.00 -14.03
C ALA B 67 12.49 -10.63 -15.26
N THR B 68 12.83 -11.87 -15.63
CA THR B 68 12.17 -12.60 -16.74
C THR B 68 10.71 -12.91 -16.39
N LEU B 69 9.82 -12.94 -17.39
CA LEU B 69 8.44 -13.36 -17.18
C LEU B 69 8.37 -14.82 -16.70
N ASP B 70 9.25 -15.70 -17.17
CA ASP B 70 9.37 -17.08 -16.70
C ASP B 70 9.61 -17.19 -15.18
N ALA B 71 10.51 -16.36 -14.63
CA ALA B 71 10.77 -16.28 -13.19
C ALA B 71 9.57 -15.69 -12.41
N LEU B 72 8.89 -14.68 -12.96
CA LEU B 72 7.68 -14.08 -12.38
C LEU B 72 6.56 -15.14 -12.25
N LEU B 73 6.30 -15.87 -13.34
CA LEU B 73 5.32 -16.95 -13.41
C LEU B 73 5.61 -18.08 -12.41
N ALA B 74 6.87 -18.51 -12.28
CA ALA B 74 7.28 -19.50 -11.30
C ALA B 74 6.94 -19.09 -9.87
N ALA B 75 7.19 -17.83 -9.49
CA ALA B 75 6.84 -17.29 -8.18
C ALA B 75 5.31 -17.23 -7.95
N LEU B 76 4.52 -16.78 -8.94
CA LEU B 76 3.05 -16.81 -8.93
C LEU B 76 2.47 -18.22 -8.65
N ARG B 77 3.15 -19.28 -9.09
CA ARG B 77 2.71 -20.67 -8.84
C ARG B 77 2.86 -21.07 -7.36
N ARG B 78 4.01 -20.82 -6.72
CA ARG B 78 4.24 -21.18 -5.30
C ARG B 78 3.26 -20.50 -4.34
N ILE B 79 2.85 -19.26 -4.65
CA ILE B 79 1.90 -18.48 -3.83
C ILE B 79 0.42 -18.79 -4.17
N GLN B 80 0.15 -19.79 -5.01
CA GLN B 80 -1.18 -20.20 -5.48
C GLN B 80 -2.01 -19.04 -6.07
N ARG B 81 -1.39 -18.27 -6.99
CA ARG B 81 -1.99 -17.14 -7.72
C ARG B 81 -1.97 -17.34 -9.23
N ALA B 82 -2.06 -18.61 -9.67
CA ALA B 82 -2.29 -18.97 -11.08
C ALA B 82 -3.56 -18.33 -11.70
N ASP B 83 -4.51 -17.90 -10.88
CA ASP B 83 -5.65 -17.05 -11.30
C ASP B 83 -5.19 -15.71 -11.90
N LEU B 84 -4.21 -15.03 -11.27
CA LEU B 84 -3.61 -13.81 -11.83
C LEU B 84 -2.72 -14.10 -13.05
N VAL B 85 -2.07 -15.27 -13.12
CA VAL B 85 -1.35 -15.70 -14.34
C VAL B 85 -2.28 -15.72 -15.55
N GLU B 86 -3.43 -16.38 -15.43
CA GLU B 86 -4.43 -16.45 -16.51
C GLU B 86 -4.98 -15.05 -16.86
N SER B 87 -5.29 -14.22 -15.86
CA SER B 87 -5.71 -12.83 -16.07
C SER B 87 -4.66 -12.00 -16.81
N LEU B 88 -3.38 -12.04 -16.41
CA LEU B 88 -2.31 -11.26 -17.03
C LEU B 88 -2.02 -11.65 -18.49
N CYS B 89 -2.22 -12.93 -18.85
CA CYS B 89 -2.17 -13.36 -20.25
C CYS B 89 -3.33 -12.78 -21.08
N SER B 90 -4.57 -12.81 -20.55
CA SER B 90 -5.77 -12.32 -21.23
C SER B 90 -5.88 -10.78 -21.29
N GLU B 91 -5.40 -10.07 -20.27
CA GLU B 91 -5.37 -8.60 -20.19
C GLU B 91 -4.43 -7.96 -21.23
N SER B 92 -3.52 -8.73 -21.84
CA SER B 92 -2.60 -8.27 -22.88
C SER B 92 -3.32 -7.83 -24.16
N THR B 93 -4.28 -8.65 -24.64
CA THR B 93 -5.05 -8.48 -25.90
C THR B 93 -4.17 -8.10 -27.12
N ALA B 94 -4.75 -7.55 -28.19
CA ALA B 94 -4.02 -6.89 -29.27
C ALA B 94 -3.52 -5.49 -28.84
N THR B 95 -2.59 -4.91 -29.62
CA THR B 95 -1.97 -3.59 -29.37
C THR B 95 -1.80 -2.79 -30.67
N SER B 96 -1.59 -1.47 -30.54
CA SER B 96 -1.41 -0.52 -31.65
C SER B 96 0.08 -0.12 -31.80
N PRO B 97 0.55 0.26 -33.02
CA PRO B 97 1.96 0.56 -33.26
C PRO B 97 2.44 1.88 -32.61
N VAL B 98 1.55 2.87 -32.51
CA VAL B 98 1.78 4.21 -31.92
C VAL B 98 0.52 4.68 -31.18
#